data_8ORW
# 
_entry.id   8ORW 
# 
_audit_conform.dict_name       mmcif_pdbx.dic 
_audit_conform.dict_version    5.390 
_audit_conform.dict_location   http://mmcif.pdb.org/dictionaries/ascii/mmcif_pdbx.dic 
# 
loop_
_database_2.database_id 
_database_2.database_code 
_database_2.pdbx_database_accession 
_database_2.pdbx_DOI 
PDB   8ORW         pdb_00008orw 10.2210/pdb8orw/pdb 
WWPDB D_1292129864 ?            ?                   
# 
loop_
_pdbx_audit_revision_history.ordinal 
_pdbx_audit_revision_history.data_content_type 
_pdbx_audit_revision_history.major_revision 
_pdbx_audit_revision_history.minor_revision 
_pdbx_audit_revision_history.revision_date 
1 'Structure model' 1 0 2023-12-20 
2 'Structure model' 1 1 2024-02-14 
3 'Structure model' 1 2 2024-04-17 
# 
_pdbx_audit_revision_details.ordinal             1 
_pdbx_audit_revision_details.revision_ordinal    1 
_pdbx_audit_revision_details.data_content_type   'Structure model' 
_pdbx_audit_revision_details.provider            repository 
_pdbx_audit_revision_details.type                'Initial release' 
_pdbx_audit_revision_details.description         ? 
_pdbx_audit_revision_details.details             ? 
# 
loop_
_pdbx_audit_revision_group.ordinal 
_pdbx_audit_revision_group.revision_ordinal 
_pdbx_audit_revision_group.data_content_type 
_pdbx_audit_revision_group.group 
1 2 'Structure model' 'Database references' 
2 3 'Structure model' 'Database references' 
# 
loop_
_pdbx_audit_revision_category.ordinal 
_pdbx_audit_revision_category.revision_ordinal 
_pdbx_audit_revision_category.data_content_type 
_pdbx_audit_revision_category.category 
1 2 'Structure model' citation        
2 2 'Structure model' citation_author 
3 3 'Structure model' citation        
# 
loop_
_pdbx_audit_revision_item.ordinal 
_pdbx_audit_revision_item.revision_ordinal 
_pdbx_audit_revision_item.data_content_type 
_pdbx_audit_revision_item.item 
1  2 'Structure model' '_citation.country'                 
2  2 'Structure model' '_citation.journal_abbrev'          
3  2 'Structure model' '_citation.journal_id_ASTM'         
4  2 'Structure model' '_citation.journal_id_CSD'          
5  2 'Structure model' '_citation.journal_id_ISSN'         
6  2 'Structure model' '_citation.pdbx_database_id_DOI'    
7  2 'Structure model' '_citation.pdbx_database_id_PubMed' 
8  2 'Structure model' '_citation.title'                   
9  2 'Structure model' '_citation.year'                    
10 3 'Structure model' '_citation.journal_volume'          
11 3 'Structure model' '_citation.page_first'              
# 
_pdbx_database_status.status_code                     REL 
_pdbx_database_status.status_code_sf                  REL 
_pdbx_database_status.status_code_mr                  ? 
_pdbx_database_status.entry_id                        8ORW 
_pdbx_database_status.recvd_initial_deposition_date   2023-04-17 
_pdbx_database_status.SG_entry                        N 
_pdbx_database_status.deposit_site                    PDBE 
_pdbx_database_status.process_site                    PDBE 
_pdbx_database_status.status_code_cs                  ? 
_pdbx_database_status.status_code_nmr_data            ? 
_pdbx_database_status.methods_development_category    ? 
_pdbx_database_status.pdb_format_compatible           Y 
# 
_pdbx_contact_author.id                 2 
_pdbx_contact_author.email              boura@uochb.cas.cz 
_pdbx_contact_author.name_first         Evzen 
_pdbx_contact_author.name_last          Boura 
_pdbx_contact_author.name_mi            ? 
_pdbx_contact_author.role               'principal investigator/group leader' 
_pdbx_contact_author.identifier_ORCID   0000-0002-9652-4065 
# 
loop_
_audit_author.name 
_audit_author.pdbx_ordinal 
_audit_author.identifier_ORCID 
'Klima, M.' 1 0000-0002-9083-509X 
'Boura, E.' 2 0000-0002-9652-4065 
# 
_citation.abstract                  ? 
_citation.abstract_id_CAS           ? 
_citation.book_id_ISBN              ? 
_citation.book_publisher            ? 
_citation.book_publisher_city       ? 
_citation.book_title                ? 
_citation.coordinate_linkage        ? 
_citation.country                   UK 
_citation.database_id_Medline       ? 
_citation.details                   ? 
_citation.id                        primary 
_citation.journal_abbrev            Structure 
_citation.journal_id_ASTM           STRUE6 
_citation.journal_id_CSD            2005 
_citation.journal_id_ISSN           0969-2126 
_citation.journal_full              ? 
_citation.journal_issue             ? 
_citation.journal_volume            32 
_citation.language                  ? 
_citation.page_first                433 
_citation.page_last                 ? 
_citation.title                     
'Fluorinated cGAMP analogs, which act as STING agonists and are not cleavable by poxins: Structural basis of their function.' 
_citation.year                      2024 
_citation.database_id_CSD           ? 
_citation.pdbx_database_id_DOI      10.1016/j.str.2024.01.008 
_citation.pdbx_database_id_PubMed   38325369 
_citation.pdbx_database_id_patent   ? 
_citation.unpublished_flag          ? 
# 
loop_
_citation_author.citation_id 
_citation_author.name 
_citation_author.ordinal 
_citation_author.identifier_ORCID 
primary 'Klima, M.'         1  ? 
primary 'Dejmek, M.'        2  ? 
primary 'Duchoslav, V.'     3  ? 
primary 'Eisenreichova, A.' 4  ? 
primary 'Sala, M.'          5  ? 
primary 'Chalupsky, K.'     6  ? 
primary 'Chalupska, D.'     7  ? 
primary 'Novotna, B.'       8  ? 
primary 'Birkus, G.'        9  ? 
primary 'Nencka, R.'        10 ? 
primary 'Boura, E.'         11 ? 
# 
loop_
_entity.id 
_entity.type 
_entity.src_method 
_entity.pdbx_description 
_entity.formula_weight 
_entity.pdbx_number_of_molecules 
_entity.pdbx_ec 
_entity.pdbx_mutation 
_entity.pdbx_fragment 
_entity.details 
1 polymer     man 'Stimulator of interferon protein' 23189.064 1 ? ? ? ? 
2 non-polymer syn 
;9-[(1~{S},6~{R},8~{R},9~{R},10~{R},15~{R},17~{R},18~{R})-8-(6-aminopurin-9-yl)-9,18-bis(fluoranyl)-3,12-bis(oxidanyl)-3,12-bis(oxidanylidene)-2,4,7,11,13-pentaoxa-3$l^{5},12$l^{5}-diphosphatricyclo[13.2.1.0^{6,10}]octadecan-17-yl]-1~{H}-purin-6-one
;
661.406   1 ? ? ? ? 
# 
_entity_poly.entity_id                      1 
_entity_poly.type                           'polypeptide(L)' 
_entity_poly.nstd_linkage                   no 
_entity_poly.nstd_monomer                   no 
_entity_poly.pdbx_seq_one_letter_code       
;APAEISAVCEKGNFNVAHGLAWSYYIGYLRLILPELQARIRTYNQHYNNLLRGAVSQRLYILLPLDCGVPDNLSMADPNI
RFLDKLPQQTGDRAGIKDRVYSNSIYELLENGQRAGTCVLEYATPLQTLFAMSQYSQAGFSREDRLEQAKLFCRTLEDIL
ADAPESQNNCRLIAYQEPADDSSFSLSQEVLRHLRQEEKEEVTV
;
_entity_poly.pdbx_seq_one_letter_code_can   
;APAEISAVCEKGNFNVAHGLAWSYYIGYLRLILPELQARIRTYNQHYNNLLRGAVSQRLYILLPLDCGVPDNLSMADPNI
RFLDKLPQQTGDRAGIKDRVYSNSIYELLENGQRAGTCVLEYATPLQTLFAMSQYSQAGFSREDRLEQAKLFCRTLEDIL
ADAPESQNNCRLIAYQEPADDSSFSLSQEVLRHLRQEEKEEVTV
;
_entity_poly.pdbx_strand_id                 A 
_entity_poly.pdbx_target_identifier         ? 
# 
_pdbx_entity_nonpoly.entity_id   2 
_pdbx_entity_nonpoly.name        
;9-[(1~{S},6~{R},8~{R},9~{R},10~{R},15~{R},17~{R},18~{R})-8-(6-aminopurin-9-yl)-9,18-bis(fluoranyl)-3,12-bis(oxidanyl)-3,12-bis(oxidanylidene)-2,4,7,11,13-pentaoxa-3$l^{5},12$l^{5}-diphosphatricyclo[13.2.1.0^{6,10}]octadecan-17-yl]-1~{H}-purin-6-one
;
_pdbx_entity_nonpoly.comp_id     VZ6 
# 
loop_
_entity_poly_seq.entity_id 
_entity_poly_seq.num 
_entity_poly_seq.mon_id 
_entity_poly_seq.hetero 
1 1   ALA n 
1 2   PRO n 
1 3   ALA n 
1 4   GLU n 
1 5   ILE n 
1 6   SER n 
1 7   ALA n 
1 8   VAL n 
1 9   CYS n 
1 10  GLU n 
1 11  LYS n 
1 12  GLY n 
1 13  ASN n 
1 14  PHE n 
1 15  ASN n 
1 16  VAL n 
1 17  ALA n 
1 18  HIS n 
1 19  GLY n 
1 20  LEU n 
1 21  ALA n 
1 22  TRP n 
1 23  SER n 
1 24  TYR n 
1 25  TYR n 
1 26  ILE n 
1 27  GLY n 
1 28  TYR n 
1 29  LEU n 
1 30  ARG n 
1 31  LEU n 
1 32  ILE n 
1 33  LEU n 
1 34  PRO n 
1 35  GLU n 
1 36  LEU n 
1 37  GLN n 
1 38  ALA n 
1 39  ARG n 
1 40  ILE n 
1 41  ARG n 
1 42  THR n 
1 43  TYR n 
1 44  ASN n 
1 45  GLN n 
1 46  HIS n 
1 47  TYR n 
1 48  ASN n 
1 49  ASN n 
1 50  LEU n 
1 51  LEU n 
1 52  ARG n 
1 53  GLY n 
1 54  ALA n 
1 55  VAL n 
1 56  SER n 
1 57  GLN n 
1 58  ARG n 
1 59  LEU n 
1 60  TYR n 
1 61  ILE n 
1 62  LEU n 
1 63  LEU n 
1 64  PRO n 
1 65  LEU n 
1 66  ASP n 
1 67  CYS n 
1 68  GLY n 
1 69  VAL n 
1 70  PRO n 
1 71  ASP n 
1 72  ASN n 
1 73  LEU n 
1 74  SER n 
1 75  MET n 
1 76  ALA n 
1 77  ASP n 
1 78  PRO n 
1 79  ASN n 
1 80  ILE n 
1 81  ARG n 
1 82  PHE n 
1 83  LEU n 
1 84  ASP n 
1 85  LYS n 
1 86  LEU n 
1 87  PRO n 
1 88  GLN n 
1 89  GLN n 
1 90  THR n 
1 91  GLY n 
1 92  ASP n 
1 93  ARG n 
1 94  ALA n 
1 95  GLY n 
1 96  ILE n 
1 97  LYS n 
1 98  ASP n 
1 99  ARG n 
1 100 VAL n 
1 101 TYR n 
1 102 SER n 
1 103 ASN n 
1 104 SER n 
1 105 ILE n 
1 106 TYR n 
1 107 GLU n 
1 108 LEU n 
1 109 LEU n 
1 110 GLU n 
1 111 ASN n 
1 112 GLY n 
1 113 GLN n 
1 114 ARG n 
1 115 ALA n 
1 116 GLY n 
1 117 THR n 
1 118 CYS n 
1 119 VAL n 
1 120 LEU n 
1 121 GLU n 
1 122 TYR n 
1 123 ALA n 
1 124 THR n 
1 125 PRO n 
1 126 LEU n 
1 127 GLN n 
1 128 THR n 
1 129 LEU n 
1 130 PHE n 
1 131 ALA n 
1 132 MET n 
1 133 SER n 
1 134 GLN n 
1 135 TYR n 
1 136 SER n 
1 137 GLN n 
1 138 ALA n 
1 139 GLY n 
1 140 PHE n 
1 141 SER n 
1 142 ARG n 
1 143 GLU n 
1 144 ASP n 
1 145 ARG n 
1 146 LEU n 
1 147 GLU n 
1 148 GLN n 
1 149 ALA n 
1 150 LYS n 
1 151 LEU n 
1 152 PHE n 
1 153 CYS n 
1 154 ARG n 
1 155 THR n 
1 156 LEU n 
1 157 GLU n 
1 158 ASP n 
1 159 ILE n 
1 160 LEU n 
1 161 ALA n 
1 162 ASP n 
1 163 ALA n 
1 164 PRO n 
1 165 GLU n 
1 166 SER n 
1 167 GLN n 
1 168 ASN n 
1 169 ASN n 
1 170 CYS n 
1 171 ARG n 
1 172 LEU n 
1 173 ILE n 
1 174 ALA n 
1 175 TYR n 
1 176 GLN n 
1 177 GLU n 
1 178 PRO n 
1 179 ALA n 
1 180 ASP n 
1 181 ASP n 
1 182 SER n 
1 183 SER n 
1 184 PHE n 
1 185 SER n 
1 186 LEU n 
1 187 SER n 
1 188 GLN n 
1 189 GLU n 
1 190 VAL n 
1 191 LEU n 
1 192 ARG n 
1 193 HIS n 
1 194 LEU n 
1 195 ARG n 
1 196 GLN n 
1 197 GLU n 
1 198 GLU n 
1 199 LYS n 
1 200 GLU n 
1 201 GLU n 
1 202 VAL n 
1 203 THR n 
1 204 VAL n 
# 
_entity_src_gen.entity_id                          1 
_entity_src_gen.pdbx_src_id                        1 
_entity_src_gen.pdbx_alt_source_flag               sample 
_entity_src_gen.pdbx_seq_type                      'Biological sequence' 
_entity_src_gen.pdbx_beg_seq_num                   1 
_entity_src_gen.pdbx_end_seq_num                   204 
_entity_src_gen.gene_src_common_name               human 
_entity_src_gen.gene_src_genus                     ? 
_entity_src_gen.pdbx_gene_src_gene                 'STING, LOC340061, hCG_1782396' 
_entity_src_gen.gene_src_species                   ? 
_entity_src_gen.gene_src_strain                    ? 
_entity_src_gen.gene_src_tissue                    ? 
_entity_src_gen.gene_src_tissue_fraction           ? 
_entity_src_gen.gene_src_details                   ? 
_entity_src_gen.pdbx_gene_src_fragment             ? 
_entity_src_gen.pdbx_gene_src_scientific_name      'Homo sapiens' 
_entity_src_gen.pdbx_gene_src_ncbi_taxonomy_id     9606 
_entity_src_gen.pdbx_gene_src_variant              ? 
_entity_src_gen.pdbx_gene_src_cell_line            ? 
_entity_src_gen.pdbx_gene_src_atcc                 ? 
_entity_src_gen.pdbx_gene_src_organ                ? 
_entity_src_gen.pdbx_gene_src_organelle            ? 
_entity_src_gen.pdbx_gene_src_cell                 ? 
_entity_src_gen.pdbx_gene_src_cellular_location    ? 
_entity_src_gen.host_org_common_name               ? 
_entity_src_gen.pdbx_host_org_scientific_name      'Escherichia coli BL21(DE3)' 
_entity_src_gen.pdbx_host_org_ncbi_taxonomy_id     469008 
_entity_src_gen.host_org_genus                     ? 
_entity_src_gen.pdbx_host_org_gene                 ? 
_entity_src_gen.pdbx_host_org_organ                ? 
_entity_src_gen.host_org_species                   ? 
_entity_src_gen.pdbx_host_org_tissue               ? 
_entity_src_gen.pdbx_host_org_tissue_fraction      ? 
_entity_src_gen.pdbx_host_org_strain               ? 
_entity_src_gen.pdbx_host_org_variant              ? 
_entity_src_gen.pdbx_host_org_cell_line            ? 
_entity_src_gen.pdbx_host_org_atcc                 ? 
_entity_src_gen.pdbx_host_org_culture_collection   ? 
_entity_src_gen.pdbx_host_org_cell                 ? 
_entity_src_gen.pdbx_host_org_organelle            ? 
_entity_src_gen.pdbx_host_org_cellular_location    ? 
_entity_src_gen.pdbx_host_org_vector_type          ? 
_entity_src_gen.pdbx_host_org_vector               ? 
_entity_src_gen.host_org_details                   ? 
_entity_src_gen.expression_system_id               ? 
_entity_src_gen.plasmid_name                       ? 
_entity_src_gen.plasmid_details                    ? 
_entity_src_gen.pdbx_description                   ? 
# 
loop_
_chem_comp.id 
_chem_comp.type 
_chem_comp.mon_nstd_flag 
_chem_comp.name 
_chem_comp.pdbx_synonyms 
_chem_comp.formula 
_chem_comp.formula_weight 
ALA 'L-peptide linking' y ALANINE ? 'C3 H7 N O2'           89.093  
ARG 'L-peptide linking' y ARGININE ? 'C6 H15 N4 O2 1'       175.209 
ASN 'L-peptide linking' y ASPARAGINE ? 'C4 H8 N2 O3'          132.118 
ASP 'L-peptide linking' y 'ASPARTIC ACID' ? 'C4 H7 N O4'           133.103 
CYS 'L-peptide linking' y CYSTEINE ? 'C3 H7 N O2 S'         121.158 
GLN 'L-peptide linking' y GLUTAMINE ? 'C5 H10 N2 O3'         146.144 
GLU 'L-peptide linking' y 'GLUTAMIC ACID' ? 'C5 H9 N O4'           147.129 
GLY 'peptide linking'   y GLYCINE ? 'C2 H5 N O2'           75.067  
HIS 'L-peptide linking' y HISTIDINE ? 'C6 H10 N3 O2 1'       156.162 
ILE 'L-peptide linking' y ISOLEUCINE ? 'C6 H13 N O2'          131.173 
LEU 'L-peptide linking' y LEUCINE ? 'C6 H13 N O2'          131.173 
LYS 'L-peptide linking' y LYSINE ? 'C6 H15 N2 O2 1'       147.195 
MET 'L-peptide linking' y METHIONINE ? 'C5 H11 N O2 S'        149.211 
PHE 'L-peptide linking' y PHENYLALANINE ? 'C9 H11 N O2'          165.189 
PRO 'L-peptide linking' y PROLINE ? 'C5 H9 N O2'           115.130 
SER 'L-peptide linking' y SERINE ? 'C3 H7 N O3'           105.093 
THR 'L-peptide linking' y THREONINE ? 'C4 H9 N O3'           119.119 
TRP 'L-peptide linking' y TRYPTOPHAN ? 'C11 H12 N2 O2'        204.225 
TYR 'L-peptide linking' y TYROSINE ? 'C9 H11 N O3'          181.189 
VAL 'L-peptide linking' y VALINE ? 'C5 H11 N O2'          117.146 
VZ6 non-polymer         . 
;9-[(1~{S},6~{R},8~{R},9~{R},10~{R},15~{R},17~{R},18~{R})-8-(6-aminopurin-9-yl)-9,18-bis(fluoranyl)-3,12-bis(oxidanyl)-3,12-bis(oxidanylidene)-2,4,7,11,13-pentaoxa-3$l^{5},12$l^{5}-diphosphatricyclo[13.2.1.0^{6,10}]octadecan-17-yl]-1~{H}-purin-6-one
;
? 'C21 H23 F2 N9 O10 P2' 661.406 
# 
loop_
_pdbx_poly_seq_scheme.asym_id 
_pdbx_poly_seq_scheme.entity_id 
_pdbx_poly_seq_scheme.seq_id 
_pdbx_poly_seq_scheme.mon_id 
_pdbx_poly_seq_scheme.ndb_seq_num 
_pdbx_poly_seq_scheme.pdb_seq_num 
_pdbx_poly_seq_scheme.auth_seq_num 
_pdbx_poly_seq_scheme.pdb_mon_id 
_pdbx_poly_seq_scheme.auth_mon_id 
_pdbx_poly_seq_scheme.pdb_strand_id 
_pdbx_poly_seq_scheme.pdb_ins_code 
_pdbx_poly_seq_scheme.hetero 
A 1 1   ALA 1   140 ?   ?   ?   A . n 
A 1 2   PRO 2   141 ?   ?   ?   A . n 
A 1 3   ALA 3   142 ?   ?   ?   A . n 
A 1 4   GLU 4   143 ?   ?   ?   A . n 
A 1 5   ILE 5   144 ?   ?   ?   A . n 
A 1 6   SER 6   145 ?   ?   ?   A . n 
A 1 7   ALA 7   146 ?   ?   ?   A . n 
A 1 8   VAL 8   147 ?   ?   ?   A . n 
A 1 9   CYS 9   148 ?   ?   ?   A . n 
A 1 10  GLU 10  149 ?   ?   ?   A . n 
A 1 11  LYS 11  150 ?   ?   ?   A . n 
A 1 12  GLY 12  151 ?   ?   ?   A . n 
A 1 13  ASN 13  152 ?   ?   ?   A . n 
A 1 14  PHE 14  153 ?   ?   ?   A . n 
A 1 15  ASN 15  154 154 ASN ASN A . n 
A 1 16  VAL 16  155 155 VAL VAL A . n 
A 1 17  ALA 17  156 156 ALA ALA A . n 
A 1 18  HIS 18  157 157 HIS HIS A . n 
A 1 19  GLY 19  158 158 GLY GLY A . n 
A 1 20  LEU 20  159 159 LEU LEU A . n 
A 1 21  ALA 21  160 160 ALA ALA A . n 
A 1 22  TRP 22  161 161 TRP TRP A . n 
A 1 23  SER 23  162 162 SER SER A . n 
A 1 24  TYR 24  163 163 TYR TYR A . n 
A 1 25  TYR 25  164 164 TYR TYR A . n 
A 1 26  ILE 26  165 165 ILE ILE A . n 
A 1 27  GLY 27  166 166 GLY GLY A . n 
A 1 28  TYR 28  167 167 TYR TYR A . n 
A 1 29  LEU 29  168 168 LEU LEU A . n 
A 1 30  ARG 30  169 169 ARG ARG A . n 
A 1 31  LEU 31  170 170 LEU LEU A . n 
A 1 32  ILE 32  171 171 ILE ILE A . n 
A 1 33  LEU 33  172 172 LEU LEU A . n 
A 1 34  PRO 34  173 173 PRO PRO A . n 
A 1 35  GLU 35  174 174 GLU GLU A . n 
A 1 36  LEU 36  175 175 LEU LEU A . n 
A 1 37  GLN 37  176 176 GLN GLN A . n 
A 1 38  ALA 38  177 177 ALA ALA A . n 
A 1 39  ARG 39  178 178 ARG ARG A . n 
A 1 40  ILE 40  179 179 ILE ILE A . n 
A 1 41  ARG 41  180 180 ARG ARG A . n 
A 1 42  THR 42  181 181 THR THR A . n 
A 1 43  TYR 43  182 182 TYR TYR A . n 
A 1 44  ASN 44  183 183 ASN ASN A . n 
A 1 45  GLN 45  184 184 GLN GLN A . n 
A 1 46  HIS 46  185 185 HIS HIS A . n 
A 1 47  TYR 47  186 186 TYR TYR A . n 
A 1 48  ASN 48  187 187 ASN ASN A . n 
A 1 49  ASN 49  188 188 ASN ASN A . n 
A 1 50  LEU 50  189 189 LEU LEU A . n 
A 1 51  LEU 51  190 190 LEU LEU A . n 
A 1 52  ARG 52  191 191 ARG ARG A . n 
A 1 53  GLY 53  192 192 GLY GLY A . n 
A 1 54  ALA 54  193 193 ALA ALA A . n 
A 1 55  VAL 55  194 194 VAL VAL A . n 
A 1 56  SER 56  195 195 SER SER A . n 
A 1 57  GLN 57  196 196 GLN GLN A . n 
A 1 58  ARG 58  197 197 ARG ARG A . n 
A 1 59  LEU 59  198 198 LEU LEU A . n 
A 1 60  TYR 60  199 199 TYR TYR A . n 
A 1 61  ILE 61  200 200 ILE ILE A . n 
A 1 62  LEU 62  201 201 LEU LEU A . n 
A 1 63  LEU 63  202 202 LEU LEU A . n 
A 1 64  PRO 64  203 203 PRO PRO A . n 
A 1 65  LEU 65  204 204 LEU LEU A . n 
A 1 66  ASP 66  205 205 ASP ASP A . n 
A 1 67  CYS 67  206 206 CYS CYS A . n 
A 1 68  GLY 68  207 207 GLY GLY A . n 
A 1 69  VAL 69  208 208 VAL VAL A . n 
A 1 70  PRO 70  209 209 PRO PRO A . n 
A 1 71  ASP 71  210 210 ASP ASP A . n 
A 1 72  ASN 72  211 211 ASN ASN A . n 
A 1 73  LEU 73  212 212 LEU LEU A . n 
A 1 74  SER 74  213 213 SER SER A . n 
A 1 75  MET 75  214 214 MET MET A . n 
A 1 76  ALA 76  215 215 ALA ALA A . n 
A 1 77  ASP 77  216 216 ASP ASP A . n 
A 1 78  PRO 78  217 217 PRO PRO A . n 
A 1 79  ASN 79  218 218 ASN ASN A . n 
A 1 80  ILE 80  219 219 ILE ILE A . n 
A 1 81  ARG 81  220 220 ARG ARG A . n 
A 1 82  PHE 82  221 221 PHE PHE A . n 
A 1 83  LEU 83  222 222 LEU LEU A . n 
A 1 84  ASP 84  223 223 ASP ASP A . n 
A 1 85  LYS 85  224 224 LYS LYS A . n 
A 1 86  LEU 86  225 225 LEU LEU A . n 
A 1 87  PRO 87  226 226 PRO PRO A . n 
A 1 88  GLN 88  227 227 GLN GLN A . n 
A 1 89  GLN 89  228 228 GLN GLN A . n 
A 1 90  THR 90  229 229 THR THR A . n 
A 1 91  GLY 91  230 230 GLY GLY A . n 
A 1 92  ASP 92  231 231 ASP ASP A . n 
A 1 93  ARG 93  232 232 ARG ARG A . n 
A 1 94  ALA 94  233 233 ALA ALA A . n 
A 1 95  GLY 95  234 234 GLY GLY A . n 
A 1 96  ILE 96  235 235 ILE ILE A . n 
A 1 97  LYS 97  236 236 LYS LYS A . n 
A 1 98  ASP 98  237 237 ASP ASP A . n 
A 1 99  ARG 99  238 238 ARG ARG A . n 
A 1 100 VAL 100 239 239 VAL VAL A . n 
A 1 101 TYR 101 240 240 TYR TYR A . n 
A 1 102 SER 102 241 241 SER SER A . n 
A 1 103 ASN 103 242 242 ASN ASN A . n 
A 1 104 SER 104 243 243 SER SER A . n 
A 1 105 ILE 105 244 244 ILE ILE A . n 
A 1 106 TYR 106 245 245 TYR TYR A . n 
A 1 107 GLU 107 246 246 GLU GLU A . n 
A 1 108 LEU 108 247 247 LEU LEU A . n 
A 1 109 LEU 109 248 248 LEU LEU A . n 
A 1 110 GLU 110 249 249 GLU GLU A . n 
A 1 111 ASN 111 250 250 ASN ASN A . n 
A 1 112 GLY 112 251 251 GLY GLY A . n 
A 1 113 GLN 113 252 252 GLN GLN A . n 
A 1 114 ARG 114 253 253 ARG ARG A . n 
A 1 115 ALA 115 254 254 ALA ALA A . n 
A 1 116 GLY 116 255 255 GLY GLY A . n 
A 1 117 THR 117 256 256 THR THR A . n 
A 1 118 CYS 118 257 257 CYS CYS A . n 
A 1 119 VAL 119 258 258 VAL VAL A . n 
A 1 120 LEU 120 259 259 LEU LEU A . n 
A 1 121 GLU 121 260 260 GLU GLU A . n 
A 1 122 TYR 122 261 261 TYR TYR A . n 
A 1 123 ALA 123 262 262 ALA ALA A . n 
A 1 124 THR 124 263 263 THR THR A . n 
A 1 125 PRO 125 264 264 PRO PRO A . n 
A 1 126 LEU 126 265 265 LEU LEU A . n 
A 1 127 GLN 127 266 266 GLN GLN A . n 
A 1 128 THR 128 267 267 THR THR A . n 
A 1 129 LEU 129 268 268 LEU LEU A . n 
A 1 130 PHE 130 269 269 PHE PHE A . n 
A 1 131 ALA 131 270 270 ALA ALA A . n 
A 1 132 MET 132 271 271 MET MET A . n 
A 1 133 SER 133 272 272 SER SER A . n 
A 1 134 GLN 134 273 273 GLN GLN A . n 
A 1 135 TYR 135 274 274 TYR TYR A . n 
A 1 136 SER 136 275 275 SER SER A . n 
A 1 137 GLN 137 276 276 GLN GLN A . n 
A 1 138 ALA 138 277 277 ALA ALA A . n 
A 1 139 GLY 139 278 278 GLY GLY A . n 
A 1 140 PHE 140 279 279 PHE PHE A . n 
A 1 141 SER 141 280 280 SER SER A . n 
A 1 142 ARG 142 281 281 ARG ARG A . n 
A 1 143 GLU 143 282 282 GLU GLU A . n 
A 1 144 ASP 144 283 283 ASP ASP A . n 
A 1 145 ARG 145 284 284 ARG ARG A . n 
A 1 146 LEU 146 285 285 LEU LEU A . n 
A 1 147 GLU 147 286 286 GLU GLU A . n 
A 1 148 GLN 148 287 287 GLN GLN A . n 
A 1 149 ALA 149 288 288 ALA ALA A . n 
A 1 150 LYS 150 289 289 LYS LYS A . n 
A 1 151 LEU 151 290 290 LEU LEU A . n 
A 1 152 PHE 152 291 291 PHE PHE A . n 
A 1 153 CYS 153 292 292 CYS CYS A . n 
A 1 154 ARG 154 293 293 ARG ARG A . n 
A 1 155 THR 155 294 294 THR THR A . n 
A 1 156 LEU 156 295 295 LEU LEU A . n 
A 1 157 GLU 157 296 296 GLU GLU A . n 
A 1 158 ASP 158 297 297 ASP ASP A . n 
A 1 159 ILE 159 298 298 ILE ILE A . n 
A 1 160 LEU 160 299 299 LEU LEU A . n 
A 1 161 ALA 161 300 300 ALA ALA A . n 
A 1 162 ASP 162 301 301 ASP ASP A . n 
A 1 163 ALA 163 302 302 ALA ALA A . n 
A 1 164 PRO 164 303 ?   ?   ?   A . n 
A 1 165 GLU 165 304 ?   ?   ?   A . n 
A 1 166 SER 166 305 305 SER SER A . n 
A 1 167 GLN 167 306 306 GLN GLN A . n 
A 1 168 ASN 168 307 307 ASN ASN A . n 
A 1 169 ASN 169 308 308 ASN ASN A . n 
A 1 170 CYS 170 309 309 CYS CYS A . n 
A 1 171 ARG 171 310 310 ARG ARG A . n 
A 1 172 LEU 172 311 311 LEU LEU A . n 
A 1 173 ILE 173 312 312 ILE ILE A . n 
A 1 174 ALA 174 313 313 ALA ALA A . n 
A 1 175 TYR 175 314 314 TYR TYR A . n 
A 1 176 GLN 176 315 315 GLN GLN A . n 
A 1 177 GLU 177 316 316 GLU GLU A . n 
A 1 178 PRO 178 317 317 PRO PRO A . n 
A 1 179 ALA 179 318 ?   ?   ?   A . n 
A 1 180 ASP 180 319 ?   ?   ?   A . n 
A 1 181 ASP 181 320 ?   ?   ?   A . n 
A 1 182 SER 182 321 ?   ?   ?   A . n 
A 1 183 SER 183 322 ?   ?   ?   A . n 
A 1 184 PHE 184 323 ?   ?   ?   A . n 
A 1 185 SER 185 324 324 SER SER A . n 
A 1 186 LEU 186 325 325 LEU LEU A . n 
A 1 187 SER 187 326 326 SER SER A . n 
A 1 188 GLN 188 327 327 GLN GLN A . n 
A 1 189 GLU 189 328 328 GLU GLU A . n 
A 1 190 VAL 190 329 329 VAL VAL A . n 
A 1 191 LEU 191 330 330 LEU LEU A . n 
A 1 192 ARG 192 331 331 ARG ARG A . n 
A 1 193 HIS 193 332 332 HIS HIS A . n 
A 1 194 LEU 194 333 333 LEU LEU A . n 
A 1 195 ARG 195 334 334 ARG ARG A . n 
A 1 196 GLN 196 335 335 GLN GLN A . n 
A 1 197 GLU 197 336 336 GLU GLU A . n 
A 1 198 GLU 198 337 ?   ?   ?   A . n 
A 1 199 LYS 199 338 ?   ?   ?   A . n 
A 1 200 GLU 200 339 ?   ?   ?   A . n 
A 1 201 GLU 201 340 ?   ?   ?   A . n 
A 1 202 VAL 202 341 ?   ?   ?   A . n 
A 1 203 THR 203 342 ?   ?   ?   A . n 
A 1 204 VAL 204 343 ?   ?   ?   A . n 
# 
_pdbx_nonpoly_scheme.asym_id         B 
_pdbx_nonpoly_scheme.entity_id       2 
_pdbx_nonpoly_scheme.mon_id          VZ6 
_pdbx_nonpoly_scheme.ndb_seq_num     1 
_pdbx_nonpoly_scheme.pdb_seq_num     401 
_pdbx_nonpoly_scheme.auth_seq_num    401 
_pdbx_nonpoly_scheme.pdb_mon_id      VZ6 
_pdbx_nonpoly_scheme.auth_mon_id     203 
_pdbx_nonpoly_scheme.pdb_strand_id   A 
_pdbx_nonpoly_scheme.pdb_ins_code    . 
# 
loop_
_software.citation_id 
_software.classification 
_software.compiler_name 
_software.compiler_version 
_software.contact_author 
_software.contact_author_email 
_software.date 
_software.description 
_software.dependencies 
_software.hardware 
_software.language 
_software.location 
_software.mods 
_software.name 
_software.os 
_software.os_version 
_software.type 
_software.version 
_software.pdbx_ordinal 
? 'data reduction' ? ? ? ? ? ? ? ? ? ? ? XDS    ? ? ? 'xdsapp 3.1.9' 1 
? 'data scaling'   ? ? ? ? ? ? ? ? ? ? ? XDS    ? ? ? 'xdsapp 3.1.9' 2 
? phasing          ? ? ? ? ? ? ? ? ? ? ? PHASER ? ? ? 2.8.3          3 
? 'model building' ? ? ? ? ? ? ? ? ? ? ? Coot   ? ? ? 0.9.8.7        4 
? refinement       ? ? ? ? ? ? ? ? ? ? ? PHENIX ? ? ? 1.20.1_4487    5 
# 
_cell.angle_alpha                  90.000 
_cell.angle_alpha_esd              ? 
_cell.angle_beta                   97.440 
_cell.angle_beta_esd               ? 
_cell.angle_gamma                  90.000 
_cell.angle_gamma_esd              ? 
_cell.entry_id                     8ORW 
_cell.details                      ? 
_cell.formula_units_Z              ? 
_cell.length_a                     89.442 
_cell.length_a_esd                 ? 
_cell.length_b                     78.145 
_cell.length_b_esd                 ? 
_cell.length_c                     35.937 
_cell.length_c_esd                 ? 
_cell.volume                       249065.008 
_cell.volume_esd                   ? 
_cell.Z_PDB                        4 
_cell.reciprocal_angle_alpha       ? 
_cell.reciprocal_angle_beta        ? 
_cell.reciprocal_angle_gamma       ? 
_cell.reciprocal_angle_alpha_esd   ? 
_cell.reciprocal_angle_beta_esd    ? 
_cell.reciprocal_angle_gamma_esd   ? 
_cell.reciprocal_length_a          ? 
_cell.reciprocal_length_b          ? 
_cell.reciprocal_length_c          ? 
_cell.reciprocal_length_a_esd      ? 
_cell.reciprocal_length_b_esd      ? 
_cell.reciprocal_length_c_esd      ? 
_cell.pdbx_unique_axis             ? 
_cell.pdbx_esd_method              ? 
# 
_symmetry.entry_id                         8ORW 
_symmetry.cell_setting                     ? 
_symmetry.Int_Tables_number                5 
_symmetry.space_group_name_Hall            'C 2y' 
_symmetry.space_group_name_H-M             'C 1 2 1' 
_symmetry.pdbx_full_space_group_name_H-M   ? 
# 
_exptl.absorpt_coefficient_mu     ? 
_exptl.absorpt_correction_T_max   ? 
_exptl.absorpt_correction_T_min   ? 
_exptl.absorpt_correction_type    ? 
_exptl.absorpt_process_details    ? 
_exptl.entry_id                   8ORW 
_exptl.crystals_number            1 
_exptl.details                    ? 
_exptl.method                     'X-RAY DIFFRACTION' 
_exptl.method_details             ? 
# 
_exptl_crystal.colour                       ? 
_exptl_crystal.density_diffrn               ? 
_exptl_crystal.density_Matthews             3.10 
_exptl_crystal.density_method               ? 
_exptl_crystal.density_percent_sol          60.28 
_exptl_crystal.description                  ? 
_exptl_crystal.F_000                        ? 
_exptl_crystal.id                           1 
_exptl_crystal.preparation                  ? 
_exptl_crystal.size_max                     ? 
_exptl_crystal.size_mid                     ? 
_exptl_crystal.size_min                     ? 
_exptl_crystal.size_rad                     ? 
_exptl_crystal.colour_lustre                ? 
_exptl_crystal.colour_modifier              ? 
_exptl_crystal.colour_primary               ? 
_exptl_crystal.density_meas                 ? 
_exptl_crystal.density_meas_esd             ? 
_exptl_crystal.density_meas_gt              ? 
_exptl_crystal.density_meas_lt              ? 
_exptl_crystal.density_meas_temp            ? 
_exptl_crystal.density_meas_temp_esd        ? 
_exptl_crystal.density_meas_temp_gt         ? 
_exptl_crystal.density_meas_temp_lt         ? 
_exptl_crystal.pdbx_crystal_image_url       ? 
_exptl_crystal.pdbx_crystal_image_format    ? 
_exptl_crystal.pdbx_mosaicity               ? 
_exptl_crystal.pdbx_mosaicity_esd           ? 
_exptl_crystal.pdbx_mosaic_method           ? 
_exptl_crystal.pdbx_mosaic_block_size       ? 
_exptl_crystal.pdbx_mosaic_block_size_esd   ? 
# 
_exptl_crystal_grow.apparatus       ? 
_exptl_crystal_grow.atmosphere      ? 
_exptl_crystal_grow.crystal_id      1 
_exptl_crystal_grow.details         ? 
_exptl_crystal_grow.method          'VAPOR DIFFUSION, SITTING DROP' 
_exptl_crystal_grow.method_ref      ? 
_exptl_crystal_grow.pH              ? 
_exptl_crystal_grow.pressure        ? 
_exptl_crystal_grow.pressure_esd    ? 
_exptl_crystal_grow.seeding         ? 
_exptl_crystal_grow.seeding_ref     ? 
_exptl_crystal_grow.temp_details    ? 
_exptl_crystal_grow.temp_esd        ? 
_exptl_crystal_grow.time            ? 
_exptl_crystal_grow.pdbx_details    
;20% w/v PEG 8.000;
200 mM lithium chloride;
100 mM Tris, pH 8.0
;
_exptl_crystal_grow.pdbx_pH_range   ? 
_exptl_crystal_grow.temp            291 
# 
_diffrn.ambient_environment              ? 
_diffrn.ambient_temp                     100 
_diffrn.ambient_temp_details             ? 
_diffrn.ambient_temp_esd                 ? 
_diffrn.crystal_id                       1 
_diffrn.crystal_support                  ? 
_diffrn.crystal_treatment                ? 
_diffrn.details                          ? 
_diffrn.id                               1 
_diffrn.ambient_pressure                 ? 
_diffrn.ambient_pressure_esd             ? 
_diffrn.ambient_pressure_gt              ? 
_diffrn.ambient_pressure_lt              ? 
_diffrn.ambient_temp_gt                  ? 
_diffrn.ambient_temp_lt                  ? 
_diffrn.pdbx_serial_crystal_experiment   N 
# 
_diffrn_detector.details                      ? 
_diffrn_detector.detector                     PIXEL 
_diffrn_detector.diffrn_id                    1 
_diffrn_detector.type                         'DECTRIS PILATUS 6M' 
_diffrn_detector.area_resol_mean              ? 
_diffrn_detector.dtime                        ? 
_diffrn_detector.pdbx_frames_total            ? 
_diffrn_detector.pdbx_collection_time_total   ? 
_diffrn_detector.pdbx_collection_date         2023-03-15 
_diffrn_detector.pdbx_frequency               ? 
_diffrn_detector.id                           ? 
_diffrn_detector.number_of_axes               ? 
# 
_diffrn_radiation.collimation                      ? 
_diffrn_radiation.diffrn_id                        1 
_diffrn_radiation.filter_edge                      ? 
_diffrn_radiation.inhomogeneity                    ? 
_diffrn_radiation.monochromator                    ? 
_diffrn_radiation.polarisn_norm                    ? 
_diffrn_radiation.polarisn_ratio                   ? 
_diffrn_radiation.probe                            ? 
_diffrn_radiation.type                             ? 
_diffrn_radiation.xray_symbol                      ? 
_diffrn_radiation.wavelength_id                    1 
_diffrn_radiation.pdbx_monochromatic_or_laue_m_l   M 
_diffrn_radiation.pdbx_wavelength_list             ? 
_diffrn_radiation.pdbx_wavelength                  ? 
_diffrn_radiation.pdbx_diffrn_protocol             'SINGLE WAVELENGTH' 
_diffrn_radiation.pdbx_analyzer                    ? 
_diffrn_radiation.pdbx_scattering_type             x-ray 
# 
_diffrn_radiation_wavelength.id           1 
_diffrn_radiation_wavelength.wavelength   0.9184 
_diffrn_radiation_wavelength.wt           1.0 
# 
_diffrn_source.current                     ? 
_diffrn_source.details                     ? 
_diffrn_source.diffrn_id                   1 
_diffrn_source.power                       ? 
_diffrn_source.size                        ? 
_diffrn_source.source                      SYNCHROTRON 
_diffrn_source.target                      ? 
_diffrn_source.type                        'BESSY BEAMLINE 14.1' 
_diffrn_source.voltage                     ? 
_diffrn_source.take-off_angle              ? 
_diffrn_source.pdbx_wavelength_list        0.9184 
_diffrn_source.pdbx_wavelength             ? 
_diffrn_source.pdbx_synchrotron_beamline   14.1 
_diffrn_source.pdbx_synchrotron_site       BESSY 
# 
_reflns.B_iso_Wilson_estimate                          75.27 
_reflns.entry_id                                       8ORW 
_reflns.data_reduction_details                         ? 
_reflns.data_reduction_method                          ? 
_reflns.d_resolution_high                              2.95 
_reflns.d_resolution_low                               44.34 
_reflns.details                                        ? 
_reflns.limit_h_max                                    ? 
_reflns.limit_h_min                                    ? 
_reflns.limit_k_max                                    ? 
_reflns.limit_k_min                                    ? 
_reflns.limit_l_max                                    ? 
_reflns.limit_l_min                                    ? 
_reflns.number_all                                     ? 
_reflns.number_obs                                     4988 
_reflns.observed_criterion                             ? 
_reflns.observed_criterion_F_max                       ? 
_reflns.observed_criterion_F_min                       ? 
_reflns.observed_criterion_I_max                       ? 
_reflns.observed_criterion_I_min                       ? 
_reflns.observed_criterion_sigma_F                     ? 
_reflns.observed_criterion_sigma_I                     ? 
_reflns.percent_possible_obs                           95.11 
_reflns.R_free_details                                 ? 
_reflns.Rmerge_F_all                                   ? 
_reflns.Rmerge_F_obs                                   ? 
_reflns.Friedel_coverage                               ? 
_reflns.number_gt                                      ? 
_reflns.threshold_expression                           ? 
_reflns.pdbx_redundancy                                6.4 
_reflns.pdbx_netI_over_av_sigmaI                       ? 
_reflns.pdbx_netI_over_sigmaI                          6.43 
_reflns.pdbx_res_netI_over_av_sigmaI_2                 ? 
_reflns.pdbx_res_netI_over_sigmaI_2                    ? 
_reflns.pdbx_chi_squared                               ? 
_reflns.pdbx_scaling_rejects                           ? 
_reflns.pdbx_d_res_high_opt                            ? 
_reflns.pdbx_d_res_low_opt                             ? 
_reflns.pdbx_d_res_opt_method                          ? 
_reflns.phase_calculation_details                      ? 
_reflns.pdbx_Rrim_I_all                                0.4183 
_reflns.pdbx_Rpim_I_all                                0.161 
_reflns.pdbx_d_opt                                     ? 
_reflns.pdbx_number_measured_all                       ? 
_reflns.pdbx_diffrn_id                                 1 
_reflns.pdbx_ordinal                                   1 
_reflns.pdbx_CC_half                                   0.985 
_reflns.pdbx_CC_star                                   0.996 
_reflns.pdbx_R_split                                   ? 
_reflns.pdbx_Rmerge_I_obs                              0.3852 
_reflns.pdbx_Rmerge_I_all                              ? 
_reflns.pdbx_Rsym_value                                ? 
_reflns.pdbx_CC_split_method                           ? 
_reflns.pdbx_aniso_diffraction_limit_axis_1_ortho[1]   ? 
_reflns.pdbx_aniso_diffraction_limit_axis_1_ortho[2]   ? 
_reflns.pdbx_aniso_diffraction_limit_axis_1_ortho[3]   ? 
_reflns.pdbx_aniso_diffraction_limit_axis_2_ortho[1]   ? 
_reflns.pdbx_aniso_diffraction_limit_axis_2_ortho[2]   ? 
_reflns.pdbx_aniso_diffraction_limit_axis_2_ortho[3]   ? 
_reflns.pdbx_aniso_diffraction_limit_axis_3_ortho[1]   ? 
_reflns.pdbx_aniso_diffraction_limit_axis_3_ortho[2]   ? 
_reflns.pdbx_aniso_diffraction_limit_axis_3_ortho[3]   ? 
_reflns.pdbx_aniso_diffraction_limit_1                 ? 
_reflns.pdbx_aniso_diffraction_limit_2                 ? 
_reflns.pdbx_aniso_diffraction_limit_3                 ? 
_reflns.pdbx_aniso_B_tensor_eigenvector_1_ortho[1]     ? 
_reflns.pdbx_aniso_B_tensor_eigenvector_1_ortho[2]     ? 
_reflns.pdbx_aniso_B_tensor_eigenvector_1_ortho[3]     ? 
_reflns.pdbx_aniso_B_tensor_eigenvector_2_ortho[1]     ? 
_reflns.pdbx_aniso_B_tensor_eigenvector_2_ortho[2]     ? 
_reflns.pdbx_aniso_B_tensor_eigenvector_2_ortho[3]     ? 
_reflns.pdbx_aniso_B_tensor_eigenvector_3_ortho[1]     ? 
_reflns.pdbx_aniso_B_tensor_eigenvector_3_ortho[2]     ? 
_reflns.pdbx_aniso_B_tensor_eigenvector_3_ortho[3]     ? 
_reflns.pdbx_aniso_B_tensor_eigenvalue_1               ? 
_reflns.pdbx_aniso_B_tensor_eigenvalue_2               ? 
_reflns.pdbx_aniso_B_tensor_eigenvalue_3               ? 
_reflns.pdbx_orthogonalization_convention              ? 
_reflns.pdbx_percent_possible_ellipsoidal              ? 
_reflns.pdbx_percent_possible_spherical                ? 
_reflns.pdbx_percent_possible_ellipsoidal_anomalous    ? 
_reflns.pdbx_percent_possible_spherical_anomalous      ? 
_reflns.pdbx_redundancy_anomalous                      ? 
_reflns.pdbx_CC_half_anomalous                         ? 
_reflns.pdbx_absDiff_over_sigma_anomalous              ? 
_reflns.pdbx_percent_possible_anomalous                ? 
_reflns.pdbx_observed_signal_threshold                 ? 
_reflns.pdbx_signal_type                               ? 
_reflns.pdbx_signal_details                            ? 
_reflns.pdbx_signal_software_id                        ? 
# 
_reflns_shell.d_res_high                                    2.95 
_reflns_shell.d_res_low                                     3.055 
_reflns_shell.meanI_over_sigI_all                           ? 
_reflns_shell.meanI_over_sigI_obs                           0.77 
_reflns_shell.number_measured_all                           ? 
_reflns_shell.number_measured_obs                           ? 
_reflns_shell.number_possible                               ? 
_reflns_shell.number_unique_all                             ? 
_reflns_shell.number_unique_obs                             494 
_reflns_shell.percent_possible_obs                          ? 
_reflns_shell.Rmerge_F_all                                  ? 
_reflns_shell.Rmerge_F_obs                                  ? 
_reflns_shell.meanI_over_sigI_gt                            ? 
_reflns_shell.meanI_over_uI_all                             ? 
_reflns_shell.meanI_over_uI_gt                              ? 
_reflns_shell.number_measured_gt                            ? 
_reflns_shell.number_unique_gt                              ? 
_reflns_shell.percent_possible_gt                           ? 
_reflns_shell.Rmerge_F_gt                                   ? 
_reflns_shell.Rmerge_I_gt                                   ? 
_reflns_shell.pdbx_redundancy                               6.4 
_reflns_shell.pdbx_chi_squared                              ? 
_reflns_shell.pdbx_netI_over_sigmaI_all                     ? 
_reflns_shell.pdbx_netI_over_sigmaI_obs                     ? 
_reflns_shell.pdbx_Rrim_I_all                               2.197 
_reflns_shell.pdbx_Rpim_I_all                               0.8413 
_reflns_shell.pdbx_rejects                                  ? 
_reflns_shell.pdbx_ordinal                                  1 
_reflns_shell.pdbx_diffrn_id                                1 
_reflns_shell.pdbx_CC_half                                  0.455 
_reflns_shell.pdbx_CC_star                                  0.791 
_reflns_shell.pdbx_R_split                                  ? 
_reflns_shell.percent_possible_all                          93.23 
_reflns_shell.Rmerge_I_all                                  ? 
_reflns_shell.Rmerge_I_obs                                  2.025 
_reflns_shell.pdbx_Rsym_value                               ? 
_reflns_shell.pdbx_percent_possible_ellipsoidal             ? 
_reflns_shell.pdbx_percent_possible_spherical               ? 
_reflns_shell.pdbx_percent_possible_ellipsoidal_anomalous   ? 
_reflns_shell.pdbx_percent_possible_spherical_anomalous     ? 
_reflns_shell.pdbx_redundancy_anomalous                     ? 
_reflns_shell.pdbx_CC_half_anomalous                        ? 
_reflns_shell.pdbx_absDiff_over_sigma_anomalous             ? 
_reflns_shell.pdbx_percent_possible_anomalous               ? 
# 
_refine.aniso_B[1][1]                            ? 
_refine.aniso_B[1][2]                            ? 
_refine.aniso_B[1][3]                            ? 
_refine.aniso_B[2][2]                            ? 
_refine.aniso_B[2][3]                            ? 
_refine.aniso_B[3][3]                            ? 
_refine.B_iso_max                                ? 
_refine.B_iso_mean                               73.01 
_refine.B_iso_min                                ? 
_refine.correlation_coeff_Fo_to_Fc               ? 
_refine.correlation_coeff_Fo_to_Fc_free          ? 
_refine.details                                  ? 
_refine.diff_density_max                         ? 
_refine.diff_density_max_esd                     ? 
_refine.diff_density_min                         ? 
_refine.diff_density_min_esd                     ? 
_refine.diff_density_rms                         ? 
_refine.diff_density_rms_esd                     ? 
_refine.entry_id                                 8ORW 
_refine.pdbx_refine_id                           'X-RAY DIFFRACTION' 
_refine.ls_abs_structure_details                 ? 
_refine.ls_abs_structure_Flack                   ? 
_refine.ls_abs_structure_Flack_esd               ? 
_refine.ls_abs_structure_Rogers                  ? 
_refine.ls_abs_structure_Rogers_esd              ? 
_refine.ls_d_res_high                            2.95 
_refine.ls_d_res_low                             44.34 
_refine.ls_extinction_coef                       ? 
_refine.ls_extinction_coef_esd                   ? 
_refine.ls_extinction_expression                 ? 
_refine.ls_extinction_method                     ? 
_refine.ls_goodness_of_fit_all                   ? 
_refine.ls_goodness_of_fit_all_esd               ? 
_refine.ls_goodness_of_fit_obs                   ? 
_refine.ls_goodness_of_fit_obs_esd               ? 
_refine.ls_hydrogen_treatment                    ? 
_refine.ls_matrix_type                           ? 
_refine.ls_number_constraints                    ? 
_refine.ls_number_parameters                     ? 
_refine.ls_number_reflns_all                     ? 
_refine.ls_number_reflns_obs                     4975 
_refine.ls_number_reflns_R_free                  248 
_refine.ls_number_reflns_R_work                  4727 
_refine.ls_number_restraints                     ? 
_refine.ls_percent_reflns_obs                    95.14 
_refine.ls_percent_reflns_R_free                 4.98 
_refine.ls_R_factor_all                          ? 
_refine.ls_R_factor_obs                          0.2205 
_refine.ls_R_factor_R_free                       0.2489 
_refine.ls_R_factor_R_free_error                 ? 
_refine.ls_R_factor_R_free_error_details         ? 
_refine.ls_R_factor_R_work                       0.2189 
_refine.ls_R_Fsqd_factor_obs                     ? 
_refine.ls_R_I_factor_obs                        ? 
_refine.ls_redundancy_reflns_all                 ? 
_refine.ls_redundancy_reflns_obs                 ? 
_refine.ls_restrained_S_all                      ? 
_refine.ls_restrained_S_obs                      ? 
_refine.ls_shift_over_esd_max                    ? 
_refine.ls_shift_over_esd_mean                   ? 
_refine.ls_structure_factor_coef                 ? 
_refine.ls_weighting_details                     ? 
_refine.ls_weighting_scheme                      ? 
_refine.ls_wR_factor_all                         ? 
_refine.ls_wR_factor_obs                         ? 
_refine.ls_wR_factor_R_free                      ? 
_refine.ls_wR_factor_R_work                      ? 
_refine.occupancy_max                            ? 
_refine.occupancy_min                            ? 
_refine.solvent_model_details                    'FLAT BULK SOLVENT MODEL' 
_refine.solvent_model_param_bsol                 ? 
_refine.solvent_model_param_ksol                 ? 
_refine.pdbx_R_complete                          ? 
_refine.ls_R_factor_gt                           ? 
_refine.ls_goodness_of_fit_gt                    ? 
_refine.ls_goodness_of_fit_ref                   ? 
_refine.ls_shift_over_su_max                     ? 
_refine.ls_shift_over_su_max_lt                  ? 
_refine.ls_shift_over_su_mean                    ? 
_refine.ls_shift_over_su_mean_lt                 ? 
_refine.pdbx_ls_sigma_I                          ? 
_refine.pdbx_ls_sigma_F                          1.34 
_refine.pdbx_ls_sigma_Fsqd                       ? 
_refine.pdbx_data_cutoff_high_absF               ? 
_refine.pdbx_data_cutoff_high_rms_absF           ? 
_refine.pdbx_data_cutoff_low_absF                ? 
_refine.pdbx_isotropic_thermal_model             ? 
_refine.pdbx_ls_cross_valid_method               'FREE R-VALUE' 
_refine.pdbx_method_to_determine_struct          'MOLECULAR REPLACEMENT' 
_refine.pdbx_starting_model                      ? 
_refine.pdbx_stereochemistry_target_values       'GeoStd + Monomer Library + CDL v1.2' 
_refine.pdbx_R_Free_selection_details            'random selection' 
_refine.pdbx_stereochem_target_val_spec_case     ? 
_refine.pdbx_overall_ESU_R                       ? 
_refine.pdbx_overall_ESU_R_Free                  ? 
_refine.pdbx_solvent_vdw_probe_radii             1.1000 
_refine.pdbx_solvent_ion_probe_radii             ? 
_refine.pdbx_solvent_shrinkage_radii             0.9000 
_refine.pdbx_real_space_R                        ? 
_refine.pdbx_density_correlation                 ? 
_refine.pdbx_pd_number_of_powder_patterns        ? 
_refine.pdbx_pd_number_of_points                 ? 
_refine.pdbx_pd_meas_number_of_points            ? 
_refine.pdbx_pd_proc_ls_prof_R_factor            ? 
_refine.pdbx_pd_proc_ls_prof_wR_factor           ? 
_refine.pdbx_pd_Marquardt_correlation_coeff      ? 
_refine.pdbx_pd_Fsqrd_R_factor                   ? 
_refine.pdbx_pd_ls_matrix_band_width             ? 
_refine.pdbx_overall_phase_error                 20.2168 
_refine.pdbx_overall_SU_R_free_Cruickshank_DPI   ? 
_refine.pdbx_overall_SU_R_free_Blow_DPI          ? 
_refine.pdbx_overall_SU_R_Blow_DPI               ? 
_refine.pdbx_TLS_residual_ADP_flag               ? 
_refine.pdbx_diffrn_id                           1 
_refine.overall_SU_B                             ? 
_refine.overall_SU_ML                            0.3731 
_refine.overall_SU_R_Cruickshank_DPI             ? 
_refine.overall_SU_R_free                        ? 
_refine.overall_FOM_free_R_set                   ? 
_refine.overall_FOM_work_R_set                   ? 
_refine.pdbx_average_fsc_overall                 ? 
_refine.pdbx_average_fsc_work                    ? 
_refine.pdbx_average_fsc_free                    ? 
# 
_refine_hist.pdbx_refine_id                   'X-RAY DIFFRACTION' 
_refine_hist.cycle_id                         LAST 
_refine_hist.details                          ? 
_refine_hist.d_res_high                       2.95 
_refine_hist.d_res_low                        44.34 
_refine_hist.number_atoms_solvent             0 
_refine_hist.number_atoms_total               1457 
_refine_hist.number_reflns_all                ? 
_refine_hist.number_reflns_obs                ? 
_refine_hist.number_reflns_R_free             ? 
_refine_hist.number_reflns_R_work             ? 
_refine_hist.R_factor_all                     ? 
_refine_hist.R_factor_obs                     ? 
_refine_hist.R_factor_R_free                  ? 
_refine_hist.R_factor_R_work                  ? 
_refine_hist.pdbx_number_residues_total       ? 
_refine_hist.pdbx_B_iso_mean_ligand           ? 
_refine_hist.pdbx_B_iso_mean_solvent          ? 
_refine_hist.pdbx_number_atoms_protein        1413 
_refine_hist.pdbx_number_atoms_nucleic_acid   0 
_refine_hist.pdbx_number_atoms_ligand         44 
_refine_hist.pdbx_number_atoms_lipid          ? 
_refine_hist.pdbx_number_atoms_carb           ? 
_refine_hist.pdbx_pseudo_atom_details         ? 
# 
loop_
_refine_ls_restr.pdbx_refine_id 
_refine_ls_restr.criterion 
_refine_ls_restr.dev_ideal 
_refine_ls_restr.dev_ideal_target 
_refine_ls_restr.number 
_refine_ls_restr.rejects 
_refine_ls_restr.type 
_refine_ls_restr.weight 
_refine_ls_restr.pdbx_restraint_function 
'X-RAY DIFFRACTION' ? 0.0020  ? 1487 ? f_bond_d           ? ? 
'X-RAY DIFFRACTION' ? 0.5294  ? 2022 ? f_angle_d          ? ? 
'X-RAY DIFFRACTION' ? 0.0395  ? 222  ? f_chiral_restr     ? ? 
'X-RAY DIFFRACTION' ? 0.0032  ? 268  ? f_plane_restr      ? ? 
'X-RAY DIFFRACTION' ? 11.9299 ? 586  ? f_dihedral_angle_d ? ? 
# 
loop_
_refine_ls_shell.pdbx_refine_id 
_refine_ls_shell.d_res_high 
_refine_ls_shell.d_res_low 
_refine_ls_shell.number_reflns_all 
_refine_ls_shell.number_reflns_obs 
_refine_ls_shell.number_reflns_R_free 
_refine_ls_shell.number_reflns_R_work 
_refine_ls_shell.percent_reflns_obs 
_refine_ls_shell.percent_reflns_R_free 
_refine_ls_shell.R_factor_all 
_refine_ls_shell.R_factor_obs 
_refine_ls_shell.R_factor_R_free_error 
_refine_ls_shell.R_factor_R_work 
_refine_ls_shell.redundancy_reflns_all 
_refine_ls_shell.redundancy_reflns_obs 
_refine_ls_shell.wR_factor_all 
_refine_ls_shell.wR_factor_obs 
_refine_ls_shell.wR_factor_R_free 
_refine_ls_shell.wR_factor_R_work 
_refine_ls_shell.pdbx_R_complete 
_refine_ls_shell.pdbx_total_number_of_bins_used 
_refine_ls_shell.pdbx_phase_error 
_refine_ls_shell.pdbx_fsc_work 
_refine_ls_shell.pdbx_fsc_free 
_refine_ls_shell.R_factor_R_free 
'X-RAY DIFFRACTION' 2.95 3.72  . . 124 2335 94.61 . . . . 0.2666 . . . . . . . . . . . 0.3196 
'X-RAY DIFFRACTION' 3.72 44.34 . . 124 2392 95.67 . . . . 0.2007 . . . . . . . . . . . 0.2233 
# 
_struct.entry_id                     8ORW 
_struct.title                        'Crystal structure of human STING in complex with the agonist MD1203' 
_struct.pdbx_model_details           ? 
_struct.pdbx_formula_weight          ? 
_struct.pdbx_formula_weight_method   ? 
_struct.pdbx_model_type_details      ? 
_struct.pdbx_CASP_flag               N 
# 
_struct_keywords.entry_id        8ORW 
_struct_keywords.text            'sting, antiviral, activator, ANTIVIRAL PROTEIN' 
_struct_keywords.pdbx_keywords   'ANTIVIRAL PROTEIN' 
# 
loop_
_struct_asym.id 
_struct_asym.pdbx_blank_PDB_chainid_flag 
_struct_asym.pdbx_modified 
_struct_asym.entity_id 
_struct_asym.details 
A N N 1 ? 
B N N 2 ? 
# 
_struct_ref.id                         1 
_struct_ref.db_name                    UNP 
_struct_ref.db_code                    A0A2R3XZB7_HUMAN 
_struct_ref.pdbx_db_accession          A0A2R3XZB7 
_struct_ref.pdbx_db_isoform            ? 
_struct_ref.entity_id                  1 
_struct_ref.pdbx_seq_one_letter_code   
;APAEISAVCEKGNFNVAHGLAWSYYIGYLRLILPELQARIRTYNQHYNNLLRGAVSQRLYILLPLDCGVPDNLSMADPNI
RFLDKLPQQTGDRAGIKDRVYSNSIYELLENGQRAGTCVLEYATPLQTLFAMSQYSQAGFSREDRLEQAKLFCRTLEDIL
ADAPESQNNCRLIAYQEPADDSSFSLSQEVLRHLRQEEKEEVTV
;
_struct_ref.pdbx_align_begin           140 
# 
_struct_ref_seq.align_id                      1 
_struct_ref_seq.ref_id                        1 
_struct_ref_seq.pdbx_PDB_id_code              8ORW 
_struct_ref_seq.pdbx_strand_id                A 
_struct_ref_seq.seq_align_beg                 1 
_struct_ref_seq.pdbx_seq_align_beg_ins_code   ? 
_struct_ref_seq.seq_align_end                 204 
_struct_ref_seq.pdbx_seq_align_end_ins_code   ? 
_struct_ref_seq.pdbx_db_accession             A0A2R3XZB7 
_struct_ref_seq.db_align_beg                  140 
_struct_ref_seq.pdbx_db_align_beg_ins_code    ? 
_struct_ref_seq.db_align_end                  343 
_struct_ref_seq.pdbx_db_align_end_ins_code    ? 
_struct_ref_seq.pdbx_auth_seq_align_beg       140 
_struct_ref_seq.pdbx_auth_seq_align_end       343 
# 
_pdbx_struct_assembly.id                   1 
_pdbx_struct_assembly.details              software_defined_assembly 
_pdbx_struct_assembly.method_details       PISA 
_pdbx_struct_assembly.oligomeric_details   dimeric 
_pdbx_struct_assembly.oligomeric_count     2 
# 
loop_
_pdbx_struct_assembly_prop.biol_id 
_pdbx_struct_assembly_prop.type 
_pdbx_struct_assembly_prop.value 
_pdbx_struct_assembly_prop.details 
1 'ABSA (A^2)' 3970  ? 
1 MORE         -17   ? 
1 'SSA (A^2)'  15840 ? 
# 
_pdbx_struct_assembly_gen.assembly_id       1 
_pdbx_struct_assembly_gen.oper_expression   1,2 
_pdbx_struct_assembly_gen.asym_id_list      A,B 
# 
_pdbx_struct_assembly_auth_evidence.id                     1 
_pdbx_struct_assembly_auth_evidence.assembly_id            1 
_pdbx_struct_assembly_auth_evidence.experimental_support   'gel filtration' 
_pdbx_struct_assembly_auth_evidence.details                ? 
# 
loop_
_pdbx_struct_oper_list.id 
_pdbx_struct_oper_list.type 
_pdbx_struct_oper_list.name 
_pdbx_struct_oper_list.symmetry_operation 
_pdbx_struct_oper_list.matrix[1][1] 
_pdbx_struct_oper_list.matrix[1][2] 
_pdbx_struct_oper_list.matrix[1][3] 
_pdbx_struct_oper_list.vector[1] 
_pdbx_struct_oper_list.matrix[2][1] 
_pdbx_struct_oper_list.matrix[2][2] 
_pdbx_struct_oper_list.matrix[2][3] 
_pdbx_struct_oper_list.vector[2] 
_pdbx_struct_oper_list.matrix[3][1] 
_pdbx_struct_oper_list.matrix[3][2] 
_pdbx_struct_oper_list.matrix[3][3] 
_pdbx_struct_oper_list.vector[3] 
1 'identity operation'         1_555 x,y,z     1.0000000000  0.0000000000 0.0000000000  0.0000000000  0.0000000000 1.0000000000  0.0000000000  0.0000000000  0.0000000000  0.0000000000  1.0000000000 0.0000000000 
2 'crystal symmetry operation' 2_655 -x+1,y,-z -0.9541597239 0.0413710545 -0.2964247917 19.1533184160 0.0413710545 -0.9626624380 -0.2675247024 16.6187558081 -0.2964247917 -0.2675247024 0.9168221619 5.2813695107 
# 
loop_
_struct_conf.conf_type_id 
_struct_conf.id 
_struct_conf.pdbx_PDB_helix_id 
_struct_conf.beg_label_comp_id 
_struct_conf.beg_label_asym_id 
_struct_conf.beg_label_seq_id 
_struct_conf.pdbx_beg_PDB_ins_code 
_struct_conf.end_label_comp_id 
_struct_conf.end_label_asym_id 
_struct_conf.end_label_seq_id 
_struct_conf.pdbx_end_PDB_ins_code 
_struct_conf.beg_auth_comp_id 
_struct_conf.beg_auth_asym_id 
_struct_conf.beg_auth_seq_id 
_struct_conf.end_auth_comp_id 
_struct_conf.end_auth_asym_id 
_struct_conf.end_auth_seq_id 
_struct_conf.pdbx_PDB_helix_class 
_struct_conf.details 
_struct_conf.pdbx_PDB_helix_length 
HELX_P HELX_P1 AA1 ASN A 15  ? TYR A 28  ? ASN A 154 TYR A 167 1 ? 14 
HELX_P HELX_P2 AA2 TYR A 28  ? LEU A 33  ? TYR A 167 LEU A 172 1 ? 6  
HELX_P HELX_P3 AA3 GLU A 35  ? TYR A 47  ? GLU A 174 TYR A 186 1 ? 13 
HELX_P HELX_P4 AA4 ASN A 72  ? ASP A 77  ? ASN A 211 ASP A 216 1 ? 6  
HELX_P HELX_P5 AA5 ALA A 123 ? TYR A 135 ? ALA A 262 TYR A 274 1 ? 13 
HELX_P HELX_P6 AA6 SER A 141 ? ASP A 162 ? SER A 280 ASP A 301 1 ? 22 
HELX_P HELX_P7 AA7 LEU A 186 ? GLN A 196 ? LEU A 325 GLN A 335 1 ? 11 
# 
_struct_conf_type.id          HELX_P 
_struct_conf_type.criteria    ? 
_struct_conf_type.reference   ? 
# 
loop_
_struct_sheet.id 
_struct_sheet.type 
_struct_sheet.number_strands 
_struct_sheet.details 
AA1 ? 5 ? 
AA2 ? 2 ? 
# 
loop_
_struct_sheet_order.sheet_id 
_struct_sheet_order.range_id_1 
_struct_sheet_order.range_id_2 
_struct_sheet_order.offset 
_struct_sheet_order.sense 
AA1 1 2 ? anti-parallel 
AA1 2 3 ? anti-parallel 
AA1 3 4 ? parallel      
AA1 4 5 ? parallel      
AA2 1 2 ? anti-parallel 
# 
loop_
_struct_sheet_range.sheet_id 
_struct_sheet_range.id 
_struct_sheet_range.beg_label_comp_id 
_struct_sheet_range.beg_label_asym_id 
_struct_sheet_range.beg_label_seq_id 
_struct_sheet_range.pdbx_beg_PDB_ins_code 
_struct_sheet_range.end_label_comp_id 
_struct_sheet_range.end_label_asym_id 
_struct_sheet_range.end_label_seq_id 
_struct_sheet_range.pdbx_end_PDB_ins_code 
_struct_sheet_range.beg_auth_comp_id 
_struct_sheet_range.beg_auth_asym_id 
_struct_sheet_range.beg_auth_seq_id 
_struct_sheet_range.end_auth_comp_id 
_struct_sheet_range.end_auth_asym_id 
_struct_sheet_range.end_auth_seq_id 
AA1 1 ILE A 80  ? LYS A 85  ? ILE A 219 LYS A 224 
AA1 2 SER A 104 ? GLU A 110 ? SER A 243 GLU A 249 
AA1 3 GLN A 113 ? TYR A 122 ? GLN A 252 TYR A 261 
AA1 4 LEU A 59  ? PRO A 64  ? LEU A 198 PRO A 203 
AA1 5 CYS A 170 ? TYR A 175 ? CYS A 309 TYR A 314 
AA2 1 GLN A 89  ? ARG A 93  ? GLN A 228 ARG A 232 
AA2 2 ILE A 96  ? TYR A 101 ? ILE A 235 TYR A 240 
# 
loop_
_pdbx_struct_sheet_hbond.sheet_id 
_pdbx_struct_sheet_hbond.range_id_1 
_pdbx_struct_sheet_hbond.range_id_2 
_pdbx_struct_sheet_hbond.range_1_label_atom_id 
_pdbx_struct_sheet_hbond.range_1_label_comp_id 
_pdbx_struct_sheet_hbond.range_1_label_asym_id 
_pdbx_struct_sheet_hbond.range_1_label_seq_id 
_pdbx_struct_sheet_hbond.range_1_PDB_ins_code 
_pdbx_struct_sheet_hbond.range_1_auth_atom_id 
_pdbx_struct_sheet_hbond.range_1_auth_comp_id 
_pdbx_struct_sheet_hbond.range_1_auth_asym_id 
_pdbx_struct_sheet_hbond.range_1_auth_seq_id 
_pdbx_struct_sheet_hbond.range_2_label_atom_id 
_pdbx_struct_sheet_hbond.range_2_label_comp_id 
_pdbx_struct_sheet_hbond.range_2_label_asym_id 
_pdbx_struct_sheet_hbond.range_2_label_seq_id 
_pdbx_struct_sheet_hbond.range_2_PDB_ins_code 
_pdbx_struct_sheet_hbond.range_2_auth_atom_id 
_pdbx_struct_sheet_hbond.range_2_auth_comp_id 
_pdbx_struct_sheet_hbond.range_2_auth_asym_id 
_pdbx_struct_sheet_hbond.range_2_auth_seq_id 
AA1 1 2 N ASP A 84  ? N ASP A 223 O ILE A 105 ? O ILE A 244 
AA1 2 3 N LEU A 108 ? N LEU A 247 O GLY A 116 ? O GLY A 255 
AA1 3 4 O GLU A 121 ? O GLU A 260 N LEU A 62  ? N LEU A 201 
AA1 4 5 N LEU A 63  ? N LEU A 202 O ILE A 173 ? O ILE A 312 
AA2 1 2 N GLN A 89  ? N GLN A 228 O TYR A 101 ? O TYR A 240 
# 
loop_
_space_group_symop.id 
_space_group_symop.operation_xyz 
1 x,y,z           
2 -x,y,-z         
3 x+1/2,y+1/2,z   
4 -x+1/2,y+1/2,-z 
# 
_pdbx_entry_details.entry_id                 8ORW 
_pdbx_entry_details.has_ligand_of_interest   Y 
_pdbx_entry_details.compound_details         ? 
_pdbx_entry_details.source_details           ? 
_pdbx_entry_details.nonpolymer_details       ? 
_pdbx_entry_details.sequence_details         ? 
# 
loop_
_pdbx_unobs_or_zero_occ_residues.id 
_pdbx_unobs_or_zero_occ_residues.PDB_model_num 
_pdbx_unobs_or_zero_occ_residues.polymer_flag 
_pdbx_unobs_or_zero_occ_residues.occupancy_flag 
_pdbx_unobs_or_zero_occ_residues.auth_asym_id 
_pdbx_unobs_or_zero_occ_residues.auth_comp_id 
_pdbx_unobs_or_zero_occ_residues.auth_seq_id 
_pdbx_unobs_or_zero_occ_residues.PDB_ins_code 
_pdbx_unobs_or_zero_occ_residues.label_asym_id 
_pdbx_unobs_or_zero_occ_residues.label_comp_id 
_pdbx_unobs_or_zero_occ_residues.label_seq_id 
1  1 Y 1 A ALA 140 ? A ALA 1   
2  1 Y 1 A PRO 141 ? A PRO 2   
3  1 Y 1 A ALA 142 ? A ALA 3   
4  1 Y 1 A GLU 143 ? A GLU 4   
5  1 Y 1 A ILE 144 ? A ILE 5   
6  1 Y 1 A SER 145 ? A SER 6   
7  1 Y 1 A ALA 146 ? A ALA 7   
8  1 Y 1 A VAL 147 ? A VAL 8   
9  1 Y 1 A CYS 148 ? A CYS 9   
10 1 Y 1 A GLU 149 ? A GLU 10  
11 1 Y 1 A LYS 150 ? A LYS 11  
12 1 Y 1 A GLY 151 ? A GLY 12  
13 1 Y 1 A ASN 152 ? A ASN 13  
14 1 Y 1 A PHE 153 ? A PHE 14  
15 1 Y 1 A PRO 303 ? A PRO 164 
16 1 Y 1 A GLU 304 ? A GLU 165 
17 1 Y 1 A ALA 318 ? A ALA 179 
18 1 Y 1 A ASP 319 ? A ASP 180 
19 1 Y 1 A ASP 320 ? A ASP 181 
20 1 Y 1 A SER 321 ? A SER 182 
21 1 Y 1 A SER 322 ? A SER 183 
22 1 Y 1 A PHE 323 ? A PHE 184 
23 1 Y 1 A GLU 337 ? A GLU 198 
24 1 Y 1 A LYS 338 ? A LYS 199 
25 1 Y 1 A GLU 339 ? A GLU 200 
26 1 Y 1 A GLU 340 ? A GLU 201 
27 1 Y 1 A VAL 341 ? A VAL 202 
28 1 Y 1 A THR 342 ? A THR 203 
29 1 Y 1 A VAL 343 ? A VAL 204 
# 
loop_
_chem_comp_atom.comp_id 
_chem_comp_atom.atom_id 
_chem_comp_atom.type_symbol 
_chem_comp_atom.pdbx_aromatic_flag 
_chem_comp_atom.pdbx_stereo_config 
_chem_comp_atom.pdbx_ordinal 
ALA N    N N N 1   
ALA CA   C N S 2   
ALA C    C N N 3   
ALA O    O N N 4   
ALA CB   C N N 5   
ALA OXT  O N N 6   
ALA H    H N N 7   
ALA H2   H N N 8   
ALA HA   H N N 9   
ALA HB1  H N N 10  
ALA HB2  H N N 11  
ALA HB3  H N N 12  
ALA HXT  H N N 13  
ARG N    N N N 14  
ARG CA   C N S 15  
ARG C    C N N 16  
ARG O    O N N 17  
ARG CB   C N N 18  
ARG CG   C N N 19  
ARG CD   C N N 20  
ARG NE   N N N 21  
ARG CZ   C N N 22  
ARG NH1  N N N 23  
ARG NH2  N N N 24  
ARG OXT  O N N 25  
ARG H    H N N 26  
ARG H2   H N N 27  
ARG HA   H N N 28  
ARG HB2  H N N 29  
ARG HB3  H N N 30  
ARG HG2  H N N 31  
ARG HG3  H N N 32  
ARG HD2  H N N 33  
ARG HD3  H N N 34  
ARG HE   H N N 35  
ARG HH11 H N N 36  
ARG HH12 H N N 37  
ARG HH21 H N N 38  
ARG HH22 H N N 39  
ARG HXT  H N N 40  
ASN N    N N N 41  
ASN CA   C N S 42  
ASN C    C N N 43  
ASN O    O N N 44  
ASN CB   C N N 45  
ASN CG   C N N 46  
ASN OD1  O N N 47  
ASN ND2  N N N 48  
ASN OXT  O N N 49  
ASN H    H N N 50  
ASN H2   H N N 51  
ASN HA   H N N 52  
ASN HB2  H N N 53  
ASN HB3  H N N 54  
ASN HD21 H N N 55  
ASN HD22 H N N 56  
ASN HXT  H N N 57  
ASP N    N N N 58  
ASP CA   C N S 59  
ASP C    C N N 60  
ASP O    O N N 61  
ASP CB   C N N 62  
ASP CG   C N N 63  
ASP OD1  O N N 64  
ASP OD2  O N N 65  
ASP OXT  O N N 66  
ASP H    H N N 67  
ASP H2   H N N 68  
ASP HA   H N N 69  
ASP HB2  H N N 70  
ASP HB3  H N N 71  
ASP HD2  H N N 72  
ASP HXT  H N N 73  
CYS N    N N N 74  
CYS CA   C N R 75  
CYS C    C N N 76  
CYS O    O N N 77  
CYS CB   C N N 78  
CYS SG   S N N 79  
CYS OXT  O N N 80  
CYS H    H N N 81  
CYS H2   H N N 82  
CYS HA   H N N 83  
CYS HB2  H N N 84  
CYS HB3  H N N 85  
CYS HG   H N N 86  
CYS HXT  H N N 87  
GLN N    N N N 88  
GLN CA   C N S 89  
GLN C    C N N 90  
GLN O    O N N 91  
GLN CB   C N N 92  
GLN CG   C N N 93  
GLN CD   C N N 94  
GLN OE1  O N N 95  
GLN NE2  N N N 96  
GLN OXT  O N N 97  
GLN H    H N N 98  
GLN H2   H N N 99  
GLN HA   H N N 100 
GLN HB2  H N N 101 
GLN HB3  H N N 102 
GLN HG2  H N N 103 
GLN HG3  H N N 104 
GLN HE21 H N N 105 
GLN HE22 H N N 106 
GLN HXT  H N N 107 
GLU N    N N N 108 
GLU CA   C N S 109 
GLU C    C N N 110 
GLU O    O N N 111 
GLU CB   C N N 112 
GLU CG   C N N 113 
GLU CD   C N N 114 
GLU OE1  O N N 115 
GLU OE2  O N N 116 
GLU OXT  O N N 117 
GLU H    H N N 118 
GLU H2   H N N 119 
GLU HA   H N N 120 
GLU HB2  H N N 121 
GLU HB3  H N N 122 
GLU HG2  H N N 123 
GLU HG3  H N N 124 
GLU HE2  H N N 125 
GLU HXT  H N N 126 
GLY N    N N N 127 
GLY CA   C N N 128 
GLY C    C N N 129 
GLY O    O N N 130 
GLY OXT  O N N 131 
GLY H    H N N 132 
GLY H2   H N N 133 
GLY HA2  H N N 134 
GLY HA3  H N N 135 
GLY HXT  H N N 136 
HIS N    N N N 137 
HIS CA   C N S 138 
HIS C    C N N 139 
HIS O    O N N 140 
HIS CB   C N N 141 
HIS CG   C Y N 142 
HIS ND1  N Y N 143 
HIS CD2  C Y N 144 
HIS CE1  C Y N 145 
HIS NE2  N Y N 146 
HIS OXT  O N N 147 
HIS H    H N N 148 
HIS H2   H N N 149 
HIS HA   H N N 150 
HIS HB2  H N N 151 
HIS HB3  H N N 152 
HIS HD1  H N N 153 
HIS HD2  H N N 154 
HIS HE1  H N N 155 
HIS HE2  H N N 156 
HIS HXT  H N N 157 
ILE N    N N N 158 
ILE CA   C N S 159 
ILE C    C N N 160 
ILE O    O N N 161 
ILE CB   C N S 162 
ILE CG1  C N N 163 
ILE CG2  C N N 164 
ILE CD1  C N N 165 
ILE OXT  O N N 166 
ILE H    H N N 167 
ILE H2   H N N 168 
ILE HA   H N N 169 
ILE HB   H N N 170 
ILE HG12 H N N 171 
ILE HG13 H N N 172 
ILE HG21 H N N 173 
ILE HG22 H N N 174 
ILE HG23 H N N 175 
ILE HD11 H N N 176 
ILE HD12 H N N 177 
ILE HD13 H N N 178 
ILE HXT  H N N 179 
LEU N    N N N 180 
LEU CA   C N S 181 
LEU C    C N N 182 
LEU O    O N N 183 
LEU CB   C N N 184 
LEU CG   C N N 185 
LEU CD1  C N N 186 
LEU CD2  C N N 187 
LEU OXT  O N N 188 
LEU H    H N N 189 
LEU H2   H N N 190 
LEU HA   H N N 191 
LEU HB2  H N N 192 
LEU HB3  H N N 193 
LEU HG   H N N 194 
LEU HD11 H N N 195 
LEU HD12 H N N 196 
LEU HD13 H N N 197 
LEU HD21 H N N 198 
LEU HD22 H N N 199 
LEU HD23 H N N 200 
LEU HXT  H N N 201 
LYS N    N N N 202 
LYS CA   C N S 203 
LYS C    C N N 204 
LYS O    O N N 205 
LYS CB   C N N 206 
LYS CG   C N N 207 
LYS CD   C N N 208 
LYS CE   C N N 209 
LYS NZ   N N N 210 
LYS OXT  O N N 211 
LYS H    H N N 212 
LYS H2   H N N 213 
LYS HA   H N N 214 
LYS HB2  H N N 215 
LYS HB3  H N N 216 
LYS HG2  H N N 217 
LYS HG3  H N N 218 
LYS HD2  H N N 219 
LYS HD3  H N N 220 
LYS HE2  H N N 221 
LYS HE3  H N N 222 
LYS HZ1  H N N 223 
LYS HZ2  H N N 224 
LYS HZ3  H N N 225 
LYS HXT  H N N 226 
MET N    N N N 227 
MET CA   C N S 228 
MET C    C N N 229 
MET O    O N N 230 
MET CB   C N N 231 
MET CG   C N N 232 
MET SD   S N N 233 
MET CE   C N N 234 
MET OXT  O N N 235 
MET H    H N N 236 
MET H2   H N N 237 
MET HA   H N N 238 
MET HB2  H N N 239 
MET HB3  H N N 240 
MET HG2  H N N 241 
MET HG3  H N N 242 
MET HE1  H N N 243 
MET HE2  H N N 244 
MET HE3  H N N 245 
MET HXT  H N N 246 
PHE N    N N N 247 
PHE CA   C N S 248 
PHE C    C N N 249 
PHE O    O N N 250 
PHE CB   C N N 251 
PHE CG   C Y N 252 
PHE CD1  C Y N 253 
PHE CD2  C Y N 254 
PHE CE1  C Y N 255 
PHE CE2  C Y N 256 
PHE CZ   C Y N 257 
PHE OXT  O N N 258 
PHE H    H N N 259 
PHE H2   H N N 260 
PHE HA   H N N 261 
PHE HB2  H N N 262 
PHE HB3  H N N 263 
PHE HD1  H N N 264 
PHE HD2  H N N 265 
PHE HE1  H N N 266 
PHE HE2  H N N 267 
PHE HZ   H N N 268 
PHE HXT  H N N 269 
PRO N    N N N 270 
PRO CA   C N S 271 
PRO C    C N N 272 
PRO O    O N N 273 
PRO CB   C N N 274 
PRO CG   C N N 275 
PRO CD   C N N 276 
PRO OXT  O N N 277 
PRO H    H N N 278 
PRO HA   H N N 279 
PRO HB2  H N N 280 
PRO HB3  H N N 281 
PRO HG2  H N N 282 
PRO HG3  H N N 283 
PRO HD2  H N N 284 
PRO HD3  H N N 285 
PRO HXT  H N N 286 
SER N    N N N 287 
SER CA   C N S 288 
SER C    C N N 289 
SER O    O N N 290 
SER CB   C N N 291 
SER OG   O N N 292 
SER OXT  O N N 293 
SER H    H N N 294 
SER H2   H N N 295 
SER HA   H N N 296 
SER HB2  H N N 297 
SER HB3  H N N 298 
SER HG   H N N 299 
SER HXT  H N N 300 
THR N    N N N 301 
THR CA   C N S 302 
THR C    C N N 303 
THR O    O N N 304 
THR CB   C N R 305 
THR OG1  O N N 306 
THR CG2  C N N 307 
THR OXT  O N N 308 
THR H    H N N 309 
THR H2   H N N 310 
THR HA   H N N 311 
THR HB   H N N 312 
THR HG1  H N N 313 
THR HG21 H N N 314 
THR HG22 H N N 315 
THR HG23 H N N 316 
THR HXT  H N N 317 
TRP N    N N N 318 
TRP CA   C N S 319 
TRP C    C N N 320 
TRP O    O N N 321 
TRP CB   C N N 322 
TRP CG   C Y N 323 
TRP CD1  C Y N 324 
TRP CD2  C Y N 325 
TRP NE1  N Y N 326 
TRP CE2  C Y N 327 
TRP CE3  C Y N 328 
TRP CZ2  C Y N 329 
TRP CZ3  C Y N 330 
TRP CH2  C Y N 331 
TRP OXT  O N N 332 
TRP H    H N N 333 
TRP H2   H N N 334 
TRP HA   H N N 335 
TRP HB2  H N N 336 
TRP HB3  H N N 337 
TRP HD1  H N N 338 
TRP HE1  H N N 339 
TRP HE3  H N N 340 
TRP HZ2  H N N 341 
TRP HZ3  H N N 342 
TRP HH2  H N N 343 
TRP HXT  H N N 344 
TYR N    N N N 345 
TYR CA   C N S 346 
TYR C    C N N 347 
TYR O    O N N 348 
TYR CB   C N N 349 
TYR CG   C Y N 350 
TYR CD1  C Y N 351 
TYR CD2  C Y N 352 
TYR CE1  C Y N 353 
TYR CE2  C Y N 354 
TYR CZ   C Y N 355 
TYR OH   O N N 356 
TYR OXT  O N N 357 
TYR H    H N N 358 
TYR H2   H N N 359 
TYR HA   H N N 360 
TYR HB2  H N N 361 
TYR HB3  H N N 362 
TYR HD1  H N N 363 
TYR HD2  H N N 364 
TYR HE1  H N N 365 
TYR HE2  H N N 366 
TYR HH   H N N 367 
TYR HXT  H N N 368 
VAL N    N N N 369 
VAL CA   C N S 370 
VAL C    C N N 371 
VAL O    O N N 372 
VAL CB   C N N 373 
VAL CG1  C N N 374 
VAL CG2  C N N 375 
VAL OXT  O N N 376 
VAL H    H N N 377 
VAL H2   H N N 378 
VAL HA   H N N 379 
VAL HB   H N N 380 
VAL HG11 H N N 381 
VAL HG12 H N N 382 
VAL HG13 H N N 383 
VAL HG21 H N N 384 
VAL HG22 H N N 385 
VAL HG23 H N N 386 
VAL HXT  H N N 387 
VZ6 C18  C Y N 388 
VZ6 C13  C N R 389 
VZ6 C10  C N N 390 
VZ6 C15  C Y N 391 
VZ6 C17  C Y N 392 
VZ6 C2   C N R 393 
VZ6 C20  C Y N 394 
VZ6 C22  C Y N 395 
VZ6 C24  C N R 396 
VZ6 C28  C N N 397 
VZ6 C29  C N R 398 
VZ6 C3   C N R 399 
VZ6 C31  C Y N 400 
VZ6 C33  C Y N 401 
VZ6 C34  C Y N 402 
VZ6 C36  C N N 403 
VZ6 C38  C N N 404 
VZ6 C4   C N N 405 
VZ6 C40  C N S 406 
VZ6 C8   C N R 407 
VZ6 C9   C N R 408 
VZ6 F1   F N N 409 
VZ6 F25  F N N 410 
VZ6 N14  N Y N 411 
VZ6 N16  N Y N 412 
VZ6 N19  N Y N 413 
VZ6 N21  N Y N 414 
VZ6 N23  N N N 415 
VZ6 N30  N Y N 416 
VZ6 N32  N Y N 417 
VZ6 N35  N N N 418 
VZ6 N37  N N N 419 
VZ6 O11  O N N 420 
VZ6 O12  O N N 421 
VZ6 O26  O N N 422 
VZ6 O27  O N N 423 
VZ6 O39  O N N 424 
VZ6 O41  O N N 425 
VZ6 O43  O N N 426 
VZ6 O44  O N N 427 
VZ6 O5   O N N 428 
VZ6 O7   O N N 429 
VZ6 P42  P N N 430 
VZ6 P6   P N N 431 
VZ6 H1   H N N 432 
VZ6 H2   H N N 433 
VZ6 H3   H N N 434 
VZ6 H4   H N N 435 
VZ6 H5   H N N 436 
VZ6 H6   H N N 437 
VZ6 H7   H N N 438 
VZ6 H8   H N N 439 
VZ6 H9   H N N 440 
VZ6 H10  H N N 441 
VZ6 H11  H N N 442 
VZ6 H12  H N N 443 
VZ6 H13  H N N 444 
VZ6 H14  H N N 445 
VZ6 H15  H N N 446 
VZ6 H16  H N N 447 
VZ6 H17  H N N 448 
VZ6 H18  H N N 449 
VZ6 H19  H N N 450 
VZ6 H20  H N N 451 
VZ6 H21  H N N 452 
VZ6 H22  H N N 453 
VZ6 H23  H N N 454 
# 
loop_
_chem_comp_bond.comp_id 
_chem_comp_bond.atom_id_1 
_chem_comp_bond.atom_id_2 
_chem_comp_bond.value_order 
_chem_comp_bond.pdbx_aromatic_flag 
_chem_comp_bond.pdbx_stereo_config 
_chem_comp_bond.pdbx_ordinal 
ALA N   CA   sing N N 1   
ALA N   H    sing N N 2   
ALA N   H2   sing N N 3   
ALA CA  C    sing N N 4   
ALA CA  CB   sing N N 5   
ALA CA  HA   sing N N 6   
ALA C   O    doub N N 7   
ALA C   OXT  sing N N 8   
ALA CB  HB1  sing N N 9   
ALA CB  HB2  sing N N 10  
ALA CB  HB3  sing N N 11  
ALA OXT HXT  sing N N 12  
ARG N   CA   sing N N 13  
ARG N   H    sing N N 14  
ARG N   H2   sing N N 15  
ARG CA  C    sing N N 16  
ARG CA  CB   sing N N 17  
ARG CA  HA   sing N N 18  
ARG C   O    doub N N 19  
ARG C   OXT  sing N N 20  
ARG CB  CG   sing N N 21  
ARG CB  HB2  sing N N 22  
ARG CB  HB3  sing N N 23  
ARG CG  CD   sing N N 24  
ARG CG  HG2  sing N N 25  
ARG CG  HG3  sing N N 26  
ARG CD  NE   sing N N 27  
ARG CD  HD2  sing N N 28  
ARG CD  HD3  sing N N 29  
ARG NE  CZ   sing N N 30  
ARG NE  HE   sing N N 31  
ARG CZ  NH1  sing N N 32  
ARG CZ  NH2  doub N N 33  
ARG NH1 HH11 sing N N 34  
ARG NH1 HH12 sing N N 35  
ARG NH2 HH21 sing N N 36  
ARG NH2 HH22 sing N N 37  
ARG OXT HXT  sing N N 38  
ASN N   CA   sing N N 39  
ASN N   H    sing N N 40  
ASN N   H2   sing N N 41  
ASN CA  C    sing N N 42  
ASN CA  CB   sing N N 43  
ASN CA  HA   sing N N 44  
ASN C   O    doub N N 45  
ASN C   OXT  sing N N 46  
ASN CB  CG   sing N N 47  
ASN CB  HB2  sing N N 48  
ASN CB  HB3  sing N N 49  
ASN CG  OD1  doub N N 50  
ASN CG  ND2  sing N N 51  
ASN ND2 HD21 sing N N 52  
ASN ND2 HD22 sing N N 53  
ASN OXT HXT  sing N N 54  
ASP N   CA   sing N N 55  
ASP N   H    sing N N 56  
ASP N   H2   sing N N 57  
ASP CA  C    sing N N 58  
ASP CA  CB   sing N N 59  
ASP CA  HA   sing N N 60  
ASP C   O    doub N N 61  
ASP C   OXT  sing N N 62  
ASP CB  CG   sing N N 63  
ASP CB  HB2  sing N N 64  
ASP CB  HB3  sing N N 65  
ASP CG  OD1  doub N N 66  
ASP CG  OD2  sing N N 67  
ASP OD2 HD2  sing N N 68  
ASP OXT HXT  sing N N 69  
CYS N   CA   sing N N 70  
CYS N   H    sing N N 71  
CYS N   H2   sing N N 72  
CYS CA  C    sing N N 73  
CYS CA  CB   sing N N 74  
CYS CA  HA   sing N N 75  
CYS C   O    doub N N 76  
CYS C   OXT  sing N N 77  
CYS CB  SG   sing N N 78  
CYS CB  HB2  sing N N 79  
CYS CB  HB3  sing N N 80  
CYS SG  HG   sing N N 81  
CYS OXT HXT  sing N N 82  
GLN N   CA   sing N N 83  
GLN N   H    sing N N 84  
GLN N   H2   sing N N 85  
GLN CA  C    sing N N 86  
GLN CA  CB   sing N N 87  
GLN CA  HA   sing N N 88  
GLN C   O    doub N N 89  
GLN C   OXT  sing N N 90  
GLN CB  CG   sing N N 91  
GLN CB  HB2  sing N N 92  
GLN CB  HB3  sing N N 93  
GLN CG  CD   sing N N 94  
GLN CG  HG2  sing N N 95  
GLN CG  HG3  sing N N 96  
GLN CD  OE1  doub N N 97  
GLN CD  NE2  sing N N 98  
GLN NE2 HE21 sing N N 99  
GLN NE2 HE22 sing N N 100 
GLN OXT HXT  sing N N 101 
GLU N   CA   sing N N 102 
GLU N   H    sing N N 103 
GLU N   H2   sing N N 104 
GLU CA  C    sing N N 105 
GLU CA  CB   sing N N 106 
GLU CA  HA   sing N N 107 
GLU C   O    doub N N 108 
GLU C   OXT  sing N N 109 
GLU CB  CG   sing N N 110 
GLU CB  HB2  sing N N 111 
GLU CB  HB3  sing N N 112 
GLU CG  CD   sing N N 113 
GLU CG  HG2  sing N N 114 
GLU CG  HG3  sing N N 115 
GLU CD  OE1  doub N N 116 
GLU CD  OE2  sing N N 117 
GLU OE2 HE2  sing N N 118 
GLU OXT HXT  sing N N 119 
GLY N   CA   sing N N 120 
GLY N   H    sing N N 121 
GLY N   H2   sing N N 122 
GLY CA  C    sing N N 123 
GLY CA  HA2  sing N N 124 
GLY CA  HA3  sing N N 125 
GLY C   O    doub N N 126 
GLY C   OXT  sing N N 127 
GLY OXT HXT  sing N N 128 
HIS N   CA   sing N N 129 
HIS N   H    sing N N 130 
HIS N   H2   sing N N 131 
HIS CA  C    sing N N 132 
HIS CA  CB   sing N N 133 
HIS CA  HA   sing N N 134 
HIS C   O    doub N N 135 
HIS C   OXT  sing N N 136 
HIS CB  CG   sing N N 137 
HIS CB  HB2  sing N N 138 
HIS CB  HB3  sing N N 139 
HIS CG  ND1  sing Y N 140 
HIS CG  CD2  doub Y N 141 
HIS ND1 CE1  doub Y N 142 
HIS ND1 HD1  sing N N 143 
HIS CD2 NE2  sing Y N 144 
HIS CD2 HD2  sing N N 145 
HIS CE1 NE2  sing Y N 146 
HIS CE1 HE1  sing N N 147 
HIS NE2 HE2  sing N N 148 
HIS OXT HXT  sing N N 149 
ILE N   CA   sing N N 150 
ILE N   H    sing N N 151 
ILE N   H2   sing N N 152 
ILE CA  C    sing N N 153 
ILE CA  CB   sing N N 154 
ILE CA  HA   sing N N 155 
ILE C   O    doub N N 156 
ILE C   OXT  sing N N 157 
ILE CB  CG1  sing N N 158 
ILE CB  CG2  sing N N 159 
ILE CB  HB   sing N N 160 
ILE CG1 CD1  sing N N 161 
ILE CG1 HG12 sing N N 162 
ILE CG1 HG13 sing N N 163 
ILE CG2 HG21 sing N N 164 
ILE CG2 HG22 sing N N 165 
ILE CG2 HG23 sing N N 166 
ILE CD1 HD11 sing N N 167 
ILE CD1 HD12 sing N N 168 
ILE CD1 HD13 sing N N 169 
ILE OXT HXT  sing N N 170 
LEU N   CA   sing N N 171 
LEU N   H    sing N N 172 
LEU N   H2   sing N N 173 
LEU CA  C    sing N N 174 
LEU CA  CB   sing N N 175 
LEU CA  HA   sing N N 176 
LEU C   O    doub N N 177 
LEU C   OXT  sing N N 178 
LEU CB  CG   sing N N 179 
LEU CB  HB2  sing N N 180 
LEU CB  HB3  sing N N 181 
LEU CG  CD1  sing N N 182 
LEU CG  CD2  sing N N 183 
LEU CG  HG   sing N N 184 
LEU CD1 HD11 sing N N 185 
LEU CD1 HD12 sing N N 186 
LEU CD1 HD13 sing N N 187 
LEU CD2 HD21 sing N N 188 
LEU CD2 HD22 sing N N 189 
LEU CD2 HD23 sing N N 190 
LEU OXT HXT  sing N N 191 
LYS N   CA   sing N N 192 
LYS N   H    sing N N 193 
LYS N   H2   sing N N 194 
LYS CA  C    sing N N 195 
LYS CA  CB   sing N N 196 
LYS CA  HA   sing N N 197 
LYS C   O    doub N N 198 
LYS C   OXT  sing N N 199 
LYS CB  CG   sing N N 200 
LYS CB  HB2  sing N N 201 
LYS CB  HB3  sing N N 202 
LYS CG  CD   sing N N 203 
LYS CG  HG2  sing N N 204 
LYS CG  HG3  sing N N 205 
LYS CD  CE   sing N N 206 
LYS CD  HD2  sing N N 207 
LYS CD  HD3  sing N N 208 
LYS CE  NZ   sing N N 209 
LYS CE  HE2  sing N N 210 
LYS CE  HE3  sing N N 211 
LYS NZ  HZ1  sing N N 212 
LYS NZ  HZ2  sing N N 213 
LYS NZ  HZ3  sing N N 214 
LYS OXT HXT  sing N N 215 
MET N   CA   sing N N 216 
MET N   H    sing N N 217 
MET N   H2   sing N N 218 
MET CA  C    sing N N 219 
MET CA  CB   sing N N 220 
MET CA  HA   sing N N 221 
MET C   O    doub N N 222 
MET C   OXT  sing N N 223 
MET CB  CG   sing N N 224 
MET CB  HB2  sing N N 225 
MET CB  HB3  sing N N 226 
MET CG  SD   sing N N 227 
MET CG  HG2  sing N N 228 
MET CG  HG3  sing N N 229 
MET SD  CE   sing N N 230 
MET CE  HE1  sing N N 231 
MET CE  HE2  sing N N 232 
MET CE  HE3  sing N N 233 
MET OXT HXT  sing N N 234 
PHE N   CA   sing N N 235 
PHE N   H    sing N N 236 
PHE N   H2   sing N N 237 
PHE CA  C    sing N N 238 
PHE CA  CB   sing N N 239 
PHE CA  HA   sing N N 240 
PHE C   O    doub N N 241 
PHE C   OXT  sing N N 242 
PHE CB  CG   sing N N 243 
PHE CB  HB2  sing N N 244 
PHE CB  HB3  sing N N 245 
PHE CG  CD1  doub Y N 246 
PHE CG  CD2  sing Y N 247 
PHE CD1 CE1  sing Y N 248 
PHE CD1 HD1  sing N N 249 
PHE CD2 CE2  doub Y N 250 
PHE CD2 HD2  sing N N 251 
PHE CE1 CZ   doub Y N 252 
PHE CE1 HE1  sing N N 253 
PHE CE2 CZ   sing Y N 254 
PHE CE2 HE2  sing N N 255 
PHE CZ  HZ   sing N N 256 
PHE OXT HXT  sing N N 257 
PRO N   CA   sing N N 258 
PRO N   CD   sing N N 259 
PRO N   H    sing N N 260 
PRO CA  C    sing N N 261 
PRO CA  CB   sing N N 262 
PRO CA  HA   sing N N 263 
PRO C   O    doub N N 264 
PRO C   OXT  sing N N 265 
PRO CB  CG   sing N N 266 
PRO CB  HB2  sing N N 267 
PRO CB  HB3  sing N N 268 
PRO CG  CD   sing N N 269 
PRO CG  HG2  sing N N 270 
PRO CG  HG3  sing N N 271 
PRO CD  HD2  sing N N 272 
PRO CD  HD3  sing N N 273 
PRO OXT HXT  sing N N 274 
SER N   CA   sing N N 275 
SER N   H    sing N N 276 
SER N   H2   sing N N 277 
SER CA  C    sing N N 278 
SER CA  CB   sing N N 279 
SER CA  HA   sing N N 280 
SER C   O    doub N N 281 
SER C   OXT  sing N N 282 
SER CB  OG   sing N N 283 
SER CB  HB2  sing N N 284 
SER CB  HB3  sing N N 285 
SER OG  HG   sing N N 286 
SER OXT HXT  sing N N 287 
THR N   CA   sing N N 288 
THR N   H    sing N N 289 
THR N   H2   sing N N 290 
THR CA  C    sing N N 291 
THR CA  CB   sing N N 292 
THR CA  HA   sing N N 293 
THR C   O    doub N N 294 
THR C   OXT  sing N N 295 
THR CB  OG1  sing N N 296 
THR CB  CG2  sing N N 297 
THR CB  HB   sing N N 298 
THR OG1 HG1  sing N N 299 
THR CG2 HG21 sing N N 300 
THR CG2 HG22 sing N N 301 
THR CG2 HG23 sing N N 302 
THR OXT HXT  sing N N 303 
TRP N   CA   sing N N 304 
TRP N   H    sing N N 305 
TRP N   H2   sing N N 306 
TRP CA  C    sing N N 307 
TRP CA  CB   sing N N 308 
TRP CA  HA   sing N N 309 
TRP C   O    doub N N 310 
TRP C   OXT  sing N N 311 
TRP CB  CG   sing N N 312 
TRP CB  HB2  sing N N 313 
TRP CB  HB3  sing N N 314 
TRP CG  CD1  doub Y N 315 
TRP CG  CD2  sing Y N 316 
TRP CD1 NE1  sing Y N 317 
TRP CD1 HD1  sing N N 318 
TRP CD2 CE2  doub Y N 319 
TRP CD2 CE3  sing Y N 320 
TRP NE1 CE2  sing Y N 321 
TRP NE1 HE1  sing N N 322 
TRP CE2 CZ2  sing Y N 323 
TRP CE3 CZ3  doub Y N 324 
TRP CE3 HE3  sing N N 325 
TRP CZ2 CH2  doub Y N 326 
TRP CZ2 HZ2  sing N N 327 
TRP CZ3 CH2  sing Y N 328 
TRP CZ3 HZ3  sing N N 329 
TRP CH2 HH2  sing N N 330 
TRP OXT HXT  sing N N 331 
TYR N   CA   sing N N 332 
TYR N   H    sing N N 333 
TYR N   H2   sing N N 334 
TYR CA  C    sing N N 335 
TYR CA  CB   sing N N 336 
TYR CA  HA   sing N N 337 
TYR C   O    doub N N 338 
TYR C   OXT  sing N N 339 
TYR CB  CG   sing N N 340 
TYR CB  HB2  sing N N 341 
TYR CB  HB3  sing N N 342 
TYR CG  CD1  doub Y N 343 
TYR CG  CD2  sing Y N 344 
TYR CD1 CE1  sing Y N 345 
TYR CD1 HD1  sing N N 346 
TYR CD2 CE2  doub Y N 347 
TYR CD2 HD2  sing N N 348 
TYR CE1 CZ   doub Y N 349 
TYR CE1 HE1  sing N N 350 
TYR CE2 CZ   sing Y N 351 
TYR CE2 HE2  sing N N 352 
TYR CZ  OH   sing N N 353 
TYR OH  HH   sing N N 354 
TYR OXT HXT  sing N N 355 
VAL N   CA   sing N N 356 
VAL N   H    sing N N 357 
VAL N   H2   sing N N 358 
VAL CA  C    sing N N 359 
VAL CA  CB   sing N N 360 
VAL CA  HA   sing N N 361 
VAL C   O    doub N N 362 
VAL C   OXT  sing N N 363 
VAL CB  CG1  sing N N 364 
VAL CB  CG2  sing N N 365 
VAL CB  HB   sing N N 366 
VAL CG1 HG11 sing N N 367 
VAL CG1 HG12 sing N N 368 
VAL CG1 HG13 sing N N 369 
VAL CG2 HG21 sing N N 370 
VAL CG2 HG22 sing N N 371 
VAL CG2 HG23 sing N N 372 
VAL OXT HXT  sing N N 373 
VZ6 O27 P6   doub N N 374 
VZ6 O5  P6   sing N N 375 
VZ6 O5  C4   sing N N 376 
VZ6 O26 P6   sing N N 377 
VZ6 P6  O7   sing N N 378 
VZ6 C4  C3   sing N N 379 
VZ6 C3  C28  sing N N 380 
VZ6 C3  C2   sing N N 381 
VZ6 C28 C29  sing N N 382 
VZ6 C31 N32  doub Y N 383 
VZ6 C31 N30  sing Y N 384 
VZ6 N32 C33  sing Y N 385 
VZ6 O7  C8   sing N N 386 
VZ6 N30 C29  sing N N 387 
VZ6 N30 C34  sing Y N 388 
VZ6 C33 C38  sing N N 389 
VZ6 C33 C34  doub Y N 390 
VZ6 O39 C38  doub N N 391 
VZ6 C29 C40  sing N N 392 
VZ6 F25 C24  sing N N 393 
VZ6 C2  F1   sing N N 394 
VZ6 C2  C40  sing N N 395 
VZ6 C38 N37  sing N N 396 
VZ6 C34 N35  sing N N 397 
VZ6 C24 C8   sing N N 398 
VZ6 C24 C13  sing N N 399 
VZ6 C20 N19  doub Y N 400 
VZ6 C20 N21  sing Y N 401 
VZ6 C8  C9   sing N N 402 
VZ6 N19 C18  sing Y N 403 
VZ6 N21 C22  doub Y N 404 
VZ6 C40 O41  sing N N 405 
VZ6 N37 C36  sing N N 406 
VZ6 N35 C36  doub N N 407 
VZ6 C18 C17  doub Y N 408 
VZ6 C18 N14  sing Y N 409 
VZ6 C22 N23  sing N N 410 
VZ6 C22 C17  sing Y N 411 
VZ6 C13 N14  sing N N 412 
VZ6 C13 O12  sing N N 413 
VZ6 C17 N16  sing Y N 414 
VZ6 N14 C15  sing Y N 415 
VZ6 C9  O12  sing N N 416 
VZ6 C9  C10  sing N N 417 
VZ6 O41 P42  sing N N 418 
VZ6 O11 C10  sing N N 419 
VZ6 O11 P42  sing N N 420 
VZ6 N16 C15  doub Y N 421 
VZ6 P42 O43  doub N N 422 
VZ6 P42 O44  sing N N 423 
VZ6 C13 H1   sing N N 424 
VZ6 C10 H2   sing N N 425 
VZ6 C10 H3   sing N N 426 
VZ6 C15 H4   sing N N 427 
VZ6 C2  H5   sing N N 428 
VZ6 C20 H6   sing N N 429 
VZ6 C24 H7   sing N N 430 
VZ6 C28 H8   sing N N 431 
VZ6 C28 H9   sing N N 432 
VZ6 C29 H10  sing N N 433 
VZ6 C3  H11  sing N N 434 
VZ6 C31 H12  sing N N 435 
VZ6 C36 H13  sing N N 436 
VZ6 C4  H14  sing N N 437 
VZ6 C4  H15  sing N N 438 
VZ6 C40 H16  sing N N 439 
VZ6 C8  H17  sing N N 440 
VZ6 C9  H18  sing N N 441 
VZ6 N23 H19  sing N N 442 
VZ6 N23 H20  sing N N 443 
VZ6 N37 H21  sing N N 444 
VZ6 O26 H22  sing N N 445 
VZ6 O44 H23  sing N N 446 
# 
_pdbx_audit_support.funding_organization   'Not funded' 
_pdbx_audit_support.country                ? 
_pdbx_audit_support.grant_number           ? 
_pdbx_audit_support.ordinal                1 
# 
_pdbx_entity_instance_feature.ordinal        1 
_pdbx_entity_instance_feature.comp_id        VZ6 
_pdbx_entity_instance_feature.asym_id        ? 
_pdbx_entity_instance_feature.seq_num        ? 
_pdbx_entity_instance_feature.auth_comp_id   VZ6 
_pdbx_entity_instance_feature.auth_asym_id   ? 
_pdbx_entity_instance_feature.auth_seq_num   ? 
_pdbx_entity_instance_feature.feature_type   'SUBJECT OF INVESTIGATION' 
_pdbx_entity_instance_feature.details        ? 
# 
_pdbx_initial_refinement_model.id               1 
_pdbx_initial_refinement_model.entity_id_list   ? 
_pdbx_initial_refinement_model.type             'experimental model' 
_pdbx_initial_refinement_model.source_name      PDB 
_pdbx_initial_refinement_model.accession_code   4KSY 
_pdbx_initial_refinement_model.details          ? 
# 
_space_group.name_H-M_alt     'C 1 2 1' 
_space_group.name_Hall        'C 2y' 
_space_group.IT_number        5 
_space_group.crystal_system   monoclinic 
_space_group.id               1 
# 
_atom_sites.entry_id                    8ORW 
_atom_sites.Cartn_transf_matrix[1][1]   ? 
_atom_sites.Cartn_transf_matrix[1][2]   ? 
_atom_sites.Cartn_transf_matrix[1][3]   ? 
_atom_sites.Cartn_transf_matrix[2][1]   ? 
_atom_sites.Cartn_transf_matrix[2][2]   ? 
_atom_sites.Cartn_transf_matrix[2][3]   ? 
_atom_sites.Cartn_transf_matrix[3][1]   ? 
_atom_sites.Cartn_transf_matrix[3][2]   ? 
_atom_sites.Cartn_transf_matrix[3][3]   ? 
_atom_sites.Cartn_transf_vector[1]      ? 
_atom_sites.Cartn_transf_vector[2]      ? 
_atom_sites.Cartn_transf_vector[3]      ? 
_atom_sites.fract_transf_matrix[1][1]   0.00878899 
_atom_sites.fract_transf_matrix[1][2]   0.00668031 
_atom_sites.fract_transf_matrix[1][3]   0.00229151 
_atom_sites.fract_transf_matrix[2][1]   -0.00193739 
_atom_sites.fract_transf_matrix[2][2]   -0.00174850 
_atom_sites.fract_transf_matrix[2][3]   0.01252807 
_atom_sites.fract_transf_matrix[3][1]   0.01974606 
_atom_sites.fract_transf_matrix[3][2]   -0.01993870 
_atom_sites.fract_transf_matrix[3][3]   0.00027083 
_atom_sites.fract_transf_vector[1]      0.354251 
_atom_sites.fract_transf_vector[2]      0.372678 
_atom_sites.fract_transf_vector[3]      -0.024138 
_atom_sites.solution_primary            ? 
_atom_sites.solution_secondary          ? 
_atom_sites.solution_hydrogens          ? 
_atom_sites.special_details             ? 
# 
loop_
_atom_type.symbol 
_atom_type.scat_dispersion_real 
_atom_type.scat_dispersion_imag 
_atom_type.scat_Cromer_Mann_a1 
_atom_type.scat_Cromer_Mann_a2 
_atom_type.scat_Cromer_Mann_a3 
_atom_type.scat_Cromer_Mann_a4 
_atom_type.scat_Cromer_Mann_b1 
_atom_type.scat_Cromer_Mann_b2 
_atom_type.scat_Cromer_Mann_b3 
_atom_type.scat_Cromer_Mann_b4 
_atom_type.scat_Cromer_Mann_c 
_atom_type.scat_source 
_atom_type.scat_dispersion_source 
C   ? ? 3.54356 2.42580 ? ? 25.62398 1.50364  ? ? 0.0 
;2-Gaussian fit: Grosse-Kunstleve RW, Sauter NK, Adams PD: Newsletter of the IUCr Commission on Crystallographic Computing 2004, 3, 22-31.
;
? 
F   ? ? 8.95735 ?       ? ? 7.27484  ?        ? ? 0.0 
;1-Gaussian fit: Grosse-Kunstleve RW, Sauter NK, Adams PD: Newsletter of the IUCr Commission on Crystallographic Computing 2004, 3, 22-31.
;
? 
N   ? ? 6.96715 ?       ? ? 11.43723 ?        ? ? 0.0 
;1-Gaussian fit: Grosse-Kunstleve RW, Sauter NK, Adams PD: Newsletter of the IUCr Commission on Crystallographic Computing 2004, 3, 22-31.
;
? 
O   ? ? 7.96527 ?       ? ? 9.05267  ?        ? ? 0.0 
;1-Gaussian fit: Grosse-Kunstleve RW, Sauter NK, Adams PD: Newsletter of the IUCr Commission on Crystallographic Computing 2004, 3, 22-31.
;
? 
O1- ? ? 5.12366 3.84317 ? ? 3.49406  27.47979 ? ? 0.0 
;2-Gaussian fit: Grosse-Kunstleve RW, Sauter NK, Adams PD: Newsletter of the IUCr Commission on Crystallographic Computing 2004, 3, 22-31.
;
? 
P   ? ? 9.51135 5.44231 ? ? 1.42069  35.72801 ? ? 0.0 
;2-Gaussian fit: Grosse-Kunstleve RW, Sauter NK, Adams PD: Newsletter of the IUCr Commission on Crystallographic Computing 2004, 3, 22-31.
;
? 
S   ? ? 9.55732 6.39887 ? ? 1.23737  29.19336 ? ? 0.0 
;2-Gaussian fit: Grosse-Kunstleve RW, Sauter NK, Adams PD: Newsletter of the IUCr Commission on Crystallographic Computing 2004, 3, 22-31.
;
? 
# 
loop_
_atom_site.group_PDB 
_atom_site.id 
_atom_site.type_symbol 
_atom_site.label_atom_id 
_atom_site.label_alt_id 
_atom_site.label_comp_id 
_atom_site.label_asym_id 
_atom_site.label_entity_id 
_atom_site.label_seq_id 
_atom_site.pdbx_PDB_ins_code 
_atom_site.Cartn_x 
_atom_site.Cartn_y 
_atom_site.Cartn_z 
_atom_site.occupancy 
_atom_site.B_iso_or_equiv 
_atom_site.pdbx_formal_charge 
_atom_site.auth_seq_id 
_atom_site.auth_comp_id 
_atom_site.auth_asym_id 
_atom_site.auth_atom_id 
_atom_site.pdbx_PDB_model_num 
ATOM   1    N N   . ASN A 1 15  ? 10.22652  7.29575   -17.71446 1.000 51.67600  ?  154 ASN A N   1 
ATOM   2    C CA  . ASN A 1 15  ? 10.15915  8.72996   -17.46546 1.000 69.10108  ?  154 ASN A CA  1 
ATOM   3    C C   . ASN A 1 15  ? 10.11645  9.00369   -15.95989 1.000 81.79467  ?  154 ASN A C   1 
ATOM   4    O O   . ASN A 1 15  ? 10.87451  8.40521   -15.19482 1.000 75.10026  ?  154 ASN A O   1 
ATOM   5    C CB  . ASN A 1 15  ? 8.94002   9.33428   -18.17130 1.000 77.57914  ?  154 ASN A CB  1 
ATOM   6    C CG  . ASN A 1 15  ? 9.06187   10.83575  -18.37293 1.000 79.81406  ?  154 ASN A CG  1 
ATOM   7    O OD1 . ASN A 1 15  ? 8.14638   11.59149  -18.04948 1.000 84.26078  ?  154 ASN A OD1 1 
ATOM   8    N ND2 . ASN A 1 15  ? 10.20006  11.27318  -18.89890 1.000 77.40511  ?  154 ASN A ND2 1 
ATOM   9    N N   . VAL A 1 16  ? 9.22579   9.90776   -15.54141 1.000 85.76306  ?  155 VAL A N   1 
ATOM   10   C CA  . VAL A 1 16  ? 9.13280   10.27258  -14.12896 1.000 70.23837  ?  155 VAL A CA  1 
ATOM   11   C C   . VAL A 1 16  ? 8.71247   9.07103   -13.29320 1.000 59.18546  ?  155 VAL A C   1 
ATOM   12   O O   . VAL A 1 16  ? 9.24395   8.84094   -12.19918 1.000 65.02132  ?  155 VAL A O   1 
ATOM   13   C CB  . VAL A 1 16  ? 8.16649   11.45741  -13.94755 1.000 71.14953  ?  155 VAL A CB  1 
ATOM   14   C CG1 . VAL A 1 16  ? 7.96266   11.76259  -12.47067 1.000 68.70188  ?  155 VAL A CG1 1 
ATOM   15   C CG2 . VAL A 1 16  ? 8.68949   12.68321  -14.68028 1.000 82.62116  ?  155 VAL A CG2 1 
ATOM   16   N N   . ALA A 1 17  ? 7.75599   8.28589   -13.79380 1.000 52.97236  ?  156 ALA A N   1 
ATOM   17   C CA  . ALA A 1 17  ? 7.27376   7.13024   -13.04497 1.000 57.76468  ?  156 ALA A CA  1 
ATOM   18   C C   . ALA A 1 17  ? 8.38198   6.10977   -12.81887 1.000 54.88872  ?  156 ALA A C   1 
ATOM   19   O O   . ALA A 1 17  ? 8.44284   5.47508   -11.75911 1.000 54.55915  ?  156 ALA A O   1 
ATOM   20   C CB  . ALA A 1 17  ? 6.09686   6.48822   -13.77521 1.000 56.16999  ?  156 ALA A CB  1 
ATOM   21   N N   . HIS A 1 18  ? 9.26600   5.93879   -13.80410 1.000 59.04971  ?  157 HIS A N   1 
ATOM   22   C CA  . HIS A 1 18  ? 10.34743  4.96649   -13.67451 1.000 61.76559  ?  157 HIS A CA  1 
ATOM   23   C C   . HIS A 1 18  ? 11.22449  5.28143   -12.46835 1.000 66.73050  ?  157 HIS A C   1 
ATOM   24   O O   . HIS A 1 18  ? 11.57014  4.38736   -11.68675 1.000 73.27003  ?  157 HIS A O   1 
ATOM   25   C CB  . HIS A 1 18  ? 11.17949  4.93987   -14.95713 1.000 66.62312  ?  157 HIS A CB  1 
ATOM   26   C CG  . HIS A 1 18  ? 12.33589  3.99004   -14.90882 1.000 72.74024  ?  157 HIS A CG  1 
ATOM   27   N ND1 . HIS A 1 18  ? 13.62408  4.39964   -14.63917 1.000 74.69785  ?  157 HIS A ND1 1 
ATOM   28   C CD2 . HIS A 1 18  ? 12.39881  2.65078   -15.09622 1.000 80.50223  ?  157 HIS A CD2 1 
ATOM   29   C CE1 . HIS A 1 18  ? 14.43036  3.35402   -14.66348 1.000 73.36594  ?  157 HIS A CE1 1 
ATOM   30   N NE2 . HIS A 1 18  ? 13.71216  2.28011   -14.93873 1.000 83.03366  ?  157 HIS A NE2 1 
ATOM   31   N N   . GLY A 1 19  ? 11.58727  6.55367   -12.29699 1.000 63.01240  ?  158 GLY A N   1 
ATOM   32   C CA  . GLY A 1 19  ? 12.33807  6.94171   -11.11445 1.000 60.98738  ?  158 GLY A CA  1 
ATOM   33   C C   . GLY A 1 19  ? 11.54563  6.75558   -9.83497  1.000 48.13666  ?  158 GLY A C   1 
ATOM   34   O O   . GLY A 1 19  ? 12.08185  6.30532   -8.82100  1.000 55.70311  ?  158 GLY A O   1 
ATOM   35   N N   . LEU A 1 20  ? 10.25672  7.10294   -9.86426  1.000 50.05743  ?  159 LEU A N   1 
ATOM   36   C CA  . LEU A 1 20  ? 9.41791   6.93432   -8.68245  1.000 53.65380  ?  159 LEU A CA  1 
ATOM   37   C C   . LEU A 1 20  ? 9.24506   5.46319   -8.33124  1.000 65.79662  ?  159 LEU A C   1 
ATOM   38   O O   . LEU A 1 20  ? 9.22448   5.09998   -7.14812  1.000 57.92446  ?  159 LEU A O   1 
ATOM   39   C CB  . LEU A 1 20  ? 8.05875   7.59940   -8.90094  1.000 38.03363  ?  159 LEU A CB  1 
ATOM   40   C CG  . LEU A 1 20  ? 8.09449   9.10020   -9.19464  1.000 43.38050  ?  159 LEU A CG  1 
ATOM   41   C CD1 . LEU A 1 20  ? 6.69132   9.67778   -9.22683  1.000 49.67953  ?  159 LEU A CD1 1 
ATOM   42   C CD2 . LEU A 1 20  ? 8.95595   9.82925   -8.17518  1.000 40.33307  ?  159 LEU A CD2 1 
ATOM   43   N N   . ALA A 1 21  ? 9.10819   4.60171   -9.34396  1.000 58.49004  ?  160 ALA A N   1 
ATOM   44   C CA  . ALA A 1 21  ? 8.93528   3.17569   -9.08657  1.000 48.08040  ?  160 ALA A CA  1 
ATOM   45   C C   . ALA A 1 21  ? 10.16302  2.58523   -8.40300  1.000 55.01718  ?  160 ALA A C   1 
ATOM   46   O O   . ALA A 1 21  ? 10.04680  1.86440   -7.40512  1.000 48.19505  ?  160 ALA A O   1 
ATOM   47   C CB  . ALA A 1 21  ? 8.63698   2.44169   -10.39348 1.000 43.64466  ?  160 ALA A CB  1 
ATOM   48   N N   . TRP A 1 22  ? 11.35417  2.89081   -8.92284  1.000 60.16966  ?  161 TRP A N   1 
ATOM   49   C CA  . TRP A 1 22  ? 12.57729  2.40342   -8.29303  1.000 54.35304  ?  161 TRP A CA  1 
ATOM   50   C C   . TRP A 1 22  ? 12.77910  3.03429   -6.92145  1.000 48.61474  ?  161 TRP A C   1 
ATOM   51   O O   . TRP A 1 22  ? 13.28837  2.38292   -6.00305  1.000 42.39942  ?  161 TRP A O   1 
ATOM   52   C CB  . TRP A 1 22  ? 13.77924  2.66944   -9.19671  1.000 54.95481  ?  161 TRP A CB  1 
ATOM   53   C CG  . TRP A 1 22  ? 13.99347  1.58717   -10.20126 1.000 64.10995  ?  161 TRP A CG  1 
ATOM   54   C CD1 . TRP A 1 22  ? 13.60132  1.58781   -11.50800 1.000 62.25602  ?  161 TRP A CD1 1 
ATOM   55   C CD2 . TRP A 1 22  ? 14.63768  0.32813   -9.97602  1.000 66.87238  ?  161 TRP A CD2 1 
ATOM   56   N NE1 . TRP A 1 22  ? 13.96922  0.40981   -12.11297 1.000 60.77635  ?  161 TRP A NE1 1 
ATOM   57   C CE2 . TRP A 1 22  ? 14.60647  -0.38082  -11.19319 1.000 55.83291  ?  161 TRP A CE2 1 
ATOM   58   C CE3 . TRP A 1 22  ? 15.23910  -0.26735  -8.86396  1.000 60.46476  ?  161 TRP A CE3 1 
ATOM   59   C CZ2 . TRP A 1 22  ? 15.15463  -1.65261  -11.32882 1.000 53.40245  ?  161 TRP A CZ2 1 
ATOM   60   C CZ3 . TRP A 1 22  ? 15.78331  -1.53041  -9.00103  1.000 62.97876  ?  161 TRP A CZ3 1 
ATOM   61   C CH2 . TRP A 1 22  ? 15.73705  -2.20931  -10.22451 1.000 66.63572  ?  161 TRP A CH2 1 
ATOM   62   N N   . SER A 1 23  ? 12.38744  4.30088   -6.76643  1.000 59.32154  ?  162 SER A N   1 
ATOM   63   C CA  . SER A 1 23  ? 12.43225  4.92754   -5.44935  1.000 55.97886  ?  162 SER A CA  1 
ATOM   64   C C   . SER A 1 23  ? 11.52129  4.20053   -4.47103  1.000 57.74313  ?  162 SER A C   1 
ATOM   65   O O   . SER A 1 23  ? 11.86134  4.04239   -3.29239  1.000 57.42840  ?  162 SER A O   1 
ATOM   66   C CB  . SER A 1 23  ? 12.04417  6.40102   -5.55601  1.000 51.29009  ?  162 SER A CB  1 
ATOM   67   O OG  . SER A 1 23  ? 12.08902  7.03406   -4.29013  1.000 67.06697  ?  162 SER A OG  1 
ATOM   68   N N   . TYR A 1 24  ? 10.35580  3.75347   -4.94350  1.000 60.33315  ?  163 TYR A N   1 
ATOM   69   C CA  . TYR A 1 24  ? 9.43528   3.00964   -4.09159  1.000 52.83355  ?  163 TYR A CA  1 
ATOM   70   C C   . TYR A 1 24  ? 10.05960  1.70190   -3.61881  1.000 45.54461  ?  163 TYR A C   1 
ATOM   71   O O   . TYR A 1 24  ? 9.98891   1.35806   -2.43359  1.000 48.29328  ?  163 TYR A O   1 
ATOM   72   C CB  . TYR A 1 24  ? 8.13418   2.74948   -4.85311  1.000 53.64080  ?  163 TYR A CB  1 
ATOM   73   C CG  . TYR A 1 24  ? 6.94959   2.38471   -3.98812  1.000 57.78310  ?  163 TYR A CG  1 
ATOM   74   C CD1 . TYR A 1 24  ? 6.55254   3.20488   -2.94014  1.000 56.12196  ?  163 TYR A CD1 1 
ATOM   75   C CD2 . TYR A 1 24  ? 6.20849   1.23499   -4.23765  1.000 48.94917  ?  163 TYR A CD2 1 
ATOM   76   C CE1 . TYR A 1 24  ? 5.46281   2.88232   -2.15366  1.000 42.85465  ?  163 TYR A CE1 1 
ATOM   77   C CE2 . TYR A 1 24  ? 5.11732   0.90530   -3.45648  1.000 40.68101  ?  163 TYR A CE2 1 
ATOM   78   C CZ  . TYR A 1 24  ? 4.74945   1.73316   -2.41619  1.000 41.27963  ?  163 TYR A CZ  1 
ATOM   79   O OH  . TYR A 1 24  ? 3.66413   1.41067   -1.63515  1.000 50.69647  ?  163 TYR A OH  1 
ATOM   80   N N   . TYR A 1 25  ? 10.68475  0.96019   -4.53680  1.000 46.65440  ?  164 TYR A N   1 
ATOM   81   C CA  . TYR A 1 25  ? 11.28086  -0.32206  -4.17209  1.000 43.82957  ?  164 TYR A CA  1 
ATOM   82   C C   . TYR A 1 25  ? 12.50956  -0.13477  -3.28994  1.000 53.62932  ?  164 TYR A C   1 
ATOM   83   O O   . TYR A 1 25  ? 12.62501  -0.76186  -2.23089  1.000 58.91536  ?  164 TYR A O   1 
ATOM   84   C CB  . TYR A 1 25  ? 11.63793  -1.10872  -5.43301  1.000 38.15329  ?  164 TYR A CB  1 
ATOM   85   C CG  . TYR A 1 25  ? 12.51679  -2.31373  -5.17927  1.000 39.98404  ?  164 TYR A CG  1 
ATOM   86   C CD1 . TYR A 1 25  ? 12.02518  -3.42916  -4.51515  1.000 43.35871  ?  164 TYR A CD1 1 
ATOM   87   C CD2 . TYR A 1 25  ? 13.83558  -2.33944  -5.61529  1.000 45.69171  ?  164 TYR A CD2 1 
ATOM   88   C CE1 . TYR A 1 25  ? 12.82300  -4.53456  -4.28353  1.000 55.02683  ?  164 TYR A CE1 1 
ATOM   89   C CE2 . TYR A 1 25  ? 14.64158  -3.44105  -5.39005  1.000 59.22993  ?  164 TYR A CE2 1 
ATOM   90   C CZ  . TYR A 1 25  ? 14.13050  -4.53490  -4.72286  1.000 62.57083  ?  164 TYR A CZ  1 
ATOM   91   O OH  . TYR A 1 25  ? 14.92780  -5.63386  -4.49656  1.000 59.69920  ?  164 TYR A OH  1 
ATOM   92   N N   . ILE A 1 26  ? 13.43022  0.73759   -3.70407  1.000 52.58306  ?  165 ILE A N   1 
ATOM   93   C CA  . ILE A 1 26  ? 14.70223  0.87249   -2.99823  1.000 43.52978  ?  165 ILE A CA  1 
ATOM   94   C C   . ILE A 1 26  ? 14.49582  1.49743   -1.62422  1.000 36.11568  ?  165 ILE A C   1 
ATOM   95   O O   . ILE A 1 26  ? 15.13583  1.09743   -0.64336  1.000 42.98105  ?  165 ILE A O   1 
ATOM   96   C CB  . ILE A 1 26  ? 15.69525  1.68107   -3.85032  1.000 48.34971  ?  165 ILE A CB  1 
ATOM   97   C CG1 . ILE A 1 26  ? 16.01585  0.92544   -5.14116  1.000 45.34304  ?  165 ILE A CG1 1 
ATOM   98   C CG2 . ILE A 1 26  ? 16.96381  1.97549   -3.06453  1.000 34.98237  ?  165 ILE A CG2 1 
ATOM   99   C CD1 . ILE A 1 26  ? 16.73759  1.75850   -6.17274  1.000 52.96197  ?  165 ILE A CD1 1 
ATOM   100  N N   . GLY A 1 27  ? 13.60493  2.47857   -1.52495  1.000 41.37987  ?  166 GLY A N   1 
ATOM   101  C CA  . GLY A 1 27  ? 13.41419  3.18492   -0.27403  1.000 45.09271  ?  166 GLY A CA  1 
ATOM   102  C C   . GLY A 1 27  ? 12.50366  2.50653   0.72952   1.000 62.90286  ?  166 GLY A C   1 
ATOM   103  O O   . GLY A 1 27  ? 12.73407  2.60617   1.93843   1.000 65.43828  ?  166 GLY A O   1 
ATOM   104  N N   . TYR A 1 28  ? 11.45770  1.82734   0.25336   1.000 64.01944  ?  167 TYR A N   1 
ATOM   105  C CA  . TYR A 1 28  ? 10.42739  1.28766   1.13620   1.000 64.07464  ?  167 TYR A CA  1 
ATOM   106  C C   . TYR A 1 28  ? 10.28676  -0.22510  1.04734   1.000 59.21731  ?  167 TYR A C   1 
ATOM   107  O O   . TYR A 1 28  ? 10.41237  -0.91163  2.06699   1.000 57.70660  ?  167 TYR A O   1 
ATOM   108  C CB  . TYR A 1 28  ? 9.09626   1.96913   0.80584   1.000 55.79922  ?  167 TYR A CB  1 
ATOM   109  C CG  . TYR A 1 28  ? 7.90390   1.52836   1.61613   1.000 51.18707  ?  167 TYR A CG  1 
ATOM   110  C CD1 . TYR A 1 28  ? 7.83239   1.77727   2.97997   1.000 53.41698  ?  167 TYR A CD1 1 
ATOM   111  C CD2 . TYR A 1 28  ? 6.82769   0.90042   1.00557   1.000 52.84890  ?  167 TYR A CD2 1 
ATOM   112  C CE1 . TYR A 1 28  ? 6.72987   1.38929   3.71755   1.000 58.16660  ?  167 TYR A CE1 1 
ATOM   113  C CE2 . TYR A 1 28  ? 5.72307   0.50883   1.73312   1.000 54.73273  ?  167 TYR A CE2 1 
ATOM   114  C CZ  . TYR A 1 28  ? 5.67745   0.75790   3.08669   1.000 55.08040  ?  167 TYR A CZ  1 
ATOM   115  O OH  . TYR A 1 28  ? 4.57718   0.36638   3.81390   1.000 58.89873  ?  167 TYR A OH  1 
ATOM   116  N N   . LEU A 1 29  ? 10.03907  -0.77092  -0.14683  1.000 52.66275  ?  168 LEU A N   1 
ATOM   117  C CA  . LEU A 1 29  ? 9.66604   -2.17765  -0.24967  1.000 40.92911  ?  168 LEU A CA  1 
ATOM   118  C C   . LEU A 1 29  ? 10.84643  -3.09335  0.04307   1.000 49.94462  ?  168 LEU A C   1 
ATOM   119  O O   . LEU A 1 29  ? 10.69167  -4.11426  0.72141   1.000 55.42687  ?  168 LEU A O   1 
ATOM   120  C CB  . LEU A 1 29  ? 9.08780   -2.46651  -1.63479  1.000 52.50331  ?  168 LEU A CB  1 
ATOM   121  C CG  . LEU A 1 29  ? 7.67422   -1.93455  -1.88436  1.000 53.40160  ?  168 LEU A CG  1 
ATOM   122  C CD1 . LEU A 1 29  ? 7.23373   -2.21708  -3.31369  1.000 44.60020  ?  168 LEU A CD1 1 
ATOM   123  C CD2 . LEU A 1 29  ? 6.69538   -2.53857  -0.89019  1.000 52.85647  ?  168 LEU A CD2 1 
ATOM   124  N N   . ARG A 1 30  ? 12.03383  -2.74190  -0.45256  1.000 53.38297  ?  169 ARG A N   1 
ATOM   125  C CA  . ARG A 1 30  ? 13.21642  -3.56036  -0.20720  1.000 54.74235  ?  169 ARG A CA  1 
ATOM   126  C C   . ARG A 1 30  ? 13.57108  -3.62957  1.27315   1.000 62.30075  ?  169 ARG A C   1 
ATOM   127  O O   . ARG A 1 30  ? 14.27990  -4.55321  1.68798   1.000 71.12751  ?  169 ARG A O   1 
ATOM   128  C CB  . ARG A 1 30  ? 14.39995  -3.00714  -1.00520  1.000 60.34390  ?  169 ARG A CB  1 
ATOM   129  C CG  . ARG A 1 30  ? 15.64104  -3.88377  -1.01734  1.000 77.16027  ?  169 ARG A CG  1 
ATOM   130  C CD  . ARG A 1 30  ? 16.77900  -3.19466  -1.75235  1.000 75.08605  ?  169 ARG A CD  1 
ATOM   131  N NE  . ARG A 1 30  ? 17.23442  -1.99666  -1.05608  1.000 67.22272  ?  169 ARG A NE  1 
ATOM   132  C CZ  . ARG A 1 30  ? 18.10277  -1.12658  -1.55420  1.000 78.14957  ?  169 ARG A CZ  1 
ATOM   133  N NH1 . ARG A 1 30  ? 18.61388  -1.27726  -2.76588  1.000 68.12741  ?  169 ARG A NH1 1 
ATOM   134  N NH2 . ARG A 1 30  ? 18.46648  -0.07942  -0.81963  1.000 81.75880  ?  169 ARG A NH2 1 
ATOM   135  N N   . LEU A 1 31  ? 13.07793  -2.68966  2.08089   1.000 63.55996  ?  170 LEU A N   1 
ATOM   136  C CA  . LEU A 1 31  ? 13.50730  -2.56513  3.46500   1.000 54.22978  ?  170 LEU A CA  1 
ATOM   137  C C   . LEU A 1 31  ? 12.48334  -3.03472  4.48628   1.000 57.06097  ?  170 LEU A C   1 
ATOM   138  O O   . LEU A 1 31  ? 12.86425  -3.30063  5.63066   1.000 62.18239  ?  170 LEU A O   1 
ATOM   139  C CB  . LEU A 1 31  ? 13.88095  -1.10720  3.77018   1.000 67.09046  ?  170 LEU A CB  1 
ATOM   140  C CG  . LEU A 1 31  ? 14.87554  -0.48603  2.78697   1.000 71.36406  ?  170 LEU A CG  1 
ATOM   141  C CD1 . LEU A 1 31  ? 15.23811  0.92865   3.20289   1.000 59.90255  ?  170 LEU A CD1 1 
ATOM   142  C CD2 . LEU A 1 31  ? 16.12388  -1.35003  2.65820   1.000 73.48008  ?  170 LEU A CD2 1 
ATOM   143  N N   . ILE A 1 32  ? 11.20648  -3.14588  4.11906   1.000 54.23621  ?  171 ILE A N   1 
ATOM   144  C CA  . ILE A 1 32  ? 10.19005  -3.59649  5.05529   1.000 60.83842  ?  171 ILE A CA  1 
ATOM   145  C C   . ILE A 1 32  ? 9.57758   -4.93887  4.66188   1.000 65.57778  ?  171 ILE A C   1 
ATOM   146  O O   . ILE A 1 32  ? 9.13028   -5.67950  5.54451   1.000 73.38275  ?  171 ILE A O   1 
ATOM   147  C CB  . ILE A 1 32  ? 9.08716   -2.53135  5.24381   1.000 63.29010  ?  171 ILE A CB  1 
ATOM   148  C CG1 . ILE A 1 32  ? 8.06302   -2.59827  4.11081   1.000 54.31760  ?  171 ILE A CG1 1 
ATOM   149  C CG2 . ILE A 1 32  ? 9.69503   -1.13858  5.32995   1.000 63.02803  ?  171 ILE A CG2 1 
ATOM   150  C CD1 . ILE A 1 32  ? 6.69811   -2.09523  4.50519   1.000 56.88762  ?  171 ILE A CD1 1 
ATOM   151  N N   . LEU A 1 33  ? 9.53588   -5.27216  3.37090   1.000 62.17251  ?  172 LEU A N   1 
ATOM   152  C CA  . LEU A 1 33  ? 9.01187   -6.57355  2.96420   1.000 55.38519  ?  172 LEU A CA  1 
ATOM   153  C C   . LEU A 1 33  ? 9.80209   -7.75239  3.52455   1.000 65.33707  ?  172 LEU A C   1 
ATOM   154  O O   . LEU A 1 33  ? 9.16413   -8.73026  3.95132   1.000 74.27938  ?  172 LEU A O   1 
ATOM   155  C CB  . LEU A 1 33  ? 8.93164   -6.65267  1.43409   1.000 60.94217  ?  172 LEU A CB  1 
ATOM   156  C CG  . LEU A 1 33  ? 7.88540   -5.77273  0.74648   1.000 59.29834  ?  172 LEU A CG  1 
ATOM   157  C CD1 . LEU A 1 33  ? 7.80250   -6.10019  -0.73801  1.000 55.63819  ?  172 LEU A CD1 1 
ATOM   158  C CD2 . LEU A 1 33  ? 6.52575   -5.92093  1.41034   1.000 51.39659  ?  172 LEU A CD2 1 
ATOM   159  N N   . PRO A 1 34  ? 11.14238  -7.75489  3.54045   1.000 72.09770  ?  173 PRO A N   1 
ATOM   160  C CA  . PRO A 1 34  ? 11.85093  -8.92470  4.08840   1.000 74.36738  ?  173 PRO A CA  1 
ATOM   161  C C   . PRO A 1 34  ? 11.53156  -9.21277  5.54429   1.000 69.17245  ?  173 PRO A C   1 
ATOM   162  O O   . PRO A 1 34  ? 11.65039  -10.36724 5.97356   1.000 85.16280  ?  173 PRO A O   1 
ATOM   163  C CB  . PRO A 1 34  ? 13.32933  -8.55528  3.90484   1.000 66.26263  ?  173 PRO A CB  1 
ATOM   164  C CG  . PRO A 1 34  ? 13.33661  -7.59929  2.77584   1.000 83.41359  ?  173 PRO A CG  1 
ATOM   165  C CD  . PRO A 1 34  ? 12.08498  -6.79444  2.93465   1.000 67.11848  ?  173 PRO A CD  1 
ATOM   166  N N   . GLU A 1 35  ? 11.13092  -8.20703  6.31934   1.000 58.42241  ?  174 GLU A N   1 
ATOM   167  C CA  . GLU A 1 35  ? 10.87030  -8.37682  7.74361   1.000 68.64971  ?  174 GLU A CA  1 
ATOM   168  C C   . GLU A 1 35  ? 9.44448   -7.97529  8.11032   1.000 67.70958  ?  174 GLU A C   1 
ATOM   169  O O   . GLU A 1 35  ? 9.17773   -7.57522  9.24443   1.000 77.46085  ?  174 GLU A O   1 
ATOM   170  C CB  . GLU A 1 35  ? 11.88694  -7.58964  8.56739   1.000 66.80148  ?  174 GLU A CB  1 
ATOM   171  C CG  . GLU A 1 35  ? 13.32064  -8.01705  8.31065   1.000 66.80697  ?  174 GLU A CG  1 
ATOM   172  C CD  . GLU A 1 35  ? 14.33201  -7.10368  8.96532   1.000 86.77109  ?  174 GLU A CD  1 
ATOM   173  O OE1 . GLU A 1 35  ? 13.91777  -6.13121  9.62944   1.000 99.29643  ?  174 GLU A OE1 1 
ATOM   174  O OE2 . GLU A 1 35  ? 15.54482  -7.35856  8.81291   1.000 92.38013  ?  174 GLU A OE2 1 
ATOM   175  N N   . LEU A 1 36  ? 8.51973   -8.08210  7.15668   1.000 71.94227  ?  175 LEU A N   1 
ATOM   176  C CA  . LEU A 1 36  ? 7.11391   -7.79878  7.41397   1.000 66.72149  ?  175 LEU A CA  1 
ATOM   177  C C   . LEU A 1 36  ? 6.36755   -8.98731  8.00603   1.000 66.13894  ?  175 LEU A C   1 
ATOM   178  O O   . LEU A 1 36  ? 5.47229   -8.79436  8.83732   1.000 78.48001  ?  175 LEU A O   1 
ATOM   179  C CB  . LEU A 1 36  ? 6.41916   -7.36152  6.12035   1.000 53.44607  ?  175 LEU A CB  1 
ATOM   180  C CG  . LEU A 1 36  ? 4.90538   -7.15527  6.19185   1.000 58.73683  ?  175 LEU A CG  1 
ATOM   181  C CD1 . LEU A 1 36  ? 4.55209   -5.91631  7.00678   1.000 65.99098  ?  175 LEU A CD1 1 
ATOM   182  C CD2 . LEU A 1 36  ? 4.33454   -7.07105  4.79355   1.000 48.95835  ?  175 LEU A CD2 1 
ATOM   183  N N   . GLN A 1 37  ? 6.71688   -10.21059 7.59820   1.000 71.42724  ?  176 GLN A N   1 
ATOM   184  C CA  . GLN A 1 37  ? 6.00274   -11.38978 8.08316   1.000 74.06025  ?  176 GLN A CA  1 
ATOM   185  C C   . GLN A 1 37  ? 6.14223   -11.54501 9.59177   1.000 69.15244  ?  176 GLN A C   1 
ATOM   186  O O   . GLN A 1 37  ? 5.17615   -11.89849 10.27763  1.000 66.20631  ?  176 GLN A O   1 
ATOM   187  C CB  . GLN A 1 37  ? 6.50724   -12.64372 7.36818   1.000 81.66095  ?  176 GLN A CB  1 
ATOM   188  C CG  . GLN A 1 37  ? 6.14398   -12.71526 5.89342   1.000 83.71401  ?  176 GLN A CG  1 
ATOM   189  C CD  . GLN A 1 37  ? 6.42481   -14.07936 5.29293   1.000 91.97213  ?  176 GLN A CD  1 
ATOM   190  O OE1 . GLN A 1 37  ? 6.95235   -14.96798 5.96143   1.000 90.57637  ?  176 GLN A OE1 1 
ATOM   191  N NE2 . GLN A 1 37  ? 6.06793   -14.25298 4.02452   1.000 81.04792  ?  176 GLN A NE2 1 
ATOM   192  N N   . ALA A 1 38  ? 7.33955   -11.28935 10.12824  1.000 70.43201  ?  177 ALA A N   1 
ATOM   193  C CA  . ALA A 1 38  ? 7.55308   -11.42992 11.56557  1.000 77.42388  ?  177 ALA A CA  1 
ATOM   194  C C   . ALA A 1 38  ? 6.70813   -10.43615 12.35400  1.000 72.29426  ?  177 ALA A C   1 
ATOM   195  O O   . ALA A 1 38  ? 6.17326   -10.77266 13.41739  1.000 75.84771  ?  177 ALA A O   1 
ATOM   196  C CB  . ALA A 1 38  ? 9.03452   -11.25457 11.89677  1.000 72.06667  ?  177 ALA A CB  1 
ATOM   197  N N   . ARG A 1 39  ? 6.58420   -9.20467  11.85297  1.000 67.41256  ?  178 ARG A N   1 
ATOM   198  C CA  . ARG A 1 39  ? 5.74839   -8.21468  12.52482  1.000 66.78642  ?  178 ARG A CA  1 
ATOM   199  C C   . ARG A 1 39  ? 4.29036   -8.65337  12.54966  1.000 66.81033  ?  178 ARG A C   1 
ATOM   200  O O   . ARG A 1 39  ? 3.59632   -8.46987  13.55683  1.000 72.08654  ?  178 ARG A O   1 
ATOM   201  C CB  . ARG A 1 39  ? 5.89111   -6.85822  11.83527  1.000 74.13575  ?  178 ARG A CB  1 
ATOM   202  C CG  . ARG A 1 39  ? 7.29191   -6.27099  11.89483  1.000 61.19099  ?  178 ARG A CG  1 
ATOM   203  C CD  . ARG A 1 39  ? 7.47590   -5.20954  10.82728  1.000 62.85258  ?  178 ARG A CD  1 
ATOM   204  N NE  . ARG A 1 39  ? 6.52325   -4.11583  10.97153  1.000 56.14620  ?  178 ARG A NE  1 
ATOM   205  C CZ  . ARG A 1 39  ? 6.13326   -3.32906  9.97811   1.000 59.23644  ?  178 ARG A CZ  1 
ATOM   206  N NH1 . ARG A 1 39  ? 6.57464   -3.50689  8.74267   1.000 56.68258  ?  178 ARG A NH1 1 
ATOM   207  N NH2 . ARG A 1 39  ? 5.27314   -2.34637  10.22740  1.000 54.09436  ?  178 ARG A NH2 1 
ATOM   208  N N   . ILE A 1 40  ? 3.80811   -9.22758  11.44601  1.000 57.48019  ?  179 ILE A N   1 
ATOM   209  C CA  . ILE A 1 40  ? 2.44184   -9.73952  11.40638  1.000 61.35237  ?  179 ILE A CA  1 
ATOM   210  C C   . ILE A 1 40  ? 2.27676   -10.90178 12.37800  1.000 63.72349  ?  179 ILE A C   1 
ATOM   211  O O   . ILE A 1 40  ? 1.26135   -11.00272 13.07820  1.000 63.00908  ?  179 ILE A O   1 
ATOM   212  C CB  . ILE A 1 40  ? 2.06800   -10.13213 9.96586   1.000 76.03374  ?  179 ILE A CB  1 
ATOM   213  C CG1 . ILE A 1 40  ? 1.95648   -8.87649  9.09525   1.000 70.18433  ?  179 ILE A CG1 1 
ATOM   214  C CG2 . ILE A 1 40  ? 0.77301   -10.93499 9.94262   1.000 59.40828  ?  179 ILE A CG2 1 
ATOM   215  C CD1 . ILE A 1 40  ? 1.88845   -9.15544  7.61166   1.000 57.64262  ?  179 ILE A CD1 1 
ATOM   216  N N   . ARG A 1 41  ? 3.26941   -11.79401 12.44069  1.000 69.46097  ?  180 ARG A N   1 
ATOM   217  C CA  . ARG A 1 41  ? 3.24655   -12.86295 13.43610  1.000 66.75692  ?  180 ARG A CA  1 
ATOM   218  C C   . ARG A 1 41  ? 3.16574   -12.29190 14.84448  1.000 72.79007  ?  180 ARG A C   1 
ATOM   219  O O   . ARG A 1 41  ? 2.38765   -12.76965 15.67895  1.000 68.22645  ?  180 ARG A O   1 
ATOM   220  C CB  . ARG A 1 41  ? 4.49261   -13.73631 13.30261  1.000 76.76500  ?  180 ARG A CB  1 
ATOM   221  C CG  . ARG A 1 41  ? 4.58635   -14.57821 12.04636  1.000 89.23685  ?  180 ARG A CG  1 
ATOM   222  C CD  . ARG A 1 41  ? 6.03371   -14.99708 11.83685  1.000 100.67181 ?  180 ARG A CD  1 
ATOM   223  N NE  . ARG A 1 41  ? 6.76937   -14.99034 13.09662  1.000 108.11864 ?  180 ARG A NE  1 
ATOM   224  C CZ  . ARG A 1 41  ? 8.08780   -14.89649 13.19920  1.000 105.91626 ?  180 ARG A CZ  1 
ATOM   225  N NH1 . ARG A 1 41  ? 8.85992   -14.80084 12.12867  1.000 97.07499  ?  180 ARG A NH1 1 
ATOM   226  N NH2 . ARG A 1 41  ? 8.64608   -14.88736 14.40736  1.000 96.24308  ?  180 ARG A NH2 1 
ATOM   227  N N   . THR A 1 42  ? 3.97106   -11.26394 15.12577  1.000 66.73128  ?  181 THR A N   1 
ATOM   228  C CA  . THR A 1 42  ? 4.00646   -10.68990 16.46674  1.000 55.38514  ?  181 THR A CA  1 
ATOM   229  C C   . THR A 1 42  ? 2.66023   -10.08968 16.85102  1.000 65.23355  ?  181 THR A C   1 
ATOM   230  O O   . THR A 1 42  ? 2.18649   -10.28458 17.97734  1.000 79.74353  ?  181 THR A O   1 
ATOM   231  C CB  . THR A 1 42  ? 5.11300   -9.63927  16.55773  1.000 65.10920  ?  181 THR A CB  1 
ATOM   232  O OG1 . THR A 1 42  ? 6.38085   -10.25486 16.30117  1.000 69.04755  ?  181 THR A OG1 1 
ATOM   233  C CG2 . THR A 1 42  ? 5.13686   -9.01838  17.94125  1.000 57.16346  ?  181 THR A CG2 1 
ATOM   234  N N   . TYR A 1 43  ? 2.02374   -9.36167  15.92977  1.000 75.47255  ?  182 TYR A N   1 
ATOM   235  C CA  . TYR A 1 43  ? 0.68952   -8.83401  16.20975  1.000 78.58495  ?  182 TYR A CA  1 
ATOM   236  C C   . TYR A 1 43  ? -0.30994  -9.96750  16.40773  1.000 77.18188  ?  182 TYR A C   1 
ATOM   237  O O   . TYR A 1 43  ? -1.01551  -10.01490 17.42174  1.000 77.58450  ?  182 TYR A O   1 
ATOM   238  C CB  . TYR A 1 43  ? 0.23322   -7.90219  15.08332  1.000 70.23988  ?  182 TYR A CB  1 
ATOM   239  C CG  . TYR A 1 43  ? -1.11865  -7.26982  15.34353  1.000 68.30736  ?  182 TYR A CG  1 
ATOM   240  C CD1 . TYR A 1 43  ? -1.24854  -6.21120  16.22912  1.000 73.10914  ?  182 TYR A CD1 1 
ATOM   241  C CD2 . TYR A 1 43  ? -2.26248  -7.73981  14.71289  1.000 70.76035  ?  182 TYR A CD2 1 
ATOM   242  C CE1 . TYR A 1 43  ? -2.47904  -5.63328  16.48108  1.000 69.91723  ?  182 TYR A CE1 1 
ATOM   243  C CE2 . TYR A 1 43  ? -3.49732  -7.16632  14.95539  1.000 79.99334  ?  182 TYR A CE2 1 
ATOM   244  C CZ  . TYR A 1 43  ? -3.60085  -6.11536  15.84093  1.000 70.17091  ?  182 TYR A CZ  1 
ATOM   245  O OH  . TYR A 1 43  ? -4.83214  -5.54962  16.08290  1.000 80.09107  ?  182 TYR A OH  1 
ATOM   246  N N   . ASN A 1 44  ? -0.36218  -10.90619 15.45658  1.000 69.41351  ?  183 ASN A N   1 
ATOM   247  C CA  . ASN A 1 44  ? -1.33939  -11.99129 15.52276  1.000 76.17842  ?  183 ASN A CA  1 
ATOM   248  C C   . ASN A 1 44  ? -1.21956  -12.77542 16.82411  1.000 78.83129  ?  183 ASN A C   1 
ATOM   249  O O   . ASN A 1 44  ? -2.23200  -13.10378 17.45523  1.000 97.61904  ?  183 ASN A O   1 
ATOM   250  C CB  . ASN A 1 44  ? -1.16943  -12.93003 14.32506  1.000 76.86160  ?  183 ASN A CB  1 
ATOM   251  C CG  . ASN A 1 44  ? -1.80020  -12.38542 13.05836  1.000 71.36840  ?  183 ASN A CG  1 
ATOM   252  O OD1 . ASN A 1 44  ? -2.65054  -11.49709 13.10804  1.000 80.49684  ?  183 ASN A OD1 1 
ATOM   253  N ND2 . ASN A 1 44  ? -1.39455  -12.92673 11.91478  1.000 57.38875  ?  183 ASN A ND2 1 
ATOM   254  N N   . GLN A 1 45  ? 0.00663   -13.08105 17.24483  1.000 77.56920  ?  184 GLN A N   1 
ATOM   255  C CA  . GLN A 1 45  ? 0.19958   -13.91261 18.42830  1.000 81.80870  ?  184 GLN A CA  1 
ATOM   256  C C   . GLN A 1 45  ? 0.12130   -13.09302 19.71241  1.000 84.77987  ?  184 GLN A C   1 
ATOM   257  O O   . GLN A 1 45  ? -0.68095  -13.39263 20.60478  1.000 99.12443  ?  184 GLN A O   1 
ATOM   258  C CB  . GLN A 1 45  ? 1.54039   -14.64656 18.33402  1.000 69.51942  ?  184 GLN A CB  1 
ATOM   259  C CG  . GLN A 1 45  ? 1.66225   -15.54316 17.11331  1.000 91.88125  ?  184 GLN A CG  1 
ATOM   260  C CD  . GLN A 1 45  ? 3.03800   -16.16424 16.97891  1.000 105.38587 ?  184 GLN A CD  1 
ATOM   261  O OE1 . GLN A 1 45  ? 3.83524   -16.14311 17.91619  1.000 114.28548 ?  184 GLN A OE1 1 
ATOM   262  N NE2 . GLN A 1 45  ? 3.32420   -16.71728 15.80602  1.000 92.02087  ?  184 GLN A NE2 1 
ATOM   263  N N   . HIS A 1 46  ? 0.93957   -12.04753 19.82144  1.000 71.65800  ?  185 HIS A N   1 
ATOM   264  C CA  . HIS A 1 46  ? 1.08868   -11.33242 21.08222  1.000 77.26212  ?  185 HIS A CA  1 
ATOM   265  C C   . HIS A 1 46  ? 0.11825   -10.17148 21.25556  1.000 83.84327  ?  185 HIS A C   1 
ATOM   266  O O   . HIS A 1 46  ? -0.13531  -9.76809  22.39729  1.000 86.02350  ?  185 HIS A O   1 
ATOM   267  C CB  . HIS A 1 46  ? 2.52166   -10.80508 21.22522  1.000 80.23199  ?  185 HIS A CB  1 
ATOM   268  C CG  . HIS A 1 46  ? 3.57097   -11.87316 21.20471  1.000 78.55664  ?  185 HIS A CG  1 
ATOM   269  N ND1 . HIS A 1 46  ? 3.77315   -12.69963 20.12061  1.000 81.89325  ?  185 HIS A ND1 1 
ATOM   270  C CD2 . HIS A 1 46  ? 4.48483   -12.24194 22.13319  1.000 76.33516  ?  185 HIS A CD2 1 
ATOM   271  C CE1 . HIS A 1 46  ? 4.76195   -13.53527 20.38264  1.000 81.54572  ?  185 HIS A CE1 1 
ATOM   272  N NE2 . HIS A 1 46  ? 5.21107   -13.27806 21.59833  1.000 82.73217  ?  185 HIS A NE2 1 
ATOM   273  N N   . TYR A 1 47  ? -0.42800  -9.61668  20.17190  1.000 85.40536  ?  186 TYR A N   1 
ATOM   274  C CA  . TYR A 1 47  ? -1.23138  -8.40114  20.26838  1.000 81.98304  ?  186 TYR A CA  1 
ATOM   275  C C   . TYR A 1 47  ? -2.66618  -8.57860  19.80007  1.000 98.00171  ?  186 TYR A C   1 
ATOM   276  O O   . TYR A 1 47  ? -3.59092  -8.12968  20.48786  1.000 104.06967 ?  186 TYR A O   1 
ATOM   277  C CB  . TYR A 1 47  ? -0.57949  -7.26245  19.47498  1.000 69.27761  ?  186 TYR A CB  1 
ATOM   278  C CG  . TYR A 1 47  ? 0.75695   -6.81697  20.00839  1.000 82.31051  ?  186 TYR A CG  1 
ATOM   279  C CD1 . TYR A 1 47  ? 0.87893   -6.30435  21.29187  1.000 83.34442  ?  186 TYR A CD1 1 
ATOM   280  C CD2 . TYR A 1 47  ? 1.89533   -6.89662  19.22131  1.000 78.16839  ?  186 TYR A CD2 1 
ATOM   281  C CE1 . TYR A 1 47  ? 2.10184   -5.89171  21.77862  1.000 83.80359  ?  186 TYR A CE1 1 
ATOM   282  C CE2 . TYR A 1 47  ? 3.11613   -6.48621  19.69823  1.000 74.46060  ?  186 TYR A CE2 1 
ATOM   283  C CZ  . TYR A 1 47  ? 3.21769   -5.98688  20.97363  1.000 83.23902  ?  186 TYR A CZ  1 
ATOM   284  O OH  . TYR A 1 47  ? 4.44509   -5.58134  21.43966  1.000 89.27619  ?  186 TYR A OH  1 
ATOM   285  N N   . ASN A 1 48  ? -2.88143  -9.20579  18.64348  1.000 95.37770  ?  187 ASN A N   1 
ATOM   286  C CA  . ASN A 1 48  ? -4.21889  -9.26297  18.06912  1.000 84.30399  ?  187 ASN A CA  1 
ATOM   287  C C   . ASN A 1 48  ? -5.18561  -9.91999  19.04449  1.000 95.61518  ?  187 ASN A C   1 
ATOM   288  O O   . ASN A 1 48  ? -4.82248  -10.82667 19.79944  1.000 96.64926  ?  187 ASN A O   1 
ATOM   289  C CB  . ASN A 1 48  ? -4.21039  -10.02417 16.74150  1.000 80.89908  ?  187 ASN A CB  1 
ATOM   290  C CG  . ASN A 1 48  ? -5.53078  -9.91053  15.99647  1.000 86.60907  ?  187 ASN A CG  1 
ATOM   291  O OD1 . ASN A 1 48  ? -6.39768  -9.11596  16.36146  1.000 83.84033  ?  187 ASN A OD1 1 
ATOM   292  N ND2 . ASN A 1 48  ? -5.68594  -10.70485 14.94127  1.000 87.00749  ?  187 ASN A ND2 1 
ATOM   293  N N   . ASN A 1 49  ? -6.42318  -9.42574  19.03955  1.000 98.93846  ?  188 ASN A N   1 
ATOM   294  C CA  . ASN A 1 49  ? -7.43876  -9.92933  19.95115  1.000 99.36943  ?  188 ASN A CA  1 
ATOM   295  C C   . ASN A 1 49  ? -7.54814  -11.44259 19.82620  1.000 97.41936  ?  188 ASN A C   1 
ATOM   296  O O   . ASN A 1 49  ? -7.46869  -11.99952 18.72806  1.000 93.23833  ?  188 ASN A O   1 
ATOM   297  C CB  . ASN A 1 49  ? -8.78718  -9.26730  19.65729  1.000 94.82498  ?  188 ASN A CB  1 
ATOM   298  C CG  . ASN A 1 49  ? -9.83940  -9.59711  20.69881  1.000 90.00862  ?  188 ASN A CG  1 
ATOM   299  O OD1 . ASN A 1 49  ? -9.53493  -10.15246 21.75421  1.000 107.21408 ?  188 ASN A OD1 1 
ATOM   300  N ND2 . ASN A 1 49  ? -11.08771 -9.24828  20.40839  1.000 85.69303  ?  188 ASN A ND2 1 
ATOM   301  N N   . LEU A 1 50  ? -7.72736  -12.10560 20.97053  1.000 99.32706  ?  189 LEU A N   1 
ATOM   302  C CA  . LEU A 1 50  ? -7.71016  -13.56169 21.00593  1.000 85.48744  ?  189 LEU A CA  1 
ATOM   303  C C   . LEU A 1 50  ? -8.79801  -14.17507 20.14023  1.000 83.48247  ?  189 LEU A C   1 
ATOM   304  O O   . LEU A 1 50  ? -8.71778  -15.36392 19.81613  1.000 89.90561  ?  189 LEU A O   1 
ATOM   305  C CB  . LEU A 1 50  ? -7.86610  -14.05831 22.44470  1.000 81.07017  ?  189 LEU A CB  1 
ATOM   306  C CG  . LEU A 1 50  ? -6.58783  -14.25780 23.25601  1.000 82.95430  ?  189 LEU A CG  1 
ATOM   307  C CD1 . LEU A 1 50  ? -6.93054  -14.72456 24.65577  1.000 75.22260  ?  189 LEU A CD1 1 
ATOM   308  C CD2 . LEU A 1 50  ? -5.67903  -15.26162 22.56390  1.000 84.21861  ?  189 LEU A CD2 1 
ATOM   309  N N   . LEU A 1 51  ? -9.80486  -13.39561 19.75214  1.000 87.33707  ?  190 LEU A N   1 
ATOM   310  C CA  . LEU A 1 51  ? -10.98187 -13.92301 19.07568  1.000 86.89450  ?  190 LEU A CA  1 
ATOM   311  C C   . LEU A 1 51  ? -11.31547 -13.14748 17.80544  1.000 93.16123  ?  190 LEU A C   1 
ATOM   312  O O   . LEU A 1 51  ? -12.48703 -12.98091 17.46365  1.000 87.86903  ?  190 LEU A O   1 
ATOM   313  C CB  . LEU A 1 51  ? -12.18406 -13.92976 20.01959  1.000 83.81165  ?  190 LEU A CB  1 
ATOM   314  C CG  . LEU A 1 51  ? -12.53050 -12.66444 20.82495  1.000 91.88927  ?  190 LEU A CG  1 
ATOM   315  C CD1 . LEU A 1 51  ? -13.36027 -11.63752 20.04525  1.000 99.16828  ?  190 LEU A CD1 1 
ATOM   316  C CD2 . LEU A 1 51  ? -13.24423 -13.04552 22.11391  1.000 69.77136  ?  190 LEU A CD2 1 
ATOM   317  N N   . ARG A 1 52  ? -10.31277 -12.68973 17.04889  1.000 93.91103  ?  191 ARG A N   1 
ATOM   318  C CA  . ARG A 1 52  ? -10.60223 -11.87062 15.87328  1.000 90.52587  ?  191 ARG A CA  1 
ATOM   319  C C   . ARG A 1 52  ? -9.84497  -12.34086 14.63566  1.000 95.20234  ?  191 ARG A C   1 
ATOM   320  O O   . ARG A 1 52  ? -9.59037  -11.55222 13.72176  1.000 98.54377  ?  191 ARG A O   1 
ATOM   321  C CB  . ARG A 1 52  ? -10.30826 -10.39628 16.14902  1.000 100.12120 ?  191 ARG A CB  1 
ATOM   322  C CG  . ARG A 1 52  ? -11.31299 -9.73191  17.08128  1.000 109.88265 ?  191 ARG A CG  1 
ATOM   323  C CD  . ARG A 1 52  ? -12.71843 -9.74119  16.49287  1.000 103.81366 ?  191 ARG A CD  1 
ATOM   324  N NE  . ARG A 1 52  ? -13.68791 -9.12541  17.39111  1.000 108.02833 ?  191 ARG A NE  1 
ATOM   325  C CZ  . ARG A 1 52  ? -14.00197 -7.83621  17.38662  1.000 118.79180 ?  191 ARG A CZ  1 
ATOM   326  N NH1 . ARG A 1 52  ? -13.45100 -6.99399  16.52806  1.000 115.09361 ?  191 ARG A NH1 1 
ATOM   327  N NH2 . ARG A 1 52  ? -14.88807 -7.38159  18.26709  1.000 104.61905 ?  191 ARG A NH2 1 
ATOM   328  N N   . GLY A 1 53  ? -9.49989  -13.62136 14.57364  1.000 95.01355  ?  192 GLY A N   1 
ATOM   329  C CA  . GLY A 1 53  ? -8.80191  -14.11139 13.40377  1.000 92.79519  ?  192 GLY A CA  1 
ATOM   330  C C   . GLY A 1 53  ? -7.36930  -13.60263 13.34596  1.000 90.01959  ?  192 GLY A C   1 
ATOM   331  O O   . GLY A 1 53  ? -6.82605  -13.04602 14.30133  1.000 98.20657  ?  192 GLY A O   1 
ATOM   332  N N   . ALA A 1 54  ? -6.75995  -13.79615 12.18027  1.000 86.66715  ?  193 ALA A N   1 
ATOM   333  C CA  . ALA A 1 54  ? -5.36424  -13.44851 11.96454  1.000 79.25983  ?  193 ALA A CA  1 
ATOM   334  C C   . ALA A 1 54  ? -5.23558  -12.45132 10.82226  1.000 78.40976  ?  193 ALA A C   1 
ATOM   335  O O   . ALA A 1 54  ? -5.89975  -12.58263 9.79008   1.000 76.23015  ?  193 ALA A O   1 
ATOM   336  C CB  . ALA A 1 54  ? -4.52692  -14.69519 11.66160  1.000 48.40935  ?  193 ALA A CB  1 
ATOM   337  N N   . VAL A 1 55  ? -4.37918  -11.44703 11.02439  1.000 68.70839  ?  194 VAL A N   1 
ATOM   338  C CA  . VAL A 1 55  ? -4.01296  -10.55591 9.93264   1.000 69.75179  ?  194 VAL A CA  1 
ATOM   339  C C   . VAL A 1 55  ? -3.29110  -11.36014 8.86255   1.000 81.07561  ?  194 VAL A C   1 
ATOM   340  O O   . VAL A 1 55  ? -2.47843  -12.24441 9.16308   1.000 75.84319  ?  194 VAL A O   1 
ATOM   341  C CB  . VAL A 1 55  ? -3.13964  -9.39967  10.45073  1.000 66.40521  ?  194 VAL A CB  1 
ATOM   342  C CG1 . VAL A 1 55  ? -2.82546  -8.41833  9.32880   1.000 62.67992  ?  194 VAL A CG1 1 
ATOM   343  C CG2 . VAL A 1 55  ? -3.82693  -8.69373  11.60846  1.000 67.10725  ?  194 VAL A CG2 1 
ATOM   344  N N   . SER A 1 56  ? -3.59872  -11.06967 7.60116   1.000 81.24123  ?  195 SER A N   1 
ATOM   345  C CA  . SER A 1 56  ? -2.97539  -11.79308 6.50464   1.000 70.31100  ?  195 SER A CA  1 
ATOM   346  C C   . SER A 1 56  ? -1.47337  -11.51093 6.46271   1.000 77.81568  ?  195 SER A C   1 
ATOM   347  O O   . SER A 1 56  ? -0.99256  -10.48079 6.93927   1.000 81.28593  ?  195 SER A O   1 
ATOM   348  C CB  . SER A 1 56  ? -3.62064  -11.41149 5.17209   1.000 87.58819  ?  195 SER A CB  1 
ATOM   349  O OG  . SER A 1 56  ? -3.45639  -10.03089 4.89681   1.000 105.07585 ?  195 SER A OG  1 
ATOM   350  N N   . GLN A 1 57  ? -0.73261  -12.44202 5.86610   1.000 71.45336  ?  196 GLN A N   1 
ATOM   351  C CA  . GLN A 1 57  ? 0.72168   -12.38280 5.84390   1.000 81.95539  ?  196 GLN A CA  1 
ATOM   352  C C   . GLN A 1 57  ? 1.28167   -11.45569 4.77489   1.000 86.64254  ?  196 GLN A C   1 
ATOM   353  O O   . GLN A 1 57  ? 2.50682   -11.32893 4.67151   1.000 77.45139  ?  196 GLN A O   1 
ATOM   354  C CB  . GLN A 1 57  ? 1.29608   -13.78992 5.64543   1.000 68.43311  ?  196 GLN A CB  1 
ATOM   355  C CG  . GLN A 1 57  ? 1.43944   -14.60592 6.92554   1.000 68.12704  ?  196 GLN A CG  1 
ATOM   356  C CD  . GLN A 1 57  ? 2.73068   -14.31077 7.66591   1.000 84.62910  ?  196 GLN A CD  1 
ATOM   357  O OE1 . GLN A 1 57  ? 3.24319   -13.19294 7.62436   1.000 84.52466  ?  196 GLN A OE1 1 
ATOM   358  N NE2 . GLN A 1 57  ? 3.26879   -15.31969 8.34275   1.000 92.99408  ?  196 GLN A NE2 1 
ATOM   359  N N   . ARG A 1 58  ? 0.43814   -10.80292 3.97966   1.000 80.18809  ?  197 ARG A N   1 
ATOM   360  C CA  . ARG A 1 58  ? 0.90716   -10.02455 2.84109   1.000 70.61946  ?  197 ARG A CA  1 
ATOM   361  C C   . ARG A 1 58  ? 0.44240   -8.57785  2.93436   1.000 68.34960  ?  197 ARG A C   1 
ATOM   362  O O   . ARG A 1 58  ? -0.65274  -8.28493  3.42080   1.000 67.34390  ?  197 ARG A O   1 
ATOM   363  C CB  . ARG A 1 58  ? 0.43933   -10.63257 1.51328   1.000 77.94017  ?  197 ARG A CB  1 
ATOM   364  C CG  . ARG A 1 58  ? 1.28973   -11.81183 1.07469   1.000 80.04633  ?  197 ARG A CG  1 
ATOM   365  C CD  . ARG A 1 58  ? 0.89270   -12.32082 -0.29985  1.000 89.00654  ?  197 ARG A CD  1 
ATOM   366  N NE  . ARG A 1 58  ? -0.27553  -13.19125 -0.24142  1.000 104.76134 ?  197 ARG A NE  1 
ATOM   367  C CZ  . ARG A 1 58  ? -0.22918  -14.48417 0.04496   1.000 95.70236  ?  197 ARG A CZ  1 
ATOM   368  N NH1 . ARG A 1 58  ? 0.91497   -15.09269 0.31368   1.000 86.29046  ?  197 ARG A NH1 1 
ATOM   369  N NH2 . ARG A 1 58  ? -1.35804  -15.18521 0.06775   1.000 105.61382 ?  197 ARG A NH2 1 
ATOM   370  N N   . LEU A 1 59  ? 1.30326   -7.67667  2.47415   1.000 62.73027  ?  198 LEU A N   1 
ATOM   371  C CA  . LEU A 1 59  ? 0.99131   -6.25693  2.39320   1.000 55.89053  ?  198 LEU A CA  1 
ATOM   372  C C   . LEU A 1 59  ? 0.28978   -5.98024  1.06795   1.000 56.98363  ?  198 LEU A C   1 
ATOM   373  O O   . LEU A 1 59  ? 0.82155   -6.30274  -0.00005  1.000 57.69739  ?  198 LEU A O   1 
ATOM   374  C CB  . LEU A 1 59  ? 2.26385   -5.41861  2.52007   1.000 53.40010  ?  198 LEU A CB  1 
ATOM   375  C CG  . LEU A 1 59  ? 2.18880   -3.92083  2.20677   1.000 60.14050  ?  198 LEU A CG  1 
ATOM   376  C CD1 . LEU A 1 59  ? 1.38166   -3.19141  3.26140   1.000 51.13276  ?  198 LEU A CD1 1 
ATOM   377  C CD2 . LEU A 1 59  ? 3.58650   -3.32805  2.07152   1.000 44.68232  ?  198 LEU A CD2 1 
ATOM   378  N N   . TYR A 1 60  ? -0.90000  -5.38844  1.13407   1.000 53.93739  ?  199 TYR A N   1 
ATOM   379  C CA  . TYR A 1 60  ? -1.68558  -5.07912  -0.05458  1.000 69.46363  ?  199 TYR A CA  1 
ATOM   380  C C   . TYR A 1 60  ? -1.57945  -3.58888  -0.35112  1.000 64.20618  ?  199 TYR A C   1 
ATOM   381  O O   . TYR A 1 60  ? -1.83232  -2.75771  0.52661   1.000 61.81724  ?  199 TYR A O   1 
ATOM   382  C CB  . TYR A 1 60  ? -3.14438  -5.49378  0.13694   1.000 70.00616  ?  199 TYR A CB  1 
ATOM   383  C CG  . TYR A 1 60  ? -3.33034  -6.98269  0.34267   1.000 76.07254  ?  199 TYR A CG  1 
ATOM   384  C CD1 . TYR A 1 60  ? -3.13370  -7.56620  1.59095   1.000 73.67177  ?  199 TYR A CD1 1 
ATOM   385  C CD2 . TYR A 1 60  ? -3.70512  -7.80446  -0.71048  1.000 69.29067  ?  199 TYR A CD2 1 
ATOM   386  C CE1 . TYR A 1 60  ? -3.30301  -8.92625  1.77945   1.000 76.26812  ?  199 TYR A CE1 1 
ATOM   387  C CE2 . TYR A 1 60  ? -3.87811  -9.16405  -0.53066  1.000 79.70239  ?  199 TYR A CE2 1 
ATOM   388  C CZ  . TYR A 1 60  ? -3.67639  -9.72005  0.71509   1.000 84.06666  ?  199 TYR A CZ  1 
ATOM   389  O OH  . TYR A 1 60  ? -3.84793  -11.07252 0.90022   1.000 75.64664  ?  199 TYR A OH  1 
ATOM   390  N N   . ILE A 1 61  ? -1.20089  -3.25743  -1.58138  1.000 60.08698  ?  200 ILE A N   1 
ATOM   391  C CA  . ILE A 1 61  ? -0.89845  -1.88655  -1.97557  1.000 53.32149  ?  200 ILE A CA  1 
ATOM   392  C C   . ILE A 1 61  ? -1.94389  -1.43808  -2.98579  1.000 55.28460  ?  200 ILE A C   1 
ATOM   393  O O   . ILE A 1 61  ? -2.09185  -2.04948  -4.05214  1.000 64.33415  ?  200 ILE A O   1 
ATOM   394  C CB  . ILE A 1 61  ? 0.51871   -1.76753  -2.55493  1.000 50.93626  ?  200 ILE A CB  1 
ATOM   395  C CG1 . ILE A 1 61  ? 1.54479   -2.30144  -1.55247  1.000 42.23105  ?  200 ILE A CG1 1 
ATOM   396  C CG2 . ILE A 1 61  ? 0.82281   -0.32719  -2.92997  1.000 45.58161  ?  200 ILE A CG2 1 
ATOM   397  C CD1 . ILE A 1 61  ? 2.97899   -2.06328  -1.96037  1.000 43.94943  ?  200 ILE A CD1 1 
ATOM   398  N N   . LEU A 1 62  ? -2.66457  -0.37246  -2.65331  1.000 56.27271  ?  201 LEU A N   1 
ATOM   399  C CA  . LEU A 1 62  ? -3.67173  0.17460   -3.54886  1.000 51.87202  ?  201 LEU A CA  1 
ATOM   400  C C   . LEU A 1 62  ? -3.02397  1.10203   -4.56953  1.000 59.86411  ?  201 LEU A C   1 
ATOM   401  O O   . LEU A 1 62  ? -2.16538  1.92174   -4.23042  1.000 50.23987  ?  201 LEU A O   1 
ATOM   402  C CB  . LEU A 1 62  ? -4.73848  0.92486   -2.75517  1.000 57.02936  ?  201 LEU A CB  1 
ATOM   403  C CG  . LEU A 1 62  ? -5.59577  0.08163   -1.81134  1.000 58.50972  ?  201 LEU A CG  1 
ATOM   404  C CD1 . LEU A 1 62  ? -6.39903  0.97496   -0.88850  1.000 69.92874  ?  201 LEU A CD1 1 
ATOM   405  C CD2 . LEU A 1 62  ? -6.51611  -0.83071  -2.60297  1.000 53.36849  ?  201 LEU A CD2 1 
ATOM   406  N N   . LEU A 1 63  ? -3.44295  0.96700   -5.82581  1.000 57.97622  ?  202 LEU A N   1 
ATOM   407  C CA  . LEU A 1 63  ? -2.87748  1.72578   -6.94198  1.000 56.36432  ?  202 LEU A CA  1 
ATOM   408  C C   . LEU A 1 63  ? -3.99443  2.33376   -7.78268  1.000 60.36510  ?  202 LEU A C   1 
ATOM   409  O O   . LEU A 1 63  ? -4.26057  1.88185   -8.90327  1.000 65.17533  ?  202 LEU A O   1 
ATOM   410  C CB  . LEU A 1 63  ? -1.97885  0.83072   -7.79618  1.000 45.06668  ?  202 LEU A CB  1 
ATOM   411  C CG  . LEU A 1 63  ? -0.64252  0.42009   -7.17901  1.000 47.41342  ?  202 LEU A CG  1 
ATOM   412  C CD1 . LEU A 1 63  ? -0.10559  -0.83342  -7.84397  1.000 46.55314  ?  202 LEU A CD1 1 
ATOM   413  C CD2 . LEU A 1 63  ? 0.35356   1.55539   -7.30779  1.000 41.55310  ?  202 LEU A CD2 1 
ATOM   414  N N   . PRO A 1 64  ? -4.67158  3.36604   -7.27447  1.000 55.94520  ?  203 PRO A N   1 
ATOM   415  C CA  . PRO A 1 64  ? -5.67764  4.06303   -8.09275  1.000 56.38496  ?  203 PRO A CA  1 
ATOM   416  C C   . PRO A 1 64  ? -5.01170  4.77421   -9.26234  1.000 59.49469  ?  203 PRO A C   1 
ATOM   417  O O   . PRO A 1 64  ? -4.19920  5.68137   -9.07239  1.000 59.77402  ?  203 PRO A O   1 
ATOM   418  C CB  . PRO A 1 64  ? -6.31476  5.05273   -7.11033  1.000 60.35104  ?  203 PRO A CB  1 
ATOM   419  C CG  . PRO A 1 64  ? -5.28379  5.25209   -6.05176  1.000 68.24785  ?  203 PRO A CG  1 
ATOM   420  C CD  . PRO A 1 64  ? -4.57178  3.93789   -5.91976  1.000 56.01266  ?  203 PRO A CD  1 
ATOM   421  N N   . LEU A 1 65  ? -5.36630  4.35442   -10.47997 1.000 68.29212  ?  204 LEU A N   1 
ATOM   422  C CA  . LEU A 1 65  ? -4.70212  4.87779   -11.66991 1.000 66.88194  ?  204 LEU A CA  1 
ATOM   423  C C   . LEU A 1 65  ? -4.99091  6.35949   -11.88265 1.000 71.26109  ?  204 LEU A C   1 
ATOM   424  O O   . LEU A 1 65  ? -4.19245  7.05860   -12.51555 1.000 76.26496  ?  204 LEU A O   1 
ATOM   425  C CB  . LEU A 1 65  ? -5.11724  4.06858   -12.89814 1.000 64.58503  ?  204 LEU A CB  1 
ATOM   426  C CG  . LEU A 1 65  ? -4.68864  2.59873   -12.88786 1.000 71.44191  ?  204 LEU A CG  1 
ATOM   427  C CD1 . LEU A 1 65  ? -5.26514  1.85955   -14.08326 1.000 75.01185  ?  204 LEU A CD1 1 
ATOM   428  C CD2 . LEU A 1 65  ? -3.17130  2.47895   -12.86197 1.000 75.21978  ?  204 LEU A CD2 1 
ATOM   429  N N   . ASP A 1 66  ? -6.11031  6.85825   -11.36306 1.000 73.50029  ?  205 ASP A N   1 
ATOM   430  C CA  . ASP A 1 66  ? -6.39713  8.28618   -11.42978 1.000 84.80068  ?  205 ASP A CA  1 
ATOM   431  C C   . ASP A 1 66  ? -5.59252  9.09252   -10.41956 1.000 85.31264  ?  205 ASP A C   1 
ATOM   432  O O   . ASP A 1 66  ? -5.75086  10.31720  -10.36301 1.000 85.73137  ?  205 ASP A O   1 
ATOM   433  C CB  . ASP A 1 66  ? -7.89470  8.53703   -11.22594 1.000 87.62528  ?  205 ASP A CB  1 
ATOM   434  C CG  . ASP A 1 66  ? -8.42319  7.91557   -9.95005  1.000 88.44908  ?  205 ASP A CG  1 
ATOM   435  O OD1 . ASP A 1 66  ? -8.05545  8.39173   -8.85531  1.000 85.15236  ?  205 ASP A OD1 1 
ATOM   436  O OD2 . ASP A 1 66  ? -9.21194  6.95019   -10.04333 1.000 101.26913 ?  205 ASP A OD2 1 
ATOM   437  N N   . CYS A 1 67  ? -4.75435  8.43171   -9.61811  1.000 84.07543  ?  206 CYS A N   1 
ATOM   438  C CA  . CYS A 1 67  ? -3.86155  9.06585   -8.64894  1.000 72.84205  ?  206 CYS A CA  1 
ATOM   439  C C   . CYS A 1 67  ? -4.61826  9.81334   -7.55743  1.000 72.95173  ?  206 CYS A C   1 
ATOM   440  O O   . CYS A 1 67  ? -4.06220  10.71053  -6.91618  1.000 77.85949  ?  206 CYS A O   1 
ATOM   441  C CB  . CYS A 1 67  ? -2.86025  10.00028  -9.33713  1.000 72.89567  ?  206 CYS A CB  1 
ATOM   442  S SG  . CYS A 1 67  ? -1.69802  9.15610   -10.43254 1.000 65.86884  ?  206 CYS A SG  1 
ATOM   443  N N   . GLY A 1 68  ? -5.87868  9.45912   -7.32884  1.000 69.68219  ?  207 GLY A N   1 
ATOM   444  C CA  . GLY A 1 68  ? -6.60598  9.99561   -6.19686  1.000 79.81907  ?  207 GLY A CA  1 
ATOM   445  C C   . GLY A 1 68  ? -6.32064  9.18462   -4.95129  1.000 75.33182  ?  207 GLY A C   1 
ATOM   446  O O   . GLY A 1 68  ? -6.88810  8.10446   -4.76181  1.000 80.87138  ?  207 GLY A O   1 
ATOM   447  N N   . VAL A 1 69  ? -5.43572  9.68836   -4.09755  1.000 71.18863  ?  208 VAL A N   1 
ATOM   448  C CA  . VAL A 1 69  ? -4.99892  8.94482   -2.91925  1.000 65.16838  ?  208 VAL A CA  1 
ATOM   449  C C   . VAL A 1 69  ? -5.36428  9.73579   -1.66922  1.000 53.15306  ?  208 VAL A C   1 
ATOM   450  O O   . VAL A 1 69  ? -4.59410  10.60579  -1.23360  1.000 57.26002  ?  208 VAL A O   1 
ATOM   451  C CB  . VAL A 1 69  ? -3.49205  8.64457   -2.98248  1.000 62.34238  ?  208 VAL A CB  1 
ATOM   452  C CG1 . VAL A 1 69  ? -2.99221  8.07800   -1.66145  1.000 61.54002  ?  208 VAL A CG1 1 
ATOM   453  C CG2 . VAL A 1 69  ? -3.18642  7.68613   -4.12415  1.000 70.62356  ?  208 VAL A CG2 1 
ATOM   454  N N   . PRO A 1 70  ? -6.53390  9.49748   -1.08253  1.000 58.58382  ?  209 PRO A N   1 
ATOM   455  C CA  . PRO A 1 70  ? -6.85741  10.13467  0.19745   1.000 58.33845  ?  209 PRO A CA  1 
ATOM   456  C C   . PRO A 1 70  ? -5.97922  9.59942   1.31578   1.000 68.84746  ?  209 PRO A C   1 
ATOM   457  O O   . PRO A 1 70  ? -5.56982  8.43556   1.31675   1.000 72.08696  ?  209 PRO A O   1 
ATOM   458  C CB  . PRO A 1 70  ? -8.32911  9.76673   0.41699   1.000 59.27141  ?  209 PRO A CB  1 
ATOM   459  C CG  . PRO A 1 70  ? -8.52238  8.51325   -0.37110  1.000 63.58760  ?  209 PRO A CG  1 
ATOM   460  C CD  . PRO A 1 70  ? -7.62531  8.63520   -1.56880  1.000 66.71845  ?  209 PRO A CD  1 
ATOM   461  N N   . ASP A 1 71  ? -5.68835  10.47204  2.28133   1.000 61.92992  ?  210 ASP A N   1 
ATOM   462  C CA  . ASP A 1 71  ? -4.84683  10.08494  3.40547   1.000 60.77949  ?  210 ASP A CA  1 
ATOM   463  C C   . ASP A 1 71  ? -5.57469  9.20895   4.41684   1.000 62.09450  ?  210 ASP A C   1 
ATOM   464  O O   . ASP A 1 71  ? -4.91629  8.53761   5.21864   1.000 72.57057  ?  210 ASP A O   1 
ATOM   465  C CB  . ASP A 1 71  ? -4.29587  11.32972  4.10363   1.000 56.33372  ?  210 ASP A CB  1 
ATOM   466  C CG  . ASP A 1 71  ? -3.24763  12.04411  3.27451   1.000 59.53755  ?  210 ASP A CG  1 
ATOM   467  O OD1 . ASP A 1 71  ? -2.52435  11.36516  2.51631   1.000 71.70462  ?  210 ASP A OD1 1 
ATOM   468  O OD2 . ASP A 1 71  ? -3.14491  13.28450  3.37976   1.000 55.79030  ?  210 ASP A OD2 1 
ATOM   469  N N   . ASN A 1 72  ? -6.90316  9.19784   4.40188   1.000 59.32228  ?  211 ASN A N   1 
ATOM   470  C CA  . ASN A 1 72  ? -7.69663  8.38220   5.31449   1.000 69.43843  ?  211 ASN A CA  1 
ATOM   471  C C   . ASN A 1 72  ? -8.37368  7.28268   4.50474   1.000 81.00287  ?  211 ASN A C   1 
ATOM   472  O O   . ASN A 1 72  ? -9.30411  7.54995   3.73625   1.000 74.33564  ?  211 ASN A O   1 
ATOM   473  C CB  . ASN A 1 72  ? -8.72255  9.23278   6.06108   1.000 70.01309  ?  211 ASN A CB  1 
ATOM   474  C CG  . ASN A 1 72  ? -9.28887  8.52805   7.28170   1.000 82.88519  ?  211 ASN A CG  1 
ATOM   475  O OD1 . ASN A 1 72  ? -9.40007  7.30224   7.31304   1.000 93.93846  ?  211 ASN A OD1 1 
ATOM   476  N ND2 . ASN A 1 72  ? -9.64806  9.30367   8.29765   1.000 84.63159  ?  211 ASN A ND2 1 
ATOM   477  N N   . LEU A 1 73  ? -7.90023  6.04667   4.67920   1.000 81.30462  ?  212 LEU A N   1 
ATOM   478  C CA  . LEU A 1 73  ? -8.51795  4.91059   4.00223   1.000 73.21991  ?  212 LEU A CA  1 
ATOM   479  C C   . LEU A 1 73  ? -9.96371  4.72753   4.43953   1.000 81.17095  ?  212 LEU A C   1 
ATOM   480  O O   . LEU A 1 73  ? -10.83218 4.40243   3.62144   1.000 87.47626  ?  212 LEU A O   1 
ATOM   481  C CB  . LEU A 1 73  ? -7.71679  3.63882   4.28060   1.000 76.66213  ?  212 LEU A CB  1 
ATOM   482  C CG  . LEU A 1 73  ? -6.64854  3.24174   3.26677   1.000 79.32547  ?  212 LEU A CG  1 
ATOM   483  C CD1 . LEU A 1 73  ? -5.84904  2.05723   3.77055   1.000 72.86760  ?  212 LEU A CD1 1 
ATOM   484  C CD2 . LEU A 1 73  ? -7.32017  2.90084   1.95903   1.000 89.01824  ?  212 LEU A CD2 1 
ATOM   485  N N   . SER A 1 74  ? -10.23798 4.92806   5.73054   1.000 79.34532  ?  213 SER A N   1 
ATOM   486  C CA  . SER A 1 74  ? -11.57361 4.67516   6.25990   1.000 82.42160  ?  213 SER A CA  1 
ATOM   487  C C   . SER A 1 74  ? -12.61269 5.57814   5.60725   1.000 88.07374  ?  213 SER A C   1 
ATOM   488  O O   . SER A 1 74  ? -13.73580 5.14329   5.32691   1.000 92.75173  ?  213 SER A O   1 
ATOM   489  C CB  . SER A 1 74  ? -11.57427 4.85977   7.77690   1.000 76.84919  ?  213 SER A CB  1 
ATOM   490  O OG  . SER A 1 74  ? -10.54185 4.09869   8.37887   1.000 72.66581  ?  213 SER A OG  1 
ATOM   491  N N   . MET A 1 75  ? -12.26109 6.84064   5.35876   1.000 89.16314  ?  214 MET A N   1 
ATOM   492  C CA  . MET A 1 75  ? -13.19922 7.75083   4.71558   1.000 88.27986  ?  214 MET A CA  1 
ATOM   493  C C   . MET A 1 75  ? -13.34993 7.47156   3.22529   1.000 86.24495  ?  214 MET A C   1 
ATOM   494  O O   . MET A 1 75  ? -14.31888 7.93789   2.61549   1.000 87.84330  ?  214 MET A O   1 
ATOM   495  C CB  . MET A 1 75  ? -12.76183 9.19766   4.94429   1.000 92.07679  ?  214 MET A CB  1 
ATOM   496  C CG  . MET A 1 75  ? -12.65614 9.56720   6.41468   1.000 97.52692  ?  214 MET A CG  1 
ATOM   497  S SD  . MET A 1 75  ? -14.19714 9.26495   7.30071   1.000 116.24389 ?  214 MET A SD  1 
ATOM   498  C CE  . MET A 1 75  ? -13.59352 8.42871   8.76460   1.000 90.19785  ?  214 MET A CE  1 
ATOM   499  N N   . ALA A 1 76  ? -12.42239 6.72119   2.62660   1.000 88.30755  ?  215 ALA A N   1 
ATOM   500  C CA  . ALA A 1 76  ? -12.53521 6.36373   1.21808   1.000 86.93047  ?  215 ALA A CA  1 
ATOM   501  C C   . ALA A 1 76  ? -13.52268 5.22911   0.97648   1.000 89.18778  ?  215 ALA A C   1 
ATOM   502  O O   . ALA A 1 76  ? -13.93904 5.02220   -0.16788  1.000 73.94167  ?  215 ALA A O   1 
ATOM   503  C CB  . ALA A 1 76  ? -11.16395 5.98013   0.65749   1.000 77.47607  ?  215 ALA A CB  1 
ATOM   504  N N   . ASP A 1 77  ? -13.89071 4.48751   2.01935   1.000 97.13271  ?  216 ASP A N   1 
ATOM   505  C CA  . ASP A 1 77  ? -14.90678 3.44495   1.93633   1.000 89.63214  ?  216 ASP A CA  1 
ATOM   506  C C   . ASP A 1 77  ? -15.43299 3.15537   3.33652   1.000 93.39616  ?  216 ASP A C   1 
ATOM   507  O O   . ASP A 1 77  ? -14.65344 2.79522   4.22705   1.000 90.71025  ?  216 ASP A O   1 
ATOM   508  C CB  . ASP A 1 77  ? -14.33536 2.17669   1.29712   1.000 95.96558  ?  216 ASP A CB  1 
ATOM   509  C CG  . ASP A 1 77  ? -15.40656 1.14513   0.96706   1.000 102.29338 ?  216 ASP A CG  1 
ATOM   510  O OD1 . ASP A 1 77  ? -16.30684 0.90948   1.80007   1.000 101.66173 ?  216 ASP A OD1 1 
ATOM   511  O OD2 . ASP A 1 77  ? -15.34526 0.56171   -0.13656  1.000 92.55917  ?  216 ASP A OD2 1 
ATOM   512  N N   . PRO A 1 78  ? -16.74140 3.28571   3.56913   1.000 102.45206 ?  217 PRO A N   1 
ATOM   513  C CA  . PRO A 1 78  ? -17.27682 2.97629   4.90589   1.000 105.25200 ?  217 PRO A CA  1 
ATOM   514  C C   . PRO A 1 78  ? -17.07664 1.52918   5.31814   1.000 108.89805 ?  217 PRO A C   1 
ATOM   515  O O   . PRO A 1 78  ? -17.03535 1.23876   6.51996   1.000 113.82259 ?  217 PRO A O   1 
ATOM   516  C CB  . PRO A 1 78  ? -18.76594 3.33235   4.77842   1.000 99.53374  ?  217 PRO A CB  1 
ATOM   517  C CG  . PRO A 1 78  ? -19.05037 3.26862   3.31285   1.000 100.84319 ?  217 PRO A CG  1 
ATOM   518  C CD  . PRO A 1 78  ? -17.79305 3.72204   2.63593   1.000 93.60611  ?  217 PRO A CD  1 
ATOM   519  N N   . ASN A 1 79  ? -16.94725 0.60982   4.35997   1.000 100.29892 ?  218 ASN A N   1 
ATOM   520  C CA  . ASN A 1 79  ? -16.68040 -0.78656  4.68235   1.000 109.42931 ?  218 ASN A CA  1 
ATOM   521  C C   . ASN A 1 79  ? -15.21958 -1.04376  5.03274   1.000 114.69382 ?  218 ASN A C   1 
ATOM   522  O O   . ASN A 1 79  ? -14.88570 -2.16149  5.43910   1.000 108.58107 ?  218 ASN A O   1 
ATOM   523  C CB  . ASN A 1 79  ? -17.09839 -1.68920  3.52032   1.000 106.02265 ?  218 ASN A CB  1 
ATOM   524  C CG  . ASN A 1 79  ? -18.59548 -1.67754  3.28124   1.000 105.69832 ?  218 ASN A CG  1 
ATOM   525  O OD1 . ASN A 1 79  ? -19.37108 -1.27973  4.14942   1.000 106.71637 ?  218 ASN A OD1 1 
ATOM   526  N ND2 . ASN A 1 79  ? -19.00978 -2.12357  2.10077   1.000 92.77810  ?  218 ASN A ND2 1 
ATOM   527  N N   . ILE A 1 80  ? -14.34933 -0.05033  4.87593   1.000 117.74881 ?  219 ILE A N   1 
ATOM   528  C CA  . ILE A 1 80  ? -12.95950 -0.12335  5.31049   1.000 102.37151 ?  219 ILE A CA  1 
ATOM   529  C C   . ILE A 1 80  ? -12.79405 0.81663   6.49486   1.000 91.96885  ?  219 ILE A C   1 
ATOM   530  O O   . ILE A 1 80  ? -13.25661 1.96245   6.45148   1.000 99.23557  ?  219 ILE A O   1 
ATOM   531  C CB  . ILE A 1 80  ? -11.98592 0.24699   4.17870   1.000 102.98994 ?  219 ILE A CB  1 
ATOM   532  C CG1 . ILE A 1 80  ? -12.29140 -0.56107  2.91652   1.000 94.51250  ?  219 ILE A CG1 1 
ATOM   533  C CG2 . ILE A 1 80  ? -10.54627 0.02354   4.61939   1.000 95.54552  ?  219 ILE A CG2 1 
ATOM   534  C CD1 . ILE A 1 80  ? -11.35909 -0.25724  1.76294   1.000 90.84178  ?  219 ILE A CD1 1 
ATOM   535  N N   . ARG A 1 81  ? -12.15167 0.33420   7.55549   1.000 88.55591  ?  220 ARG A N   1 
ATOM   536  C CA  . ARG A 1 81  ? -11.91892 1.18562   8.71237   1.000 91.40502  ?  220 ARG A CA  1 
ATOM   537  C C   . ARG A 1 81  ? -10.70553 0.68342   9.47958   1.000 84.83742  ?  220 ARG A C   1 
ATOM   538  O O   . ARG A 1 81  ? -10.43634 -0.52006  9.53302   1.000 67.74324  ?  220 ARG A O   1 
ATOM   539  C CB  . ARG A 1 81  ? -13.15433 1.24962   9.61812   1.000 89.35544  ?  220 ARG A CB  1 
ATOM   540  C CG  . ARG A 1 81  ? -13.80085 -0.09200  9.89781   1.000 105.79537 ?  220 ARG A CG  1 
ATOM   541  C CD  . ARG A 1 81  ? -15.11724 0.09215   10.63313  1.000 109.24873 ?  220 ARG A CD  1 
ATOM   542  N NE  . ARG A 1 81  ? -14.98518 1.02622   11.74511  1.000 120.60913 ?  220 ARG A NE  1 
ATOM   543  C CZ  . ARG A 1 81  ? -14.52947 0.70004   12.94679  1.000 116.62465 ?  220 ARG A CZ  1 
ATOM   544  N NH1 . ARG A 1 81  ? -14.15233 -0.53555  13.23206  1.000 120.44280 ?  220 ARG A NH1 1 
ATOM   545  N NH2 . ARG A 1 81  ? -14.44824 1.63913   13.88614  1.000 108.82854 ?  220 ARG A NH2 1 
ATOM   546  N N   . PHE A 1 82  ? -9.98107  1.62990   10.07203  1.000 80.35602  ?  221 PHE A N   1 
ATOM   547  C CA  . PHE A 1 82  ? -8.73841  1.32744   10.76949  1.000 70.40167  ?  221 PHE A CA  1 
ATOM   548  C C   . PHE A 1 82  ? -8.99417  0.45601   11.99240  1.000 70.62061  ?  221 PHE A C   1 
ATOM   549  O O   . PHE A 1 82  ? -9.97176  0.64765   12.72090  1.000 75.75133  ?  221 PHE A O   1 
ATOM   550  C CB  . PHE A 1 82  ? -8.04821  2.62879   11.17941  1.000 74.58044  ?  221 PHE A CB  1 
ATOM   551  C CG  . PHE A 1 82  ? -6.86813  2.43898   12.09129  1.000 78.59880  ?  221 PHE A CG  1 
ATOM   552  C CD1 . PHE A 1 82  ? -5.62256  2.12156   11.57770  1.000 74.54747  ?  221 PHE A CD1 1 
ATOM   553  C CD2 . PHE A 1 82  ? -7.00201  2.59806   13.46156  1.000 72.00318  ?  221 PHE A CD2 1 
ATOM   554  C CE1 . PHE A 1 82  ? -4.53507  1.95445   12.41408  1.000 70.20262  ?  221 PHE A CE1 1 
ATOM   555  C CE2 . PHE A 1 82  ? -5.91946  2.42892   14.30200  1.000 72.03909  ?  221 PHE A CE2 1 
ATOM   556  C CZ  . PHE A 1 82  ? -4.68509  2.11011   13.77729  1.000 69.60804  ?  221 PHE A CZ  1 
ATOM   557  N N   . LEU A 1 83  ? -8.10227  -0.50990  12.21616  1.000 69.77368  ?  222 LEU A N   1 
ATOM   558  C CA  . LEU A 1 83  ? -8.16987  -1.38585  13.37765  1.000 81.38414  ?  222 LEU A CA  1 
ATOM   559  C C   . LEU A 1 83  ? -6.98578  -1.18006  14.31472  1.000 79.71863  ?  222 LEU A C   1 
ATOM   560  O O   . LEU A 1 83  ? -7.17631  -0.87138  15.49384  1.000 80.50697  ?  222 LEU A O   1 
ATOM   561  C CB  . LEU A 1 83  ? -8.25105  -2.85315  12.92231  1.000 84.66710  ?  222 LEU A CB  1 
ATOM   562  C CG  . LEU A 1 83  ? -8.75478  -3.92712  13.89474  1.000 81.08108  ?  222 LEU A CG  1 
ATOM   563  C CD1 . LEU A 1 83  ? -9.18608  -5.15722  13.11703  1.000 80.98819  ?  222 LEU A CD1 1 
ATOM   564  C CD2 . LEU A 1 83  ? -7.71132  -4.31237  14.93800  1.000 75.76954  ?  222 LEU A CD2 1 
ATOM   565  N N   . ASP A 1 84  ? -5.76206  -1.33175  13.81475  1.000 74.51788  ?  223 ASP A N   1 
ATOM   566  C CA  . ASP A 1 84  ? -4.56913  -1.27480  14.65173  1.000 80.85243  ?  223 ASP A CA  1 
ATOM   567  C C   . ASP A 1 84  ? -3.35917  -1.00481  13.76619  1.000 75.04763  ?  223 ASP A C   1 
ATOM   568  O O   . ASP A 1 84  ? -3.45987  -0.94952  12.53768  1.000 68.74699  ?  223 ASP A O   1 
ATOM   569  C CB  . ASP A 1 84  ? -4.38179  -2.57183  15.44351  1.000 79.37999  ?  223 ASP A CB  1 
ATOM   570  C CG  . ASP A 1 84  ? -4.78264  -2.43676  16.89682  1.000 81.98156  ?  223 ASP A CG  1 
ATOM   571  O OD1 . ASP A 1 84  ? -5.15748  -1.32162  17.31625  1.000 89.92809  ?  223 ASP A OD1 1 
ATOM   572  O OD2 . ASP A 1 84  ? -4.71580  -3.45006  17.62377  1.000 75.57414  ?  223 ASP A OD2 1 
ATOM   573  N N   . LYS A 1 85  ? -2.20809  -0.83993  14.40950  1.000 66.27223  ?  224 LYS A N   1 
ATOM   574  C CA  . LYS A 1 85  ? -0.93008  -0.68692  13.73267  1.000 62.59873  ?  224 LYS A CA  1 
ATOM   575  C C   . LYS A 1 85  ? -0.03731  -1.86990  14.07540  1.000 64.04739  ?  224 LYS A C   1 
ATOM   576  O O   . LYS A 1 85  ? -0.06504  -2.37326  15.20312  1.000 70.33822  ?  224 LYS A O   1 
ATOM   577  C CB  . LYS A 1 85  ? -0.22598  0.61268   14.14040  1.000 66.99302  ?  224 LYS A CB  1 
ATOM   578  C CG  . LYS A 1 85  ? -1.12710  1.82744   14.25843  1.000 59.93282  ?  224 LYS A CG  1 
ATOM   579  C CD  . LYS A 1 85  ? -0.34576  3.00984   14.80987  1.000 55.58759  ?  224 LYS A CD  1 
ATOM   580  C CE  . LYS A 1 85  ? -1.23573  4.21883   15.03710  1.000 71.72634  ?  224 LYS A CE  1 
ATOM   581  N NZ  . LYS A 1 85  ? -0.45797  5.37899   15.55832  1.000 61.79961  ?  224 LYS A NZ  1 
ATOM   582  N N   . LEU A 1 86  ? 0.75243   -2.31286  13.10096  1.000 62.62339  ?  225 LEU A N   1 
ATOM   583  C CA  . LEU A 1 86  ? 1.77952   -3.30043  13.37426  1.000 62.93459  ?  225 LEU A CA  1 
ATOM   584  C C   . LEU A 1 86  ? 2.87792   -2.67812  14.23262  1.000 69.86783  ?  225 LEU A C   1 
ATOM   585  O O   . LEU A 1 86  ? 3.00329   -1.45239  14.30050  1.000 78.21032  ?  225 LEU A O   1 
ATOM   586  C CB  . LEU A 1 86  ? 2.37696   -3.82990  12.07200  1.000 57.25960  ?  225 LEU A CB  1 
ATOM   587  C CG  . LEU A 1 86  ? 1.56565   -4.83588  11.25556  1.000 63.04284  ?  225 LEU A CG  1 
ATOM   588  C CD1 . LEU A 1 86  ? 2.33319   -5.22997  10.00463  1.000 65.39492  ?  225 LEU A CD1 1 
ATOM   589  C CD2 . LEU A 1 86  ? 1.23412   -6.06211  12.08833  1.000 73.98057  ?  225 LEU A CD2 1 
ATOM   590  N N   . PRO A 1 87  ? 3.66358   -3.49793  14.92714  1.000 66.89887  ?  226 PRO A N   1 
ATOM   591  C CA  . PRO A 1 87  ? 4.86808   -2.97181  15.57806  1.000 65.56350  ?  226 PRO A CA  1 
ATOM   592  C C   . PRO A 1 87  ? 5.74735   -2.25839  14.56231  1.000 68.15980  ?  226 PRO A C   1 
ATOM   593  O O   . PRO A 1 87  ? 6.09711   -2.81151  13.51671  1.000 78.03324  ?  226 PRO A O   1 
ATOM   594  C CB  . PRO A 1 87  ? 5.54290   -4.22837  16.13729  1.000 65.89974  ?  226 PRO A CB  1 
ATOM   595  C CG  . PRO A 1 87  ? 4.41863   -5.17542  16.36446  1.000 59.53153  ?  226 PRO A CG  1 
ATOM   596  C CD  . PRO A 1 87  ? 3.43572   -4.91690  15.25465  1.000 78.91040  ?  226 PRO A CD  1 
ATOM   597  N N   . GLN A 1 88  ? 6.09194   -1.01219  14.86920  1.000 62.65334  ?  227 GLN A N   1 
ATOM   598  C CA  . GLN A 1 88  ? 6.79042   -0.17591  13.90597  1.000 74.60423  ?  227 GLN A CA  1 
ATOM   599  C C   . GLN A 1 88  ? 8.20558   -0.68621  13.66441  1.000 70.02831  ?  227 GLN A C   1 
ATOM   600  O O   . GLN A 1 88  ? 8.85733   -1.23340  14.55912  1.000 67.94595  ?  227 GLN A O   1 
ATOM   601  C CB  . GLN A 1 88  ? 6.82475   1.27488   14.38547  1.000 65.41300  ?  227 GLN A CB  1 
ATOM   602  C CG  . GLN A 1 88  ? 7.60275   1.49278   15.66900  1.000 62.17139  ?  227 GLN A CG  1 
ATOM   603  C CD  . GLN A 1 88  ? 7.49946   2.91871   16.16665  1.000 71.37120  ?  227 GLN A CD  1 
ATOM   604  O OE1 . GLN A 1 88  ? 6.52248   3.61384   15.88888  1.000 69.80085  ?  227 GLN A OE1 1 
ATOM   605  N NE2 . GLN A 1 88  ? 8.51188   3.36554   16.90142  1.000 70.08710  ?  227 GLN A NE2 1 
ATOM   606  N N   . GLN A 1 89  ? 8.67235   -0.51375  12.43174  1.000 58.39760  ?  228 GLN A N   1 
ATOM   607  C CA  . GLN A 1 89  ? 10.02286  -0.88886  12.04073  1.000 50.93745  ?  228 GLN A CA  1 
ATOM   608  C C   . GLN A 1 89  ? 10.90747  0.34908   12.05204  1.000 67.42598  ?  228 GLN A C   1 
ATOM   609  O O   . GLN A 1 89  ? 10.55243  1.37728   11.46646  1.000 78.74149  ?  228 GLN A O   1 
ATOM   610  C CB  . GLN A 1 89  ? 10.03110  -1.53851  10.65509  1.000 45.11283  ?  228 GLN A CB  1 
ATOM   611  C CG  . GLN A 1 89  ? 11.41839  -1.91386  10.15431  1.000 55.21210  ?  228 GLN A CG  1 
ATOM   612  C CD  . GLN A 1 89  ? 11.37756  -2.72610  8.87323   1.000 61.04803  ?  228 GLN A CD  1 
ATOM   613  O OE1 . GLN A 1 89  ? 10.30840  -3.11016  8.39892   1.000 64.21206  ?  228 GLN A OE1 1 
ATOM   614  N NE2 . GLN A 1 89  ? 12.54834  -2.99305  8.30608   1.000 56.19770  ?  228 GLN A NE2 1 
ATOM   615  N N   . THR A 1 90  ? 12.05213  0.24899   12.72173  1.000 53.21532  ?  229 THR A N   1 
ATOM   616  C CA  . THR A 1 90  ? 12.98402  1.35795   12.84696  1.000 40.99717  ?  229 THR A CA  1 
ATOM   617  C C   . THR A 1 90  ? 14.31251  0.99420   12.20285  1.000 45.66293  ?  229 THR A C   1 
ATOM   618  O O   . THR A 1 90  ? 14.73489  -0.16647  12.21752  1.000 43.51172  ?  229 THR A O   1 
ATOM   619  C CB  . THR A 1 90  ? 13.21265  1.73801   14.31434  1.000 53.78421  ?  229 THR A CB  1 
ATOM   620  O OG1 . THR A 1 90  ? 13.86955  0.65958   14.99372  1.000 57.74799  ?  229 THR A OG1 1 
ATOM   621  C CG2 . THR A 1 90  ? 11.88835  2.03047   14.99920  1.000 49.70435  ?  229 THR A CG2 1 
ATOM   622  N N   . GLY A 1 91  ? 14.96708  2.00065   11.63248  1.000 60.96566  ?  230 GLY A N   1 
ATOM   623  C CA  . GLY A 1 91  ? 16.26615  1.80668   11.02386  1.000 53.34579  ?  230 GLY A CA  1 
ATOM   624  C C   . GLY A 1 91  ? 16.99666  3.10959   10.78546  1.000 65.63892  ?  230 GLY A C   1 
ATOM   625  O O   . GLY A 1 91  ? 16.39190  4.09667   10.35574  1.000 64.71887  ?  230 GLY A O   1 
ATOM   626  N N   . ASP A 1 92  ? 18.29449  3.13353   11.07735  1.000 69.58173  ?  231 ASP A N   1 
ATOM   627  C CA  . ASP A 1 92  ? 19.10497  4.29623   10.74698  1.000 69.30860  ?  231 ASP A CA  1 
ATOM   628  C C   . ASP A 1 92  ? 19.15774  4.46027   9.23562   1.000 73.42705  ?  231 ASP A C   1 
ATOM   629  O O   . ASP A 1 92  ? 19.65376  3.58220   8.52275   1.000 69.55990  ?  231 ASP A O   1 
ATOM   630  C CB  . ASP A 1 92  ? 20.51176  4.14486   11.32543  1.000 73.38672  ?  231 ASP A CB  1 
ATOM   631  C CG  . ASP A 1 92  ? 20.53327  4.24442   12.83910  1.000 79.39808  ?  231 ASP A CG  1 
ATOM   632  O OD1 . ASP A 1 92  ? 19.47861  4.55354   13.43213  1.000 74.53300  ?  231 ASP A OD1 1 
ATOM   633  O OD2 . ASP A 1 92  ? 21.60623  4.01323   13.43650  1.000 86.80638  ?  231 ASP A OD2 1 
ATOM   634  N N   . ARG A 1 93  ? 18.62646  5.57840   8.74464   1.000 70.67465  ?  232 ARG A N   1 
ATOM   635  C CA  . ARG A 1 93  ? 18.47217  5.79318   7.31049   1.000 61.61927  ?  232 ARG A CA  1 
ATOM   636  C C   . ARG A 1 93  ? 18.92482  7.19929   6.95262   1.000 58.21669  ?  232 ARG A C   1 
ATOM   637  O O   . ARG A 1 93  ? 18.31827  8.17683   7.40077   1.000 47.84799  ?  232 ARG A O   1 
ATOM   638  C CB  . ARG A 1 93  ? 17.01763  5.58118   6.87925   1.000 62.15239  ?  232 ARG A CB  1 
ATOM   639  C CG  . ARG A 1 93  ? 16.50796  4.15054   6.99914   1.000 59.99342  ?  232 ARG A CG  1 
ATOM   640  C CD  . ARG A 1 93  ? 17.21646  3.19665   6.03991   1.000 67.91306  ?  232 ARG A CD  1 
ATOM   641  N NE  . ARG A 1 93  ? 17.71608  3.85953   4.83990   1.000 66.88428  ?  232 ARG A NE  1 
ATOM   642  C CZ  . ARG A 1 93  ? 16.95869  4.27382   3.83267   1.000 68.46420  ?  232 ARG A CZ  1 
ATOM   643  N NH1 . ARG A 1 93  ? 15.64201  4.13837   3.85530   1.000 72.42950  ?  232 ARG A NH1 1 
ATOM   644  N NH2 . ARG A 1 93  ? 17.53504  4.85145   2.78279   1.000 65.24433  ?  232 ARG A NH2 1 
ATOM   645  N N   . ALA A 1 94  ? 19.98252  7.28997   6.14312   1.000 64.84747  ?  233 ALA A N   1 
ATOM   646  C CA  . ALA A 1 94  ? 20.42283  8.54962   5.53818   1.000 58.89396  ?  233 ALA A CA  1 
ATOM   647  C C   . ALA A 1 94  ? 20.62325  9.64478   6.58312   1.000 54.37479  ?  233 ALA A C   1 
ATOM   648  O O   . ALA A 1 94  ? 20.22759  10.79574  6.39248   1.000 52.08722  ?  233 ALA A O   1 
ATOM   649  C CB  . ALA A 1 94  ? 19.44262  9.00685   4.45755   1.000 57.30301  ?  233 ALA A CB  1 
ATOM   650  N N   . GLY A 1 95  ? 21.24146  9.27859   7.70526   1.000 62.92508  ?  234 GLY A N   1 
ATOM   651  C CA  . GLY A 1 95  ? 21.55434  10.22479  8.75395   1.000 61.08432  ?  234 GLY A CA  1 
ATOM   652  C C   . GLY A 1 95  ? 20.51643  10.34900  9.84778   1.000 62.80397  ?  234 GLY A C   1 
ATOM   653  O O   . GLY A 1 95  ? 20.81612  10.93449  10.89720  1.000 61.48255  ?  234 GLY A O   1 
ATOM   654  N N   . ILE A 1 96  ? 19.31284  9.82565   9.64581   1.000 67.47854  ?  235 ILE A N   1 
ATOM   655  C CA  . ILE A 1 96  ? 18.26680  9.87174   10.65904  1.000 61.12488  ?  235 ILE A CA  1 
ATOM   656  C C   . ILE A 1 96  ? 18.37613  8.63084   11.53137  1.000 57.54683  ?  235 ILE A C   1 
ATOM   657  O O   . ILE A 1 96  ? 18.37188  7.50224   11.02590  1.000 61.95209  ?  235 ILE A O   1 
ATOM   658  C CB  . ILE A 1 96  ? 16.87562  9.97295   10.01573  1.000 57.94783  ?  235 ILE A CB  1 
ATOM   659  C CG1 . ILE A 1 96  ? 16.76504  11.25692  9.19314   1.000 58.19998  ?  235 ILE A CG1 1 
ATOM   660  C CG2 . ILE A 1 96  ? 15.79046  9.92053   11.08373  1.000 61.07261  ?  235 ILE A CG2 1 
ATOM   661  C CD1 . ILE A 1 96  ? 15.38971  11.49874  8.62808   1.000 46.39974  ?  235 ILE A CD1 1 
ATOM   662  N N   . LYS A 1 97  ? 18.47692  8.83711   12.84032  1.000 57.93787  ?  236 LYS A N   1 
ATOM   663  C CA  . LYS A 1 97  ? 18.56378  7.72686   13.77849  1.000 63.24679  ?  236 LYS A CA  1 
ATOM   664  C C   . LYS A 1 97  ? 17.16091  7.22864   14.10183  1.000 63.48316  ?  236 LYS A C   1 
ATOM   665  O O   . LYS A 1 97  ? 16.32568  7.99028   14.60298  1.000 60.37289  ?  236 LYS A O   1 
ATOM   666  C CB  . LYS A 1 97  ? 19.29707  8.15644   15.04686  1.000 62.85658  ?  236 LYS A CB  1 
ATOM   667  C CG  . LYS A 1 97  ? 19.54737  7.02425   16.02767  1.000 71.43600  ?  236 LYS A CG  1 
ATOM   668  C CD  . LYS A 1 97  ? 20.39300  7.48777   17.20067  1.000 71.56873  ?  236 LYS A CD  1 
ATOM   669  C CE  . LYS A 1 97  ? 20.70360  6.34023   18.14577  1.000 70.78342  ?  236 LYS A CE  1 
ATOM   670  N NZ  . LYS A 1 97  ? 21.55521  6.77968   19.28671  1.000 110.10445 ?  236 LYS A NZ  1 
ATOM   671  N N   . ASP A 1 98  ? 16.90653  5.95229   13.80570  1.000 68.93899  ?  237 ASP A N   1 
ATOM   672  C CA  . ASP A 1 98  ? 15.62043  5.29990   14.05714  1.000 70.42272  ?  237 ASP A CA  1 
ATOM   673  C C   . ASP A 1 98  ? 14.49026  5.96443   13.26621  1.000 72.75341  ?  237 ASP A C   1 
ATOM   674  O O   . ASP A 1 98  ? 13.48260  6.40684   13.82178  1.000 74.98957  ?  237 ASP A O   1 
ATOM   675  C CB  . ASP A 1 98  ? 15.29824  5.27424   15.55636  1.000 73.05673  ?  237 ASP A CB  1 
ATOM   676  C CG  . ASP A 1 98  ? 16.33883  4.52967   16.36414  1.000 69.60460  ?  237 ASP A CG  1 
ATOM   677  O OD1 . ASP A 1 98  ? 16.86774  3.51260   15.86782  1.000 75.42603  ?  237 ASP A OD1 1 
ATOM   678  O OD2 . ASP A 1 98  ? 16.62996  4.96569   17.49761  1.000 62.49231  ?  237 ASP A OD2 1 
ATOM   679  N N   . ARG A 1 99  ? 14.67569  6.03308   11.95000  1.000 68.86996  ?  238 ARG A N   1 
ATOM   680  C CA  . ARG A 1 99  ? 13.57200  6.40036   11.07470  1.000 58.37600  ?  238 ARG A CA  1 
ATOM   681  C C   . ARG A 1 99  ? 12.51203  5.30793   11.14341  1.000 61.51357  ?  238 ARG A C   1 
ATOM   682  O O   . ARG A 1 99  ? 12.82342  4.11986   11.01553  1.000 60.53912  ?  238 ARG A O   1 
ATOM   683  C CB  . ARG A 1 99  ? 14.05865  6.59539   9.63885   1.000 70.63612  ?  238 ARG A CB  1 
ATOM   684  C CG  . ARG A 1 99  ? 12.97976  7.07186   8.67230   1.000 73.05661  ?  238 ARG A CG  1 
ATOM   685  C CD  . ARG A 1 99  ? 13.51866  7.21896   7.25520   1.000 59.13306  ?  238 ARG A CD  1 
ATOM   686  N NE  . ARG A 1 99  ? 12.47179  7.56403   6.30081   1.000 59.54144  ?  238 ARG A NE  1 
ATOM   687  C CZ  . ARG A 1 99  ? 12.65109  7.64355   4.98823   1.000 61.93126  ?  238 ARG A CZ  1 
ATOM   688  N NH1 . ARG A 1 99  ? 13.83158  7.41456   4.43606   1.000 66.57232  ?  238 ARG A NH1 1 
ATOM   689  N NH2 . ARG A 1 99  ? 11.61832  7.95572   4.21018   1.000 54.78337  ?  238 ARG A NH2 1 
ATOM   690  N N   . VAL A 1 100 ? 11.26095  5.70587   11.35379  1.000 57.65298  ?  239 VAL A N   1 
ATOM   691  C CA  . VAL A 1 100 ? 10.19680  4.77799   11.71857  1.000 63.18526  ?  239 VAL A CA  1 
ATOM   692  C C   . VAL A 1 100 ? 9.34795   4.47242   10.49255  1.000 60.12718  ?  239 VAL A C   1 
ATOM   693  O O   . VAL A 1 100 ? 8.73519   5.37344   9.90555   1.000 57.02472  ?  239 VAL A O   1 
ATOM   694  C CB  . VAL A 1 100 ? 9.33342   5.34168   12.85885  1.000 62.03854  ?  239 VAL A CB  1 
ATOM   695  C CG1 . VAL A 1 100 ? 8.13489   4.44377   13.10386  1.000 68.59350  ?  239 VAL A CG1 1 
ATOM   696  C CG2 . VAL A 1 100 ? 10.16244  5.48319   14.12428  1.000 69.93475  ?  239 VAL A CG2 1 
ATOM   697  N N   . TYR A 1 101 ? 9.29956   3.19771   10.11716  1.000 54.13002  ?  240 TYR A N   1 
ATOM   698  C CA  . TYR A 1 101 ? 8.41301   2.71085   9.06941   1.000 55.25435  ?  240 TYR A CA  1 
ATOM   699  C C   . TYR A 1 101 ? 7.21051   2.05257   9.73336   1.000 61.77493  ?  240 TYR A C   1 
ATOM   700  O O   . TYR A 1 101 ? 7.36371   1.06853   10.46447  1.000 60.69762  ?  240 TYR A O   1 
ATOM   701  C CB  . TYR A 1 101 ? 9.13780   1.72303   8.15495   1.000 50.80856  ?  240 TYR A CB  1 
ATOM   702  C CG  . TYR A 1 101 ? 10.31271  2.32057   7.41287   1.000 53.89155  ?  240 TYR A CG  1 
ATOM   703  C CD1 . TYR A 1 101 ? 11.56082  2.42334   8.01451   1.000 55.28748  ?  240 TYR A CD1 1 
ATOM   704  C CD2 . TYR A 1 101 ? 10.17563  2.77794   6.10921   1.000 58.72377  ?  240 TYR A CD2 1 
ATOM   705  C CE1 . TYR A 1 101 ? 12.63686  2.97031   7.33896   1.000 62.32973  ?  240 TYR A CE1 1 
ATOM   706  C CE2 . TYR A 1 101 ? 11.24575  3.32457   5.42554   1.000 66.42342  ?  240 TYR A CE2 1 
ATOM   707  C CZ  . TYR A 1 101 ? 12.47395  3.41771   6.04421   1.000 68.49422  ?  240 TYR A CZ  1 
ATOM   708  O OH  . TYR A 1 101 ? 13.54108  3.96144   5.36581   1.000 63.50485  ?  240 TYR A OH  1 
ATOM   709  N N   . SER A 1 102 ? 6.02196   2.59341   9.48204   1.000 58.37989  ?  241 SER A N   1 
ATOM   710  C CA  . SER A 1 102 ? 4.81295   2.15833   10.16287  1.000 67.83612  ?  241 SER A CA  1 
ATOM   711  C C   . SER A 1 102 ? 3.76994   1.69719   9.15375   1.000 67.16617  ?  241 SER A C   1 
ATOM   712  O O   . SER A 1 102 ? 3.76676   2.12590   7.99652   1.000 72.29797  ?  241 SER A O   1 
ATOM   713  C CB  . SER A 1 102 ? 4.23410   3.28022   11.03382  1.000 62.36302  ?  241 SER A CB  1 
ATOM   714  O OG  . SER A 1 102 ? 3.14826   2.81223   11.81388  1.000 82.16370  ?  241 SER A OG  1 
ATOM   715  N N   . ASN A 1 103 ? 2.88598   0.81104   9.60737   1.000 68.09510  ?  242 ASN A N   1 
ATOM   716  C CA  . ASN A 1 103 ? 1.81506   0.27686   8.77885   1.000 72.32835  ?  242 ASN A CA  1 
ATOM   717  C C   . ASN A 1 103 ? 0.54781   0.16198   9.61384   1.000 73.22229  ?  242 ASN A C   1 
ATOM   718  O O   . ASN A 1 103 ? 0.60449   -0.00317  10.83451  1.000 68.82995  ?  242 ASN A O   1 
ATOM   719  C CB  . ASN A 1 103 ? 2.18932   -1.08887  8.18952   1.000 68.11449  ?  242 ASN A CB  1 
ATOM   720  C CG  . ASN A 1 103 ? 3.46563   -1.03935  7.37335   1.000 65.79825  ?  242 ASN A CG  1 
ATOM   721  O OD1 . ASN A 1 103 ? 4.56781   -1.05509  7.92159   1.000 61.34539  ?  242 ASN A OD1 1 
ATOM   722  N ND2 . ASN A 1 103 ? 3.32301   -0.97754  6.05449   1.000 58.07002  ?  242 ASN A ND2 1 
ATOM   723  N N   . SER A 1 104 ? -0.59743  0.24458   8.94162   1.000 63.70549  ?  243 SER A N   1 
ATOM   724  C CA  . SER A 1 104 ? -1.89669  0.24618   9.59895   1.000 55.80509  ?  243 SER A CA  1 
ATOM   725  C C   . SER A 1 104 ? -2.72058  -0.95034  9.14213   1.000 61.27476  ?  243 SER A C   1 
ATOM   726  O O   . SER A 1 104 ? -2.77534  -1.26287  7.94805   1.000 51.85964  ?  243 SER A O   1 
ATOM   727  C CB  . SER A 1 104 ? -2.65467  1.54518   9.31675   1.000 57.88564  ?  243 SER A CB  1 
ATOM   728  O OG  . SER A 1 104 ? -1.92673  2.66931   9.78132   1.000 62.72246  ?  243 SER A OG  1 
ATOM   729  N N   . ILE A 1 105 ? -3.36150  -1.61004  10.10112  1.000 71.71853  ?  244 ILE A N   1 
ATOM   730  C CA  . ILE A 1 105 ? -4.16992  -2.79422  9.83943   1.000 61.31364  ?  244 ILE A CA  1 
ATOM   731  C C   . ILE A 1 105 ? -5.62200  -2.36676  9.67760   1.000 71.67176  ?  244 ILE A C   1 
ATOM   732  O O   . ILE A 1 105 ? -6.13594  -1.56592  10.46782  1.000 72.34498  ?  244 ILE A O   1 
ATOM   733  C CB  . ILE A 1 105 ? -4.01827  -3.81932  10.97519  1.000 65.34681  ?  244 ILE A CB  1 
ATOM   734  C CG1 . ILE A 1 105 ? -2.53927  -4.05345  11.28360  1.000 60.58004  ?  244 ILE A CG1 1 
ATOM   735  C CG2 . ILE A 1 105 ? -4.68977  -5.12551  10.60631  1.000 76.69671  ?  244 ILE A CG2 1 
ATOM   736  C CD1 . ILE A 1 105 ? -2.30231  -4.96394  12.46183  1.000 62.69889  ?  244 ILE A CD1 1 
ATOM   737  N N   . TYR A 1 106 ? -6.28650  -2.89662  8.65205   1.000 77.21537  ?  245 TYR A N   1 
ATOM   738  C CA  . TYR A 1 106 ? -7.64878  -2.50640  8.32015   1.000 79.39242  ?  245 TYR A CA  1 
ATOM   739  C C   . TYR A 1 106 ? -8.54757  -3.72855  8.22509   1.000 88.10601  ?  245 TYR A C   1 
ATOM   740  O O   . TYR A 1 106 ? -8.12202  -4.78987  7.75973   1.000 95.27046  ?  245 TYR A O   1 
ATOM   741  C CB  . TYR A 1 106 ? -7.69827  -1.73453  6.99732   1.000 69.84875  ?  245 TYR A CB  1 
ATOM   742  C CG  . TYR A 1 106 ? -7.14714  -0.33588  7.09491   1.000 64.97825  ?  245 TYR A CG  1 
ATOM   743  C CD1 . TYR A 1 106 ? -5.78334  -0.09841  7.00290   1.000 68.22516  ?  245 TYR A CD1 1 
ATOM   744  C CD2 . TYR A 1 106 ? -7.99133  0.74900   7.28228   1.000 75.87903  ?  245 TYR A CD2 1 
ATOM   745  C CE1 . TYR A 1 106 ? -5.27539  1.18141   7.09561   1.000 67.38992  ?  245 TYR A CE1 1 
ATOM   746  C CE2 . TYR A 1 106 ? -7.49348  2.03149   7.37585   1.000 78.03009  ?  245 TYR A CE2 1 
ATOM   747  C CZ  . TYR A 1 106 ? -6.13455  2.24299   7.28047   1.000 66.47572  ?  245 TYR A CZ  1 
ATOM   748  O OH  . TYR A 1 106 ? -5.63427  3.52081   7.37172   1.000 70.46918  ?  245 TYR A OH  1 
ATOM   749  N N   . GLU A 1 107 ? -9.79186  -3.56851  8.66380   1.000 91.44064  ?  246 GLU A N   1 
ATOM   750  C CA  . GLU A 1 107 ? -10.81896 -4.58245  8.48705   1.000 89.32993  ?  246 GLU A CA  1 
ATOM   751  C C   . GLU A 1 107 ? -11.70288 -4.21708  7.30123   1.000 88.46001  ?  246 GLU A C   1 
ATOM   752  O O   . GLU A 1 107 ? -11.93601 -3.04018  7.01370   1.000 88.58015  ?  246 GLU A O   1 
ATOM   753  C CB  . GLU A 1 107 ? -11.67477 -4.73868  9.74865   1.000 81.98246  ?  246 GLU A CB  1 
ATOM   754  C CG  . GLU A 1 107 ? -12.55398 -3.54024  10.07311  1.000 85.28992  ?  246 GLU A CG  1 
ATOM   755  C CD  . GLU A 1 107 ? -13.60411 -3.85522  11.12112  1.000 94.54283  ?  246 GLU A CD  1 
ATOM   756  O OE1 . GLU A 1 107 ? -13.64038 -5.00778  11.60124  1.000 86.96119  ?  246 GLU A OE1 1 
ATOM   757  O OE2 . GLU A 1 107 ? -14.39609 -2.95296  11.46472  1.000 91.46673  ?  246 GLU A OE2 1 
ATOM   758  N N   . LEU A 1 108 ? -12.17988 -5.24223  6.60328   1.000 86.40391  ?  247 LEU A N   1 
ATOM   759  C CA  . LEU A 1 108 ? -13.06514 -5.07607  5.45891   1.000 84.31118  ?  247 LEU A CA  1 
ATOM   760  C C   . LEU A 1 108 ? -14.42366 -5.66804  5.80156   1.000 89.50319  ?  247 LEU A C   1 
ATOM   761  O O   . LEU A 1 108 ? -14.50617 -6.79722  6.29618   1.000 100.44391 ?  247 LEU A O   1 
ATOM   762  C CB  . LEU A 1 108 ? -12.48199 -5.74418  4.21374   1.000 80.12898  ?  247 LEU A CB  1 
ATOM   763  C CG  . LEU A 1 108 ? -11.04272 -5.34944  3.87649   1.000 82.49399  ?  247 LEU A CG  1 
ATOM   764  C CD1 . LEU A 1 108 ? -10.59588 -6.02079  2.59140   1.000 95.74699  ?  247 LEU A CD1 1 
ATOM   765  C CD2 . LEU A 1 108 ? -10.89611 -3.83896  3.77595   1.000 84.89339  ?  247 LEU A CD2 1 
ATOM   766  N N   . LEU A 1 109 ? -15.48194 -4.90827  5.53760   1.000 93.68244  ?  248 LEU A N   1 
ATOM   767  C CA  . LEU A 1 109 ? -16.82677 -5.24460  5.98342   1.000 95.78842  ?  248 LEU A CA  1 
ATOM   768  C C   . LEU A 1 109 ? -17.67916 -5.64056  4.78611   1.000 99.16839  ?  248 LEU A C   1 
ATOM   769  O O   . LEU A 1 109 ? -17.81878 -4.86566  3.83384   1.000 101.20340 ?  248 LEU A O   1 
ATOM   770  C CB  . LEU A 1 109 ? -17.45710 -4.06568  6.72363   1.000 87.53600  ?  248 LEU A CB  1 
ATOM   771  C CG  . LEU A 1 109 ? -16.62604 -3.50281  7.87965   1.000 99.01755  ?  248 LEU A CG  1 
ATOM   772  C CD1 . LEU A 1 109 ? -17.08321 -2.09848  8.23784   1.000 101.67985 ?  248 LEU A CD1 1 
ATOM   773  C CD2 . LEU A 1 109 ? -16.69981 -4.41796  9.09191   1.000 103.92563 ?  248 LEU A CD2 1 
ATOM   774  N N   . GLU A 1 110 ? -18.24490 -6.84331  4.84026   1.000 106.58763 ?  249 GLU A N   1 
ATOM   775  C CA  . GLU A 1 110 ? -19.19855 -7.32268  3.84855   1.000 96.63543  ?  249 GLU A CA  1 
ATOM   776  C C   . GLU A 1 110 ? -20.51121 -7.59389  4.56788   1.000 102.55860 ?  249 GLU A C   1 
ATOM   777  O O   . GLU A 1 110 ? -20.55377 -8.41167  5.49110   1.000 107.19382 ?  249 GLU A O   1 
ATOM   778  C CB  . GLU A 1 110 ? -18.68262 -8.58334  3.15176   1.000 86.91967  ?  249 GLU A CB  1 
ATOM   779  C CG  . GLU A 1 110 ? -19.08712 -8.70959  1.69363   1.000 86.32323  ?  249 GLU A CG  1 
ATOM   780  C CD  . GLU A 1 110 ? -18.44879 -9.90788  1.01631   1.000 92.97954  ?  249 GLU A CD  1 
ATOM   781  O OE1 . GLU A 1 110 ? -18.18843 -10.91439 1.70875   1.000 80.35368  ?  249 GLU A OE1 1 
ATOM   782  O OE2 . GLU A 1 110 ? -18.19895 -9.84174  -0.20653  1.000 96.64018  ?  249 GLU A OE2 1 
ATOM   783  N N   . ASN A 1 111 ? -21.57058 -6.89492  4.15533   1.000 101.40532 ?  250 ASN A N   1 
ATOM   784  C CA  . ASN A 1 111 ? -22.89458 -6.97745  4.77462   1.000 110.82961 ?  250 ASN A CA  1 
ATOM   785  C C   . ASN A 1 111 ? -22.88972 -6.50534  6.22637   1.000 92.06576  ?  250 ASN A C   1 
ATOM   786  O O   . ASN A 1 111 ? -23.80369 -6.83149  6.99050   1.000 90.08237  ?  250 ASN A O   1 
ATOM   787  C CB  . ASN A 1 111 ? -23.46808 -8.39942  4.69483   1.000 111.34747 ?  250 ASN A CB  1 
ATOM   788  C CG  . ASN A 1 111 ? -23.22380 -9.05401  3.35113   1.000 116.21001 ?  250 ASN A CG  1 
ATOM   789  O OD1 . ASN A 1 111 ? -22.51143 -10.05423 3.25735   1.000 111.74092 ?  250 ASN A OD1 1 
ATOM   790  N ND2 . ASN A 1 111 ? -23.81825 -8.49580  2.30237   1.000 107.44850 ?  250 ASN A ND2 1 
ATOM   791  N N   . GLY A 1 112 ? -21.88111 -5.73467  6.62780   1.000 86.66159  ?  251 GLY A N   1 
ATOM   792  C CA  . GLY A 1 112 ? -21.78443 -5.25730  7.98928   1.000 103.57949 ?  251 GLY A CA  1 
ATOM   793  C C   . GLY A 1 112 ? -21.04646 -6.17006  8.94538   1.000 106.53480 ?  251 GLY A C   1 
ATOM   794  O O   . GLY A 1 112 ? -20.87489 -5.80269  10.11513  1.000 107.99739 ?  251 GLY A O   1 
ATOM   795  N N   . GLN A 1 113 ? -20.61047 -7.34187  8.49481   1.000 107.86053 ?  252 GLN A N   1 
ATOM   796  C CA  . GLN A 1 113 ? -19.80347 -8.24603  9.29935   1.000 112.78276 ?  252 GLN A CA  1 
ATOM   797  C C   . GLN A 1 113 ? -18.37608 -8.24711  8.76814   1.000 111.15692 ?  252 GLN A C   1 
ATOM   798  O O   . GLN A 1 113 ? -18.15537 -8.15197  7.55608   1.000 109.22850 ?  252 GLN A O   1 
ATOM   799  C CB  . GLN A 1 113 ? -20.37994 -9.66857  9.29053   1.000 112.41434 ?  252 GLN A CB  1 
ATOM   800  C CG  . GLN A 1 113 ? -20.37030 -10.35168 7.93006   1.000 119.35388 ?  252 GLN A CG  1 
ATOM   801  C CD  . GLN A 1 113 ? -21.03380 -11.71647 7.94852   1.000 129.86750 ?  252 GLN A CD  1 
ATOM   802  O OE1 . GLN A 1 113 ? -21.74499 -12.06175 8.89149   1.000 134.58632 ?  252 GLN A OE1 1 
ATOM   803  N NE2 . GLN A 1 113 ? -20.80217 -12.50062 6.90042   1.000 129.54099 ?  252 GLN A NE2 1 
ATOM   804  N N   . ARG A 1 114 ? -17.40913 -8.32849  9.68059   1.000 101.72862 ?  253 ARG A N   1 
ATOM   805  C CA  . ARG A 1 114 ? -16.00494 -8.29433  9.29065   1.000 92.21732  ?  253 ARG A CA  1 
ATOM   806  C C   . ARG A 1 114 ? -15.68188 -9.45638  8.36227   1.000 91.27762  ?  253 ARG A C   1 
ATOM   807  O O   . ARG A 1 114 ? -15.74584 -10.62194 8.76479   1.000 99.51335  ?  253 ARG A O   1 
ATOM   808  C CB  . ARG A 1 114 ? -15.10896 -8.33744  10.52637  1.000 99.38646  ?  253 ARG A CB  1 
ATOM   809  C CG  . ARG A 1 114 ? -13.63420 -8.50982  10.19819  1.000 92.00211  ?  253 ARG A CG  1 
ATOM   810  C CD  . ARG A 1 114 ? -12.78446 -8.56889  11.45416  1.000 88.68880  ?  253 ARG A CD  1 
ATOM   811  N NE  . ARG A 1 114 ? -12.86589 -7.33299  12.22183  1.000 89.88596  ?  253 ARG A NE  1 
ATOM   812  C CZ  . ARG A 1 114 ? -12.18306 -7.09766  13.33373  1.000 105.74233 ?  253 ARG A CZ  1 
ATOM   813  N NH1 . ARG A 1 114 ? -11.35168 -7.99442  13.83868  1.000 99.81842  ?  253 ARG A NH1 1 
ATOM   814  N NH2 . ARG A 1 114 ? -12.33739 -5.93033  13.95389  1.000 103.82252 ?  253 ARG A NH2 1 
ATOM   815  N N   . ALA A 1 115 ? -15.33155 -9.13336  7.11932   1.000 82.60446  ?  254 ALA A N   1 
ATOM   816  C CA  . ALA A 1 115 ? -15.02219 -10.14392 6.11702   1.000 74.84535  ?  254 ALA A CA  1 
ATOM   817  C C   . ALA A 1 115 ? -13.53435 -10.42046 5.97449   1.000 76.82834  ?  254 ALA A C   1 
ATOM   818  O O   . ALA A 1 115 ? -13.15647 -11.55232 5.65534   1.000 81.03708  ?  254 ALA A O   1 
ATOM   819  C CB  . ALA A 1 115 ? -15.58729 -9.72839  4.75461   1.000 79.06494  ?  254 ALA A CB  1 
ATOM   820  N N   . GLY A 1 116 ? -12.68030 -9.42521  6.20052   1.000 71.80416  ?  255 GLY A N   1 
ATOM   821  C CA  . GLY A 1 116 ? -11.25064 -9.62554  6.06678   1.000 75.57489  ?  255 GLY A CA  1 
ATOM   822  C C   . GLY A 1 116 ? -10.47169 -8.56401  6.80527   1.000 88.19325  ?  255 GLY A C   1 
ATOM   823  O O   . GLY A 1 116 ? -10.91590 -7.41880  6.93216   1.000 83.97220  ?  255 GLY A O   1 
ATOM   824  N N   . THR A 1 117 ? -9.29548  -8.95342  7.29237   1.000 91.44299  ?  256 THR A N   1 
ATOM   825  C CA  . THR A 1 117 ? -8.37607  -8.06022  7.98516   1.000 70.81208  ?  256 THR A CA  1 
ATOM   826  C C   . THR A 1 117 ? -6.99885  -8.20662  7.35645   1.000 81.49281  ?  256 THR A C   1 
ATOM   827  O O   . THR A 1 117 ? -6.52687  -9.32964  7.14808   1.000 83.65193  ?  256 THR A O   1 
ATOM   828  C CB  . THR A 1 117 ? -8.31911  -8.37894  9.48475   1.000 64.85117  ?  256 THR A CB  1 
ATOM   829  O OG1 . THR A 1 117 ? -9.57555  -8.05551  10.09352  1.000 86.42703  ?  256 THR A OG1 1 
ATOM   830  C CG2 . THR A 1 117 ? -7.21739  -7.58829  10.16385  1.000 62.18064  ?  256 THR A CG2 1 
ATOM   831  N N   . CYS A 1 118 ? -6.35778  -7.08188  7.04974   1.000 80.41116  ?  257 CYS A N   1 
ATOM   832  C CA  . CYS A 1 118 ? -5.07298  -7.11370  6.36246   1.000 68.63969  ?  257 CYS A CA  1 
ATOM   833  C C   . CYS A 1 118 ? -4.34672  -5.79602  6.58921   1.000 56.64329  ?  257 CYS A C   1 
ATOM   834  O O   . CYS A 1 118 ? -4.89546  -4.84551  7.15285   1.000 55.45077  ?  257 CYS A O   1 
ATOM   835  C CB  . CYS A 1 118 ? -5.25170  -7.37577  4.86512   1.000 61.50184  ?  257 CYS A CB  1 
ATOM   836  S SG  . CYS A 1 118 ? -6.09960  -6.04299  3.98946   1.000 63.71982  ?  257 CYS A SG  1 
ATOM   837  N N   . VAL A 1 119 ? -3.09643  -5.75744  6.13932   1.000 58.05170  ?  258 VAL A N   1 
ATOM   838  C CA  . VAL A 1 119 ? -2.30079  -4.53616  6.12739   1.000 62.50265  ?  258 VAL A CA  1 
ATOM   839  C C   . VAL A 1 119 ? -2.51329  -3.87552  4.76996   1.000 57.25649  ?  258 VAL A C   1 
ATOM   840  O O   . VAL A 1 119 ? -2.05838  -4.38618  3.74246   1.000 60.64377  ?  258 VAL A O   1 
ATOM   841  C CB  . VAL A 1 119 ? -0.81705  -4.82546  6.38081   1.000 57.88833  ?  258 VAL A CB  1 
ATOM   842  C CG1 . VAL A 1 119 ? -0.06540  -3.53259  6.65911   1.000 60.63783  ?  258 VAL A CG1 1 
ATOM   843  C CG2 . VAL A 1 119 ? -0.65471  -5.81023  7.52999   1.000 53.06578  ?  258 VAL A CG2 1 
ATOM   844  N N   . LEU A 1 120 ? -3.20535  -2.73834  4.76240   1.000 59.99595  ?  259 LEU A N   1 
ATOM   845  C CA  . LEU A 1 120 ? -3.60494  -2.07691  3.52937   1.000 54.49421  ?  259 LEU A CA  1 
ATOM   846  C C   . LEU A 1 120 ? -3.14095  -0.62920  3.54168   1.000 55.19725  ?  259 LEU A C   1 
ATOM   847  O O   . LEU A 1 120 ? -3.22545  0.05264   4.56761   1.000 58.94973  ?  259 LEU A O   1 
ATOM   848  C CB  . LEU A 1 120 ? -5.12560  -2.13430  3.34442   1.000 48.33690  ?  259 LEU A CB  1 
ATOM   849  C CG  . LEU A 1 120 ? -5.67646  -1.71029  1.98335   1.000 56.82140  ?  259 LEU A CG  1 
ATOM   850  C CD1 . LEU A 1 120 ? -5.25288  -2.69320  0.90553   1.000 53.78849  ?  259 LEU A CD1 1 
ATOM   851  C CD2 . LEU A 1 120 ? -7.19059  -1.58486  2.03535   1.000 74.16136  ?  259 LEU A CD2 1 
ATOM   852  N N   . GLU A 1 121 ? -2.64828  -0.16670  2.39639   1.000 54.98053  ?  260 GLU A N   1 
ATOM   853  C CA  . GLU A 1 121 ? -2.22762  1.22054   2.25566   1.000 58.51700  ?  260 GLU A CA  1 
ATOM   854  C C   . GLU A 1 121 ? -2.19690  1.57428   0.77554   1.000 62.54120  ?  260 GLU A C   1 
ATOM   855  O O   . GLU A 1 121 ? -2.13638  0.69637   -0.08841  1.000 60.73387  ?  260 GLU A O   1 
ATOM   856  C CB  . GLU A 1 121 ? -0.85361  1.45834   2.89357   1.000 52.47364  ?  260 GLU A CB  1 
ATOM   857  C CG  . GLU A 1 121 ? 0.30898   0.87628   2.10651   1.000 40.66858  ?  260 GLU A CG  1 
ATOM   858  C CD  . GLU A 1 121 ? 1.59291   0.82864   2.90925   1.000 43.62213  ?  260 GLU A CD  1 
ATOM   859  O OE1 . GLU A 1 121 ? 1.52371   0.57403   4.13066   1.000 47.12749  ?  260 GLU A OE1 1 
ATOM   860  O OE2 . GLU A 1 121 ? 2.67120   1.04966   2.31930   1.000 47.91607  ?  260 GLU A OE2 1 
ATOM   861  N N   . TYR A 1 122 ? -2.22115  2.87376   0.49962   1.000 60.30318  ?  261 TYR A N   1 
ATOM   862  C CA  . TYR A 1 122 ? -2.04859  3.38522   -0.84973  1.000 55.45961  ?  261 TYR A CA  1 
ATOM   863  C C   . TYR A 1 122 ? -0.56361  3.49444   -1.19014  1.000 51.94283  ?  261 TYR A C   1 
ATOM   864  O O   . TYR A 1 122 ? 0.30983   3.45780   -0.32166  1.000 53.61844  ?  261 TYR A O   1 
ATOM   865  C CB  . TYR A 1 122 ? -2.70589  4.75460   -1.01154  1.000 54.47082  ?  261 TYR A CB  1 
ATOM   866  C CG  . TYR A 1 122 ? -4.21872  4.78736   -1.14081  1.000 68.55029  ?  261 TYR A CG  1 
ATOM   867  C CD1 . TYR A 1 122 ? -4.85056  4.35699   -2.30065  1.000 70.78524  ?  261 TYR A CD1 1 
ATOM   868  C CD2 . TYR A 1 122 ? -5.00897  5.29942   -0.11901  1.000 70.16095  ?  261 TYR A CD2 1 
ATOM   869  C CE1 . TYR A 1 122 ? -6.23330  4.40326   -2.42324  1.000 73.72683  ?  261 TYR A CE1 1 
ATOM   870  C CE2 . TYR A 1 122 ? -6.38677  5.35206   -0.23587  1.000 66.62391  ?  261 TYR A CE2 1 
ATOM   871  C CZ  . TYR A 1 122 ? -6.99398  4.90118   -1.38556  1.000 68.06728  ?  261 TYR A CZ  1 
ATOM   872  O OH  . TYR A 1 122 ? -8.36431  4.95289   -1.49526  1.000 69.92731  ?  261 TYR A OH  1 
ATOM   873  N N   . ALA A 1 123 ? -0.28131  3.64951   -2.48135  1.000 54.63273  ?  262 ALA A N   1 
ATOM   874  C CA  . ALA A 1 123 ? 1.08009   3.88081   -2.95663  1.000 55.25661  ?  262 ALA A CA  1 
ATOM   875  C C   . ALA A 1 123 ? 1.33240   5.38452   -2.97230  1.000 55.50466  ?  262 ALA A C   1 
ATOM   876  O O   . ALA A 1 123 ? 0.79011   6.10410   -3.81785  1.000 62.09091  ?  262 ALA A O   1 
ATOM   877  C CB  . ALA A 1 123 ? 1.28066   3.26686   -4.33818  1.000 53.49118  ?  262 ALA A CB  1 
ATOM   878  N N   . THR A 1 124 ? 2.15683   5.85059   -2.03511  1.000 43.76929  ?  263 THR A N   1 
ATOM   879  C CA  . THR A 1 124 ? 2.42745   7.28138   -1.91513  1.000 49.81361  ?  263 THR A CA  1 
ATOM   880  C C   . THR A 1 124 ? 2.98078   7.92756   -3.18270  1.000 51.52634  ?  263 THR A C   1 
ATOM   881  O O   . THR A 1 124 ? 2.57109   9.06460   -3.47961  1.000 51.99502  ?  263 THR A O   1 
ATOM   882  C CB  . THR A 1 124 ? 3.37407   7.52833   -0.73528  1.000 48.10647  ?  263 THR A CB  1 
ATOM   883  O OG1 . THR A 1 124 ? 2.90930   6.79499   0.40308   1.000 50.17833  ?  263 THR A OG1 1 
ATOM   884  C CG2 . THR A 1 124 ? 3.40888   9.01018   -0.38722  1.000 50.04053  ?  263 THR A CG2 1 
ATOM   885  N N   . PRO A 1 125 ? 3.88846   7.31144   -3.95265  1.000 46.68267  ?  264 PRO A N   1 
ATOM   886  C CA  . PRO A 1 125 ? 4.38219   8.00646   -5.15317  1.000 56.39658  ?  264 PRO A CA  1 
ATOM   887  C C   . PRO A 1 125 ? 3.27612   8.47328   -6.09258  1.000 58.53005  ?  264 PRO A C   1 
ATOM   888  O O   . PRO A 1 125 ? 3.51619   9.36840   -6.91522  1.000 53.61350  ?  264 PRO A O   1 
ATOM   889  C CB  . PRO A 1 125 ? 5.28244   6.95239   -5.81276  1.000 53.08823  ?  264 PRO A CB  1 
ATOM   890  C CG  . PRO A 1 125 ? 5.77654   6.13556   -4.67464  1.000 43.89221  ?  264 PRO A CG  1 
ATOM   891  C CD  . PRO A 1 125 ? 4.60709   6.03870   -3.73825  1.000 46.09186  ?  264 PRO A CD  1 
ATOM   892  N N   . LEU A 1 126 ? 2.08602   7.87137   -6.01537  1.000 54.24125  ?  265 LEU A N   1 
ATOM   893  C CA  . LEU A 1 126 ? 0.97855   8.32840   -6.84809  1.000 46.12486  ?  265 LEU A CA  1 
ATOM   894  C C   . LEU A 1 126 ? 0.47296   9.68468   -6.39275  1.000 64.74967  ?  265 LEU A C   1 
ATOM   895  O O   . LEU A 1 126 ? 0.10014   10.51173  -7.22774  1.000 63.91761  ?  265 LEU A O   1 
ATOM   896  C CB  . LEU A 1 126 ? -0.15573  7.29648   -6.85393  1.000 52.32949  ?  265 LEU A CB  1 
ATOM   897  C CG  . LEU A 1 126 ? 0.16533   5.94740   -7.51965  1.000 54.10941  ?  265 LEU A CG  1 
ATOM   898  C CD1 . LEU A 1 126 ? -1.02116  4.98798   -7.49995  1.000 44.02020  ?  265 LEU A CD1 1 
ATOM   899  C CD2 . LEU A 1 126 ? 0.70283   6.09016   -8.94676  1.000 46.34197  ?  265 LEU A CD2 1 
ATOM   900  N N   . GLN A 1 127 ? 0.50029   9.94761   -5.08930  1.000 63.15593  ?  266 GLN A N   1 
ATOM   901  C CA  . GLN A 1 127 ? 0.24289   11.30365  -4.61502  1.000 56.96268  ?  266 GLN A CA  1 
ATOM   902  C C   . GLN A 1 127 ? 1.26317   12.28684  -5.16988  1.000 59.93796  ?  266 GLN A C   1 
ATOM   903  O O   . GLN A 1 127 ? 0.90753   13.41165  -5.54083  1.000 60.52503  ?  266 GLN A O   1 
ATOM   904  C CB  . GLN A 1 127 ? 0.27461   11.36554  -3.09685  1.000 60.05227  ?  266 GLN A CB  1 
ATOM   905  C CG  . GLN A 1 127 ? -0.96160  10.91117  -2.37083  1.000 71.88580  ?  266 GLN A CG  1 
ATOM   906  C CD  . GLN A 1 127 ? -0.82200  11.09542  -0.84955  1.000 71.03966  ?  266 GLN A CD  1 
ATOM   907  O OE1 . GLN A 1 127 ? 0.27539   11.32647  -0.33095  1.000 70.00141  ?  266 GLN A OE1 1 
ATOM   908  N NE2 . GLN A 1 127 ? -1.94010  10.99991  -0.13690  1.000 63.82836  ?  266 GLN A NE2 1 
ATOM   909  N N   . THR A 1 128 ? 2.53560   11.88977  -5.21545  1.000 52.34087  ?  267 THR A N   1 
ATOM   910  C CA  . THR A 1 128 ? 3.57944   12.75724  -5.74809  1.000 61.40482  ?  267 THR A CA  1 
ATOM   911  C C   . THR A 1 128 ? 3.30777   13.09610  -7.20759  1.000 55.42532  ?  267 THR A C   1 
ATOM   912  O O   . THR A 1 128 ? 3.46747   14.25071  -7.62441  1.000 52.99257  ?  267 THR A O   1 
ATOM   913  C CB  . THR A 1 128 ? 4.93949   12.07682  -5.58370  1.000 68.27752  ?  267 THR A CB  1 
ATOM   914  O OG1 . THR A 1 128 ? 5.22520   11.87478  -4.19384  1.000 54.84767  ?  267 THR A OG1 1 
ATOM   915  C CG2 . THR A 1 128 ? 6.05721   12.88386  -6.21242  1.000 59.88777  ?  267 THR A CG2 1 
ATOM   916  N N   . LEU A 1 129 ? 2.89040   12.10623  -7.99763  1.000 53.99437  ?  268 LEU A N   1 
ATOM   917  C CA  . LEU A 1 129 ? 2.52631   12.37427  -9.38324  1.000 55.93832  ?  268 LEU A CA  1 
ATOM   918  C C   . LEU A 1 129 ? 1.36313   13.35341  -9.47345  1.000 58.20937  ?  268 LEU A C   1 
ATOM   919  O O   . LEU A 1 129 ? 1.38296   14.27388  -10.29903 1.000 64.65474  ?  268 LEU A O   1 
ATOM   920  C CB  . LEU A 1 129 ? 2.17778   11.06798  -10.09648 1.000 53.35263  ?  268 LEU A CB  1 
ATOM   921  C CG  . LEU A 1 129 ? 3.34497   10.23227  -10.61894 1.000 46.20223  ?  268 LEU A CG  1 
ATOM   922  C CD1 . LEU A 1 129 ? 2.83119   8.97536   -11.29466 1.000 44.58665  ?  268 LEU A CD1 1 
ATOM   923  C CD2 . LEU A 1 129 ? 4.21155   11.04230  -11.57516 1.000 51.45230  ?  268 LEU A CD2 1 
ATOM   924  N N   . PHE A 1 130 ? 0.33953   13.17307  -8.63341  1.000 62.53843  ?  269 PHE A N   1 
ATOM   925  C CA  . PHE A 1 130 ? -0.83172  14.04468  -8.69493  1.000 55.60680  ?  269 PHE A CA  1 
ATOM   926  C C   . PHE A 1 130 ? -0.46480  15.49039  -8.38432  1.000 50.14303  ?  269 PHE A C   1 
ATOM   927  O O   . PHE A 1 130 ? -0.91062  16.41602  -9.07383  1.000 47.34608  ?  269 PHE A O   1 
ATOM   928  C CB  . PHE A 1 130 ? -1.90445  13.54437  -7.72736  1.000 48.05826  ?  269 PHE A CB  1 
ATOM   929  C CG  . PHE A 1 130 ? -3.26568  14.12822  -7.97283  1.000 52.81709  ?  269 PHE A CG  1 
ATOM   930  C CD1 . PHE A 1 130 ? -3.63447  15.33169  -7.39713  1.000 59.50902  ?  269 PHE A CD1 1 
ATOM   931  C CD2 . PHE A 1 130 ? -4.18059  13.46464  -8.77180  1.000 60.66131  ?  269 PHE A CD2 1 
ATOM   932  C CE1 . PHE A 1 130 ? -4.88803  15.86763  -7.62139  1.000 65.82676  ?  269 PHE A CE1 1 
ATOM   933  C CE2 . PHE A 1 130 ? -5.43620  13.99431  -8.99726  1.000 76.63159  ?  269 PHE A CE2 1 
ATOM   934  C CZ  . PHE A 1 130 ? -5.79001  15.19714  -8.42137  1.000 71.76702  ?  269 PHE A CZ  1 
ATOM   935  N N   . ALA A 1 131 ? 0.35115   15.70449  -7.34980  1.000 54.06977  ?  270 ALA A N   1 
ATOM   936  C CA  . ALA A 1 131 ? 0.73992   17.06145  -6.97976  1.000 49.53419  ?  270 ALA A CA  1 
ATOM   937  C C   . ALA A 1 131 ? 1.57031   17.71835  -8.07429  1.000 49.65392  ?  270 ALA A C   1 
ATOM   938  O O   . ALA A 1 131 ? 1.40950   18.91214  -8.35134  1.000 54.83278  ?  270 ALA A O   1 
ATOM   939  C CB  . ALA A 1 131 ? 1.50448   17.04418  -5.65860  1.000 56.78532  ?  270 ALA A CB  1 
ATOM   940  N N   . MET A 1 132 ? 2.46392   16.95359  -8.70985  1.000 53.49242  ?  271 MET A N   1 
ATOM   941  C CA  . MET A 1 132 ? 3.27701   17.50630  -9.78993  1.000 52.18732  ?  271 MET A CA  1 
ATOM   942  C C   . MET A 1 132 ? 2.40623   18.00345  -10.93694 1.000 60.49105  ?  271 MET A C   1 
ATOM   943  O O   . MET A 1 132 ? 2.71965   19.02026  -11.56781 1.000 69.36419  ?  271 MET A O   1 
ATOM   944  C CB  . MET A 1 132 ? 4.27394   16.45871  -10.28555 1.000 59.45831  ?  271 MET A CB  1 
ATOM   945  C CG  . MET A 1 132 ? 5.31689   16.06435  -9.25386  1.000 58.27186  ?  271 MET A CG  1 
ATOM   946  S SD  . MET A 1 132 ? 6.36990   14.70709  -9.79935  1.000 59.83395  ?  271 MET A SD  1 
ATOM   947  C CE  . MET A 1 132 ? 7.22094   15.47776  -11.17308 1.000 55.13979  ?  271 MET A CE  1 
ATOM   948  N N   . SER A 1 133 ? 1.30977   17.29931  -11.22520 1.000 50.70309  ?  272 SER A N   1 
ATOM   949  C CA  . SER A 1 133 ? 0.36625   17.78412  -12.22481 1.000 59.45230  ?  272 SER A CA  1 
ATOM   950  C C   . SER A 1 133 ? -0.30750  19.08052  -11.79362 1.000 64.47396  ?  272 SER A C   1 
ATOM   951  O O   . SER A 1 133 ? -0.78402  19.83414  -12.64979 1.000 65.93760  ?  272 SER A O   1 
ATOM   952  C CB  . SER A 1 133 ? -0.69202  16.71952  -12.51151 1.000 62.47525  ?  272 SER A CB  1 
ATOM   953  O OG  . SER A 1 133 ? -1.53430  16.52413  -11.38914 1.000 74.99786  ?  272 SER A OG  1 
ATOM   954  N N   . GLN A 1 134 ? -0.35517  19.35785  -10.48954 1.000 59.63844  ?  273 GLN A N   1 
ATOM   955  C CA  . GLN A 1 134 ? -1.00115  20.55900  -9.97746  1.000 59.39140  ?  273 GLN A CA  1 
ATOM   956  C C   . GLN A 1 134 ? -0.05812  21.74790  -9.85671  1.000 62.93949  ?  273 GLN A C   1 
ATOM   957  O O   . GLN A 1 134 ? -0.53209  22.88067  -9.71879  1.000 69.93797  ?  273 GLN A O   1 
ATOM   958  C CB  . GLN A 1 134 ? -1.62384  20.27905  -8.60514  1.000 60.65381  ?  273 GLN A CB  1 
ATOM   959  C CG  . GLN A 1 134 ? -2.63226  19.14127  -8.58790  1.000 67.00185  ?  273 GLN A CG  1 
ATOM   960  C CD  . GLN A 1 134 ? -3.92623  19.49699  -9.29098  1.000 87.35298  ?  273 GLN A CD  1 
ATOM   961  O OE1 . GLN A 1 134 ? -4.71413  20.30260  -8.79578  1.000 98.39469  ?  273 GLN A OE1 1 
ATOM   962  N NE2 . GLN A 1 134 ? -4.15216  18.89571  -10.45479 1.000 78.92857  ?  273 GLN A NE2 1 
ATOM   963  N N   . TYR A 1 135 ? 1.25341   21.52600  -9.90754  1.000 52.39926  ?  274 TYR A N   1 
ATOM   964  C CA  . TYR A 1 135 ? 2.23674   22.58682  -9.72080  1.000 57.59076  ?  274 TYR A CA  1 
ATOM   965  C C   . TYR A 1 135 ? 2.73342   23.08710  -11.07164 1.000 63.21613  ?  274 TYR A C   1 
ATOM   966  O O   . TYR A 1 135 ? 3.04984   22.28776  -11.95961 1.000 74.20258  ?  274 TYR A O   1 
ATOM   967  C CB  . TYR A 1 135 ? 3.41191   22.10138  -8.87034  1.000 61.64677  ?  274 TYR A CB  1 
ATOM   968  C CG  . TYR A 1 135 ? 3.16502   22.18957  -7.38035  1.000 60.36787  ?  274 TYR A CG  1 
ATOM   969  C CD1 . TYR A 1 135 ? 3.27440   23.40198  -6.71209  1.000 62.82386  ?  274 TYR A CD1 1 
ATOM   970  C CD2 . TYR A 1 135 ? 2.82839   21.06399  -6.64056  1.000 60.22168  ?  274 TYR A CD2 1 
ATOM   971  C CE1 . TYR A 1 135 ? 3.05080   23.49178  -5.35107  1.000 66.61299  ?  274 TYR A CE1 1 
ATOM   972  C CE2 . TYR A 1 135 ? 2.60232   21.14150  -5.27857  1.000 55.04889  ?  274 TYR A CE2 1 
ATOM   973  C CZ  . TYR A 1 135 ? 2.71554   22.35872  -4.63969  1.000 66.14048  ?  274 TYR A CZ  1 
ATOM   974  O OH  . TYR A 1 135 ? 2.49274   22.44220  -3.28454  1.000 50.79083  ?  274 TYR A OH  1 
ATOM   975  N N   . SER A 1 136 ? 2.79738   24.41373  -11.21980 1.000 59.58649  ?  275 SER A N   1 
ATOM   976  C CA  . SER A 1 136 ? 3.21137   25.00635  -12.48883 1.000 60.03535  ?  275 SER A CA  1 
ATOM   977  C C   . SER A 1 136 ? 4.65982   24.66854  -12.81965 1.000 69.23404  ?  275 SER A C   1 
ATOM   978  O O   . SER A 1 136 ? 4.98972   24.38418  -13.97688 1.000 65.03237  ?  275 SER A O   1 
ATOM   979  C CB  . SER A 1 136 ? 3.01677   26.52143  -12.44843 1.000 69.27322  ?  275 SER A CB  1 
ATOM   980  O OG  . SER A 1 136 ? 1.65405   26.86311  -12.28052 1.000 77.50008  ?  275 SER A OG  1 
ATOM   981  N N   . GLN A 1 137 ? 5.54122   24.70350  -11.81839 1.000 66.94105  ?  276 GLN A N   1 
ATOM   982  C CA  . GLN A 1 137 ? 6.96540   24.51445  -12.06989 1.000 66.43827  ?  276 GLN A CA  1 
ATOM   983  C C   . GLN A 1 137 ? 7.31491   23.07263  -12.41524 1.000 69.93032  ?  276 GLN A C   1 
ATOM   984  O O   . GLN A 1 137 ? 8.36970   22.83114  -13.01209 1.000 66.36371  ?  276 GLN A O   1 
ATOM   985  C CB  . GLN A 1 137 ? 7.78358   24.96820  -10.85857 1.000 56.05309  ?  276 GLN A CB  1 
ATOM   986  C CG  . GLN A 1 137 ? 7.83592   26.47804  -10.66019 1.000 79.74870  ?  276 GLN A CG  1 
ATOM   987  C CD  . GLN A 1 137 ? 6.50568   27.06520  -10.22725 1.000 93.06258  ?  276 GLN A CD  1 
ATOM   988  O OE1 . GLN A 1 137 ? 5.65334   26.36651  -9.67720  1.000 88.24328  ?  276 GLN A OE1 1 
ATOM   989  N NE2 . GLN A 1 137 ? 6.31779   28.35492  -10.48183 1.000 90.73518  ?  276 GLN A NE2 1 
ATOM   990  N N   . ALA A 1 138 ? 6.46256   22.11238  -12.05389 1.000 70.40510  ?  277 ALA A N   1 
ATOM   991  C CA  . ALA A 1 138 ? 6.76026   20.71704  -12.35071 1.000 69.44457  ?  277 ALA A CA  1 
ATOM   992  C C   . ALA A 1 138 ? 6.64383   20.40141  -13.83464 1.000 70.68104  ?  277 ALA A C   1 
ATOM   993  O O   . ALA A 1 138 ? 7.21704   19.40489  -14.28652 1.000 83.02326  ?  277 ALA A O   1 
ATOM   994  C CB  . ALA A 1 138 ? 5.83594   19.79843  -11.55136 1.000 62.56819  ?  277 ALA A CB  1 
ATOM   995  N N   . GLY A 1 139 ? 5.92049   21.21589  -14.59587 1.000 66.12212  ?  278 GLY A N   1 
ATOM   996  C CA  . GLY A 1 139 ? 5.72950   20.93436  -16.00997 1.000 63.62098  ?  278 GLY A CA  1 
ATOM   997  C C   . GLY A 1 139 ? 5.06239   19.60163  -16.26951 1.000 65.09138  ?  278 GLY A C   1 
ATOM   998  O O   . GLY A 1 139 ? 5.42673   18.90234  -17.22294 1.000 82.49928  ?  278 GLY A O   1 
ATOM   999  N N   . PHE A 1 140 ? 4.10196   19.22626  -15.43057 1.000 60.78163  ?  279 PHE A N   1 
ATOM   1000 C CA  . PHE A 1 140 ? 3.43126   17.93595  -15.51723 1.000 64.99234  ?  279 PHE A CA  1 
ATOM   1001 C C   . PHE A 1 140 ? 1.95830   18.15625  -15.83378 1.000 66.73501  ?  279 PHE A C   1 
ATOM   1002 O O   . PHE A 1 140 ? 1.30404   18.99746  -15.20774 1.000 69.76348  ?  279 PHE A O   1 
ATOM   1003 C CB  . PHE A 1 140 ? 3.59384   17.15764  -14.20948 1.000 68.65566  ?  279 PHE A CB  1 
ATOM   1004 C CG  . PHE A 1 140 ? 3.45475   15.67223  -14.36680 1.000 63.20784  ?  279 PHE A CG  1 
ATOM   1005 C CD1 . PHE A 1 140 ? 4.33260   14.96142  -15.16581 1.000 62.68921  ?  279 PHE A CD1 1 
ATOM   1006 C CD2 . PHE A 1 140 ? 2.45403   14.98579  -13.70111 1.000 75.39398  ?  279 PHE A CD2 1 
ATOM   1007 C CE1 . PHE A 1 140 ? 4.20887   13.59273  -15.30958 1.000 76.74586  ?  279 PHE A CE1 1 
ATOM   1008 C CE2 . PHE A 1 140 ? 2.32573   13.61829  -13.83826 1.000 66.43547  ?  279 PHE A CE2 1 
ATOM   1009 C CZ  . PHE A 1 140 ? 3.20332   12.91980  -14.64376 1.000 72.32084  ?  279 PHE A CZ  1 
ATOM   1010 N N   . SER A 1 141 ? 1.44654   17.40269  -16.79850 1.000 68.19678  ?  280 SER A N   1 
ATOM   1011 C CA  . SER A 1 141 ? 0.08299   17.54892  -17.28109 1.000 71.00399  ?  280 SER A CA  1 
ATOM   1012 C C   . SER A 1 141 ? -0.79890  16.42378  -16.75120 1.000 78.31021  ?  280 SER A C   1 
ATOM   1013 O O   . SER A 1 141 ? -0.32330  15.34734  -16.38355 1.000 73.84975  ?  280 SER A O   1 
ATOM   1014 C CB  . SER A 1 141 ? 0.05272   17.56150  -18.81111 1.000 61.31542  ?  280 SER A CB  1 
ATOM   1015 O OG  . SER A 1 141 ? -1.27716  17.57925  -19.29213 1.000 90.64108  ?  280 SER A OG  1 
ATOM   1016 N N   . ARG A 1 142 ? -2.10469  16.69767  -16.70959 1.000 73.67012  ?  281 ARG A N   1 
ATOM   1017 C CA  . ARG A 1 142 ? -3.05938  15.69802  -16.24393 1.000 82.87658  ?  281 ARG A CA  1 
ATOM   1018 C C   . ARG A 1 142 ? -3.10407  14.49260  -17.17598 1.000 86.74881  ?  281 ARG A C   1 
ATOM   1019 O O   . ARG A 1 142 ? -3.19340  13.34920  -16.71300 1.000 86.56528  ?  281 ARG A O   1 
ATOM   1020 C CB  . ARG A 1 142 ? -4.44301  16.32972  -16.09904 1.000 89.63678  ?  281 ARG A CB  1 
ATOM   1021 C CG  . ARG A 1 142 ? -4.71200  16.88726  -14.71041 1.000 90.34317  ?  281 ARG A CG  1 
ATOM   1022 C CD  . ARG A 1 142 ? -5.58406  18.13152  -14.74720 1.000 95.64292  ?  281 ARG A CD  1 
ATOM   1023 N NE  . ARG A 1 142 ? -6.73325  17.98354  -15.63097 1.000 104.90904 ?  281 ARG A NE  1 
ATOM   1024 C CZ  . ARG A 1 142 ? -7.76750  18.81397  -15.65662 1.000 99.16096  ?  281 ARG A CZ  1 
ATOM   1025 N NH1 . ARG A 1 142 ? -7.84638  19.84489  -14.83136 1.000 77.86805  ?  281 ARG A NH1 1 
ATOM   1026 N NH2 . ARG A 1 142 ? -8.74747  18.60289  -16.53018 1.000 107.46245 ?  281 ARG A NH2 1 
ATOM   1027 N N   . GLU A 1 143 ? -3.05182  14.72355  -18.49013 1.000 87.69251  ?  282 GLU A N   1 
ATOM   1028 C CA  . GLU A 1 143 ? -2.99104  13.60565  -19.42533 1.000 98.76290  ?  282 GLU A CA  1 
ATOM   1029 C C   . GLU A 1 143 ? -1.66097  12.86649  -19.32791 1.000 95.00940  ?  282 GLU A C   1 
ATOM   1030 O O   . GLU A 1 143 ? -1.61220  11.65078  -19.54213 1.000 96.76025  ?  282 GLU A O   1 
ATOM   1031 C CB  . GLU A 1 143 ? -3.23442  14.09258  -20.85468 1.000 93.18104  ?  282 GLU A CB  1 
ATOM   1032 C CG  . GLU A 1 143 ? -2.34303  15.24109  -21.28995 1.000 90.63595  ?  282 GLU A CG  1 
ATOM   1033 C CD  . GLU A 1 143 ? -2.59039  15.65215  -22.72847 1.000 101.56949 ?  282 GLU A CD  1 
ATOM   1034 O OE1 . GLU A 1 143 ? -3.29853  14.91297  -23.44574 1.000 100.62696 ?  282 GLU A OE1 1 
ATOM   1035 O OE2 . GLU A 1 143 ? -2.07849  16.71367  -23.14161 1.000 108.11767 ?  282 GLU A OE2 1 
ATOM   1036 N N   . ASP A 1 144 ? -0.57723  13.58093  -19.01157 1.000 80.64625  ?  283 ASP A N   1 
ATOM   1037 C CA  . ASP A 1 144 ? 0.69391   12.91664  -18.74121 1.000 83.03325  ?  283 ASP A CA  1 
ATOM   1038 C C   . ASP A 1 144 ? 0.59542   12.02513  -17.51006 1.000 87.44077  ?  283 ASP A C   1 
ATOM   1039 O O   . ASP A 1 144 ? 1.19476   10.94439  -17.46607 1.000 87.58155  ?  283 ASP A O   1 
ATOM   1040 C CB  . ASP A 1 144 ? 1.80394   13.95236  -18.55268 1.000 97.14768  ?  283 ASP A CB  1 
ATOM   1041 C CG  . ASP A 1 144 ? 2.12574   14.70555  -19.82581 1.000 96.33392  ?  283 ASP A CG  1 
ATOM   1042 O OD1 . ASP A 1 144 ? 1.53036   14.38878  -20.87630 1.000 104.21549 ?  283 ASP A OD1 1 
ATOM   1043 O OD2 . ASP A 1 144 ? 2.98082   15.61641  -19.77381 1.000 86.49654  ?  283 ASP A OD2 1 
ATOM   1044 N N   . ARG A 1 145 ? -0.15585  12.46729  -16.49710 1.000 86.14014  ?  284 ARG A N   1 
ATOM   1045 C CA  . ARG A 1 145 ? -0.23349  11.73334  -15.23767 1.000 72.18311  ?  284 ARG A CA  1 
ATOM   1046 C C   . ARG A 1 145 ? -0.80371  10.33695  -15.43493 1.000 73.26403  ?  284 ARG A C   1 
ATOM   1047 O O   . ARG A 1 145 ? -0.29101  9.36328   -14.86947 1.000 88.24200  ?  284 ARG A O   1 
ATOM   1048 C CB  . ARG A 1 145 ? -1.08267  12.51470  -14.23540 1.000 77.30242  ?  284 ARG A CB  1 
ATOM   1049 C CG  . ARG A 1 145 ? -1.58168  11.68737  -13.06438 1.000 75.04453  ?  284 ARG A CG  1 
ATOM   1050 C CD  . ARG A 1 145 ? -3.01802  12.04014  -12.72245 1.000 74.02460  ?  284 ARG A CD  1 
ATOM   1051 N NE  . ARG A 1 145 ? -3.16730  13.44933  -12.38440 1.000 81.53177  ?  284 ARG A NE  1 
ATOM   1052 C CZ  . ARG A 1 145 ? -4.33096  14.05059  -12.17911 1.000 80.28801  ?  284 ARG A CZ  1 
ATOM   1053 N NH1 . ARG A 1 145 ? -5.47472  13.39498  -12.28405 1.000 90.15251  ?  284 ARG A NH1 1 
ATOM   1054 N NH2 . ARG A 1 145 ? -4.34665  15.34128  -11.86043 1.000 76.28001  ?  284 ARG A NH2 1 
ATOM   1055 N N   . LEU A 1 146 ? -1.86160  10.21854  -16.23917 1.000 83.22551  ?  285 LEU A N   1 
ATOM   1056 C CA  . LEU A 1 146 ? -2.55273  8.94106   -16.37827 1.000 80.05380  ?  285 LEU A CA  1 
ATOM   1057 C C   . LEU A 1 146 ? -1.64560  7.87896   -16.98991 1.000 83.79830  ?  285 LEU A C   1 
ATOM   1058 O O   . LEU A 1 146 ? -1.72021  6.70247   -16.61712 1.000 80.53417  ?  285 LEU A O   1 
ATOM   1059 C CB  . LEU A 1 146 ? -3.81848  9.12872   -17.21178 1.000 95.97291  ?  285 LEU A CB  1 
ATOM   1060 C CG  . LEU A 1 146 ? -4.74009  10.23573  -16.69315 1.000 95.59195  ?  285 LEU A CG  1 
ATOM   1061 C CD1 . LEU A 1 146 ? -5.89326  10.48390  -17.65402 1.000 90.86819  ?  285 LEU A CD1 1 
ATOM   1062 C CD2 . LEU A 1 146 ? -5.25801  9.90078   -15.30005 1.000 94.53657  ?  285 LEU A CD2 1 
ATOM   1063 N N   . GLU A 1 147 ? -0.78246  8.27202   -17.93030 1.000 83.40105  ?  286 GLU A N   1 
ATOM   1064 C CA  . GLU A 1 147 ? 0.18986   7.32753   -18.47049 1.000 78.76638  ?  286 GLU A CA  1 
ATOM   1065 C C   . GLU A 1 147 ? 1.27795   7.00868   -17.45090 1.000 73.71535  ?  286 GLU A C   1 
ATOM   1066 O O   . GLU A 1 147 ? 1.67914   5.84707   -17.30685 1.000 72.06656  ?  286 GLU A O   1 
ATOM   1067 C CB  . GLU A 1 147 ? 0.81348   7.87421   -19.75335 1.000 79.01578  ?  286 GLU A CB  1 
ATOM   1068 C CG  . GLU A 1 147 ? 1.80929   6.91511   -20.38797 1.000 103.37312 ?  286 GLU A CG  1 
ATOM   1069 C CD  . GLU A 1 147 ? 2.68977   7.58158   -21.42541 1.000 114.29860 ?  286 GLU A CD  1 
ATOM   1070 O OE1 . GLU A 1 147 ? 2.50021   8.78939   -21.68146 1.000 99.90340  ?  286 GLU A OE1 1 
ATOM   1071 O OE2 . GLU A 1 147 ? 3.57597   6.89783   -21.98135 1.000 124.78707 ?  286 GLU A OE2 1 
ATOM   1072 N N   . GLN A 1 148 ? 1.76484   8.02558   -16.73418 1.000 70.21521  ?  287 GLN A N   1 
ATOM   1073 C CA  . GLN A 1 148 ? 2.79084   7.79152   -15.72155 1.000 70.87384  ?  287 GLN A CA  1 
ATOM   1074 C C   . GLN A 1 148 ? 2.26140   6.91515   -14.59477 1.000 65.64809  ?  287 GLN A C   1 
ATOM   1075 O O   . GLN A 1 148 ? 3.00240   6.09708   -14.03868 1.000 61.72617  ?  287 GLN A O   1 
ATOM   1076 C CB  . GLN A 1 148 ? 3.30613   9.12276   -15.17517 1.000 57.39346  ?  287 GLN A CB  1 
ATOM   1077 C CG  . GLN A 1 148 ? 4.14016   9.90703   -16.17373 1.000 74.72321  ?  287 GLN A CG  1 
ATOM   1078 C CD  . GLN A 1 148 ? 5.46113   9.23065   -16.48878 1.000 82.34897  ?  287 GLN A CD  1 
ATOM   1079 O OE1 . GLN A 1 148 ? 6.41862   9.32794   -15.72242 1.000 79.79985  ?  287 GLN A OE1 1 
ATOM   1080 N NE2 . GLN A 1 148 ? 5.51812   8.54265   -17.62095 1.000 85.33108  ?  287 GLN A NE2 1 
ATOM   1081 N N   . ALA A 1 149 ? 0.98227   7.06901   -14.24709 1.000 57.53856  ?  288 ALA A N   1 
ATOM   1082 C CA  . ALA A 1 149 ? 0.38170   6.18511   -13.25494 1.000 60.23090  ?  288 ALA A CA  1 
ATOM   1083 C C   . ALA A 1 149 ? 0.41010   4.73608   -13.72347 1.000 69.97152  ?  288 ALA A C   1 
ATOM   1084 O O   . ALA A 1 149 ? 0.71659   3.82857   -12.93959 1.000 70.38489  ?  288 ALA A O   1 
ATOM   1085 C CB  . ALA A 1 149 ? -1.05060  6.62711   -12.95917 1.000 61.89371  ?  288 ALA A CB  1 
ATOM   1086 N N   . LYS A 1 150 ? 0.09046   4.49650   -14.99839 1.000 64.70020  ?  289 LYS A N   1 
ATOM   1087 C CA  . LYS A 1 150 ? 0.17487   3.14277   -15.53894 1.000 61.27506  ?  289 LYS A CA  1 
ATOM   1088 C C   . LYS A 1 150 ? 1.62083   2.67196   -15.63640 1.000 59.73193  ?  289 LYS A C   1 
ATOM   1089 O O   . LYS A 1 150 ? 1.92267   1.51271   -15.32863 1.000 57.11621  ?  289 LYS A O   1 
ATOM   1090 C CB  . LYS A 1 150 ? -0.50510  3.07571   -16.90679 1.000 74.03428  ?  289 LYS A CB  1 
ATOM   1091 C CG  . LYS A 1 150 ? -2.01219  2.88315   -16.84190 1.000 78.04421  ?  289 LYS A CG  1 
ATOM   1092 C CD  . LYS A 1 150 ? -2.62128  2.75088   -18.23036 1.000 77.84600  ?  289 LYS A CD  1 
ATOM   1093 C CE  . LYS A 1 150 ? -2.57548  4.06387   -18.99204 1.000 97.81758  ?  289 LYS A CE  1 
ATOM   1094 N NZ  . LYS A 1 150 ? -3.26063  3.95997   -20.31067 1.000 101.13756 ?  289 LYS A NZ  1 
ATOM   1095 N N   . LEU A 1 151 ? 2.52819   3.55346   -16.06561 1.000 60.32708  ?  290 LEU A N   1 
ATOM   1096 C CA  . LEU A 1 151 ? 3.93357   3.17313   -16.17920 1.000 64.45881  ?  290 LEU A CA  1 
ATOM   1097 C C   . LEU A 1 151 ? 4.53034   2.85517   -14.81360 1.000 61.86647  ?  290 LEU A C   1 
ATOM   1098 O O   . LEU A 1 151 ? 5.34936   1.93685   -14.68436 1.000 54.37673  ?  290 LEU A O   1 
ATOM   1099 C CB  . LEU A 1 151 ? 4.72771   4.28242   -16.86686 1.000 68.23371  ?  290 LEU A CB  1 
ATOM   1100 C CG  . LEU A 1 151 ? 6.24082   4.06397   -16.95855 1.000 64.61335  ?  290 LEU A CG  1 
ATOM   1101 C CD1 . LEU A 1 151 ? 6.55762   2.76473   -17.68539 1.000 75.54318  ?  290 LEU A CD1 1 
ATOM   1102 C CD2 . LEU A 1 151 ? 6.91760   5.24150   -17.63951 1.000 59.52256  ?  290 LEU A CD2 1 
ATOM   1103 N N   . PHE A 1 152 ? 4.13177   3.60882   -13.78535 1.000 64.27321  ?  291 PHE A N   1 
ATOM   1104 C CA  . PHE A 1 152 ? 4.62211   3.35276   -12.43370 1.000 50.56519  ?  291 PHE A CA  1 
ATOM   1105 C C   . PHE A 1 152 ? 4.30201   1.92982   -11.99435 1.000 49.89728  ?  291 PHE A C   1 
ATOM   1106 O O   . PHE A 1 152 ? 5.15430   1.24193   -11.41922 1.000 49.20881  ?  291 PHE A O   1 
ATOM   1107 C CB  . PHE A 1 152 ? 4.01470   4.37170   -11.46508 1.000 55.22840  ?  291 PHE A CB  1 
ATOM   1108 C CG  . PHE A 1 152 ? 4.25356   4.05936   -10.01308 1.000 37.27267  ?  291 PHE A CG  1 
ATOM   1109 C CD1 . PHE A 1 152 ? 5.39940   4.50188   -9.37473  1.000 36.70438  ?  291 PHE A CD1 1 
ATOM   1110 C CD2 . PHE A 1 152 ? 3.32095   3.33993   -9.28119  1.000 38.67924  ?  291 PHE A CD2 1 
ATOM   1111 C CE1 . PHE A 1 152 ? 5.61854   4.21910   -8.03912  1.000 45.05460  ?  291 PHE A CE1 1 
ATOM   1112 C CE2 . PHE A 1 152 ? 3.53662   3.05370   -7.94660  1.000 47.96394  ?  291 PHE A CE2 1 
ATOM   1113 C CZ  . PHE A 1 152 ? 4.68560   3.49489   -7.32429  1.000 40.09411  ?  291 PHE A CZ  1 
ATOM   1114 N N   . CYS A 1 153 ? 3.07644   1.47115   -12.25709 1.000 48.06396  ?  292 CYS A N   1 
ATOM   1115 C CA  . CYS A 1 153 ? 2.69778   0.11467   -11.87778 1.000 50.91332  ?  292 CYS A CA  1 
ATOM   1116 C C   . CYS A 1 153 ? 3.46533   -0.92644  -12.68377 1.000 58.48471  ?  292 CYS A C   1 
ATOM   1117 O O   . CYS A 1 153 ? 3.91392   -1.93699  -12.12826 1.000 63.73197  ?  292 CYS A O   1 
ATOM   1118 C CB  . CYS A 1 153 ? 1.19105   -0.07230  -12.04904 1.000 50.39982  ?  292 CYS A CB  1 
ATOM   1119 S SG  . CYS A 1 153 ? 0.19915   1.09216   -11.08790 1.000 56.82018  ?  292 CYS A SG  1 
ATOM   1120 N N   . ARG A 1 154 ? 3.62313   -0.70207  -13.99171 1.000 62.91675  ?  293 ARG A N   1 
ATOM   1121 C CA  . ARG A 1 154 ? 4.35611   -1.65252  -14.82512 1.000 61.03790  ?  293 ARG A CA  1 
ATOM   1122 C C   . ARG A 1 154 ? 5.78335   -1.83118  -14.32698 1.000 64.27077  ?  293 ARG A C   1 
ATOM   1123 O O   . ARG A 1 154 ? 6.24580   -2.95945  -14.12182 1.000 67.23707  ?  293 ARG A O   1 
ATOM   1124 C CB  . ARG A 1 154 ? 4.36206   -1.18931  -16.28256 1.000 71.50933  ?  293 ARG A CB  1 
ATOM   1125 C CG  . ARG A 1 154 ? 3.14908   -1.61185  -17.08376 1.000 69.19960  ?  293 ARG A CG  1 
ATOM   1126 C CD  . ARG A 1 154 ? 3.38553   -1.43171  -18.57367 1.000 50.82372  ?  293 ARG A CD  1 
ATOM   1127 N NE  . ARG A 1 154 ? 3.62988   -0.03752  -18.92251 1.000 71.88180  ?  293 ARG A NE  1 
ATOM   1128 C CZ  . ARG A 1 154 ? 2.67500   0.86522   -19.10047 1.000 80.40455  ?  293 ARG A CZ  1 
ATOM   1129 N NH1 . ARG A 1 154 ? 1.39629   0.55640   -18.96337 1.000 77.52064  ?  293 ARG A NH1 1 
ATOM   1130 N NH2 . ARG A 1 154 ? 3.01215   2.11245   -19.41972 1.000 82.80254  ?  293 ARG A NH2 1 
ATOM   1131 N N   . THR A 1 155 ? 6.49365   -0.72098  -14.11837 1.000 58.81211  ?  294 THR A N   1 
ATOM   1132 C CA  . THR A 1 155 ? 7.86813   -0.80156  -13.64025 1.000 55.17345  ?  294 THR A CA  1 
ATOM   1133 C C   . THR A 1 155 ? 7.92822   -1.44818  -12.26255 1.000 65.96526  ?  294 THR A C   1 
ATOM   1134 O O   . THR A 1 155 ? 8.82981   -2.24751  -11.98340 1.000 69.07923  ?  294 THR A O   1 
ATOM   1135 C CB  . THR A 1 155 ? 8.49484   0.59211   -13.61645 1.000 58.87455  ?  294 THR A CB  1 
ATOM   1136 O OG1 . THR A 1 155 ? 8.38801   1.18363   -14.91815 1.000 71.65971  ?  294 THR A OG1 1 
ATOM   1137 C CG2 . THR A 1 155 ? 9.96266   0.51272   -13.22484 1.000 67.72889  ?  294 THR A CG2 1 
ATOM   1138 N N   . LEU A 1 156 ? 6.96757   -1.12525  -11.39360 1.000 65.95926  ?  295 LEU A N   1 
ATOM   1139 C CA  . LEU A 1 156 ? 6.91434   -1.76679  -10.08379 1.000 62.11796  ?  295 LEU A CA  1 
ATOM   1140 C C   . LEU A 1 156 ? 6.68036   -3.26703  -10.21598 1.000 64.96522  ?  295 LEU A C   1 
ATOM   1141 O O   . LEU A 1 156 ? 7.27039   -4.06180  -9.47466  1.000 61.45394  ?  295 LEU A O   1 
ATOM   1142 C CB  . LEU A 1 156 ? 5.82216   -1.12532  -9.22750  1.000 52.65008  ?  295 LEU A CB  1 
ATOM   1143 C CG  . LEU A 1 156 ? 5.80046   -1.56323  -7.76284  1.000 61.28269  ?  295 LEU A CG  1 
ATOM   1144 C CD1 . LEU A 1 156 ? 7.09157   -1.15904  -7.06753  1.000 63.19625  ?  295 LEU A CD1 1 
ATOM   1145 C CD2 . LEU A 1 156 ? 4.59333   -0.98815  -7.04084  1.000 56.83556  ?  295 LEU A CD2 1 
ATOM   1146 N N   . GLU A 1 157 ? 5.81725   -3.67427  -11.15196 1.000 73.34198  ?  296 GLU A N   1 
ATOM   1147 C CA  . GLU A 1 157 ? 5.61738   -5.09870  -11.40210 1.000 64.14889  ?  296 GLU A CA  1 
ATOM   1148 C C   . GLU A 1 157 ? 6.89874   -5.75762  -11.89653 1.000 68.23986  ?  296 GLU A C   1 
ATOM   1149 O O   . GLU A 1 157 ? 7.24387   -6.86386  -11.46435 1.000 67.27802  ?  296 GLU A O   1 
ATOM   1150 C CB  . GLU A 1 157 ? 4.49067   -5.30640  -12.41535 1.000 58.62664  ?  296 GLU A CB  1 
ATOM   1151 C CG  . GLU A 1 157 ? 3.09917   -5.37857  -11.81220 1.000 63.14841  ?  296 GLU A CG  1 
ATOM   1152 C CD  . GLU A 1 157 ? 2.04816   -5.79703  -12.82579 1.000 79.07320  ?  296 GLU A CD  1 
ATOM   1153 O OE1 . GLU A 1 157 ? 2.34349   -5.77440  -14.04154 1.000 52.78601  ?  296 GLU A OE1 1 
ATOM   1154 O OE2 . GLU A 1 157 ? 0.92687   -6.15585  -12.40779 1.000 85.83117  ?  296 GLU A OE2 1 
ATOM   1155 N N   . ASP A 1 158 ? 7.61536   -5.09267  -12.80732 1.000 70.48524  ?  297 ASP A N   1 
ATOM   1156 C CA  . ASP A 1 158 ? 8.85187   -5.65995  -13.33676 1.000 72.00612  ?  297 ASP A CA  1 
ATOM   1157 C C   . ASP A 1 158 ? 9.90002   -5.82030  -12.24198 1.000 69.20641  ?  297 ASP A C   1 
ATOM   1158 O O   . ASP A 1 158 ? 10.62019  -6.82509  -12.20445 1.000 71.02349  ?  297 ASP A O   1 
ATOM   1159 C CB  . ASP A 1 158 ? 9.38814   -4.78537  -14.47091 1.000 71.50162  ?  297 ASP A CB  1 
ATOM   1160 C CG  . ASP A 1 158 ? 8.39067   -4.61755  -15.60175 1.000 69.81464  ?  297 ASP A CG  1 
ATOM   1161 O OD1 . ASP A 1 158 ? 7.53439   -5.50880  -15.77991 1.000 61.64166  ?  297 ASP A OD1 1 
ATOM   1162 O OD2 . ASP A 1 158 ? 8.46350   -3.59241  -16.31464 1.000 63.50169  ?  297 ASP A OD2 1 
ATOM   1163 N N   . ILE A 1 159 ? 10.00609  -4.83471  -11.34848 1.000 55.60981  ?  298 ILE A N   1 
ATOM   1164 C CA  . ILE A 1 159 ? 10.98704  -4.90699  -10.26916 1.000 63.72243  ?  298 ILE A CA  1 
ATOM   1165 C C   . ILE A 1 159 ? 10.65918  -6.05485  -9.32172  1.000 60.15091  ?  298 ILE A C   1 
ATOM   1166 O O   . ILE A 1 159 ? 11.53627  -6.84194  -8.94660  1.000 60.69758  ?  298 ILE A O   1 
ATOM   1167 C CB  . ILE A 1 159 ? 11.05978  -3.56230  -9.52171  1.000 67.68857  ?  298 ILE A CB  1 
ATOM   1168 C CG1 . ILE A 1 159 ? 11.57150  -2.45870  -10.44996 1.000 60.83564  ?  298 ILE A CG1 1 
ATOM   1169 C CG2 . ILE A 1 159 ? 11.94829  -3.68332  -8.29597  1.000 48.73924  ?  298 ILE A CG2 1 
ATOM   1170 C CD1 . ILE A 1 159 ? 11.43727  -1.06792  -9.87007  1.000 55.21100  ?  298 ILE A CD1 1 
ATOM   1171 N N   . LEU A 1 160 ? 9.39026   -6.16884  -8.92098  1.000 60.75449  ?  299 LEU A N   1 
ATOM   1172 C CA  . LEU A 1 160 ? 8.98991   -7.21412  -7.98576  1.000 57.27602  ?  299 LEU A CA  1 
ATOM   1173 C C   . LEU A 1 160 ? 9.02036   -8.60134  -8.61185  1.000 71.33453  ?  299 LEU A C   1 
ATOM   1174 O O   . LEU A 1 160 ? 9.09981   -9.59508  -7.88124  1.000 72.37970  ?  299 LEU A O   1 
ATOM   1175 C CB  . LEU A 1 160 ? 7.58939   -6.92591  -7.44403  1.000 48.41879  ?  299 LEU A CB  1 
ATOM   1176 C CG  . LEU A 1 160 ? 7.43272   -5.71323  -6.52780  1.000 54.52093  ?  299 LEU A CG  1 
ATOM   1177 C CD1 . LEU A 1 160 ? 5.96173   -5.39792  -6.31392  1.000 60.67959  ?  299 LEU A CD1 1 
ATOM   1178 C CD2 . LEU A 1 160 ? 8.12535   -5.95785  -5.19740  1.000 43.52003  ?  299 LEU A CD2 1 
ATOM   1179 N N   . ALA A 1 161 ? 8.95161   -8.69312  -9.94175  1.000 69.91716  ?  300 ALA A N   1 
ATOM   1180 C CA  . ALA A 1 161 ? 8.93201   -9.99660  -10.59759 1.000 72.11615  ?  300 ALA A CA  1 
ATOM   1181 C C   . ALA A 1 161 ? 10.24139  -10.74919 -10.39391 1.000 84.11656  ?  300 ALA A C   1 
ATOM   1182 O O   . ALA A 1 161 ? 10.23480  -11.96143 -10.15145 1.000 88.29638  ?  300 ALA A O   1 
ATOM   1183 C CB  . ALA A 1 161 ? 8.63678   -9.82787  -12.08755 1.000 72.90278  ?  300 ALA A CB  1 
ATOM   1184 N N   . ASP A 1 162 ? 11.37195  -10.05302 -10.48454 1.000 80.91711  ?  301 ASP A N   1 
ATOM   1185 C CA  . ASP A 1 162 ? 12.69054  -10.67378 -10.46941 1.000 71.73810  ?  301 ASP A CA  1 
ATOM   1186 C C   . ASP A 1 162 ? 13.48947  -10.24592 -9.24220  1.000 80.61276  ?  301 ASP A C   1 
ATOM   1187 O O   . ASP A 1 162 ? 14.68851  -9.97296  -9.32002  1.000 97.60407  ?  301 ASP A O   1 
ATOM   1188 C CB  . ASP A 1 162 ? 13.44876  -10.34852 -11.75520 1.000 83.17865  ?  301 ASP A CB  1 
ATOM   1189 C CG  . ASP A 1 162 ? 14.67392  -11.22375 -11.95347 1.000 88.96327  ?  301 ASP A CG  1 
ATOM   1190 O OD1 . ASP A 1 162 ? 14.51265  -12.45366 -12.09592 1.000 91.43975  ?  301 ASP A OD1 1 
ATOM   1191 O OD2 . ASP A 1 162 ? 15.79817  -10.67920 -11.97021 1.000 88.05555  ?  301 ASP A OD2 1 
ATOM   1192 N N   . ALA A 1 163 ? 12.82996  -10.18528 -8.08852  1.000 82.76633  ?  302 ALA A N   1 
ATOM   1193 C CA  . ALA A 1 163 ? 13.50045  -9.82806  -6.84201  1.000 87.42943  ?  302 ALA A CA  1 
ATOM   1194 C C   . ALA A 1 163 ? 12.68352  -10.28154 -5.63835  1.000 77.73247  ?  302 ALA A C   1 
ATOM   1195 O O   . ALA A 1 163 ? 11.52290  -9.90181  -5.48802  1.000 77.65120  ?  302 ALA A O   1 
ATOM   1196 C CB  . ALA A 1 163 ? 13.74858  -8.32601  -6.77888  1.000 100.22575 ?  302 ALA A CB  1 
ATOM   1197 N N   . SER A 1 166 ? 11.43787  -8.64139  -1.20262  1.000 69.85665  ?  305 SER A N   1 
ATOM   1198 C CA  . SER A 1 166 ? 11.14589  -10.06828 -1.13537  1.000 82.36050  ?  305 SER A CA  1 
ATOM   1199 C C   . SER A 1 166 ? 10.02812  -10.44522 -2.10140  1.000 86.77148  ?  305 SER A C   1 
ATOM   1200 O O   . SER A 1 166 ? 9.50708   -9.59739  -2.82566  1.000 76.92931  ?  305 SER A O   1 
ATOM   1201 C CB  . SER A 1 166 ? 10.76866  -10.47317 0.29016   1.000 96.72178  ?  305 SER A CB  1 
ATOM   1202 O OG  . SER A 1 166 ? 11.87046  -10.33136 1.16982   1.000 95.77367  ?  305 SER A OG  1 
ATOM   1203 N N   . GLN A 1 167 ? 9.66130   -11.72335 -2.10157  1.000 92.00647  ?  306 GLN A N   1 
ATOM   1204 C CA  . GLN A 1 167 ? 8.64454   -12.24986 -2.99828  1.000 95.70994  ?  306 GLN A CA  1 
ATOM   1205 C C   . GLN A 1 167 ? 7.50381   -12.85916 -2.19536  1.000 99.69909  ?  306 GLN A C   1 
ATOM   1206 O O   . GLN A 1 167 ? 7.71105   -13.40479 -1.10666  1.000 102.83611 ?  306 GLN A O   1 
ATOM   1207 C CB  . GLN A 1 167 ? 9.23372   -13.29652 -3.95316  1.000 103.25199 ?  306 GLN A CB  1 
ATOM   1208 C CG  . GLN A 1 167 ? 10.25699  -12.73122 -4.92340  1.000 102.73663 ?  306 GLN A CG  1 
ATOM   1209 C CD  . GLN A 1 167 ? 10.82994  -13.77818 -5.85631  1.000 107.97962 ?  306 GLN A CD  1 
ATOM   1210 O OE1 . GLN A 1 167 ? 10.84738  -14.96701 -5.53945  1.000 131.74300 ?  306 GLN A OE1 1 
ATOM   1211 N NE2 . GLN A 1 167 ? 11.29983  -13.33987 -7.01871  1.000 109.08088 ?  306 GLN A NE2 1 
ATOM   1212 N N   . ASN A 1 168 ? 6.29453   -12.74972 -2.75015  1.000 83.68565  ?  307 ASN A N   1 
ATOM   1213 C CA  . ASN A 1 168 ? 5.07463   -13.28668 -2.14345  1.000 86.58642  ?  307 ASN A CA  1 
ATOM   1214 C C   . ASN A 1 168 ? 4.76563   -12.62302 -0.80135  1.000 94.10733  ?  307 ASN A C   1 
ATOM   1215 O O   . ASN A 1 168 ? 4.12477   -13.21771 0.06968   1.000 90.67280  ?  307 ASN A O   1 
ATOM   1216 C CB  . ASN A 1 168 ? 5.15250   -14.81061 -1.99169  1.000 90.04841  ?  307 ASN A CB  1 
ATOM   1217 C CG  . ASN A 1 168 ? 3.79028   -15.45062 -1.80750  1.000 92.30833  ?  307 ASN A CG  1 
ATOM   1218 O OD1 . ASN A 1 168 ? 2.75826   -14.80893 -2.00624  1.000 103.91043 ?  307 ASN A OD1 1 
ATOM   1219 N ND2 . ASN A 1 168 ? 3.78148   -16.72232 -1.42965  1.000 89.00392  ?  307 ASN A ND2 1 
ATOM   1220 N N   . ASN A 1 169 ? 5.22034   -11.38489 -0.62156  1.000 83.36145  ?  308 ASN A N   1 
ATOM   1221 C CA  . ASN A 1 169 ? 4.86485   -10.57835 0.53717   1.000 69.13689  ?  308 ASN A CA  1 
ATOM   1222 C C   . ASN A 1 169 ? 4.05260   -9.34841  0.16340   1.000 71.64439  ?  308 ASN A C   1 
ATOM   1223 O O   . ASN A 1 169 ? 3.61280   -8.61630  1.05662   1.000 73.61653  ?  308 ASN A O   1 
ATOM   1224 C CB  . ASN A 1 169 ? 6.12394   -10.14309 1.29520   1.000 70.79286  ?  308 ASN A CB  1 
ATOM   1225 C CG  . ASN A 1 169 ? 6.79319   -11.28886 2.02326   1.000 93.24731  ?  308 ASN A CG  1 
ATOM   1226 O OD1 . ASN A 1 169 ? 6.13967   -12.24860 2.43178   1.000 111.48163 ?  308 ASN A OD1 1 
ATOM   1227 N ND2 . ASN A 1 169 ? 8.10652   -11.19065 2.19717   1.000 86.87418  ?  308 ASN A ND2 1 
ATOM   1228 N N   . CYS A 1 170 ? 3.83661   -9.10693  -1.12641  1.000 77.59501  ?  309 CYS A N   1 
ATOM   1229 C CA  . CYS A 1 170 ? 3.22577   -7.87165  -1.59597  1.000 68.10158  ?  309 CYS A CA  1 
ATOM   1230 C C   . CYS A 1 170 ? 2.29830   -8.17404  -2.76119  1.000 69.73514  ?  309 CYS A C   1 
ATOM   1231 O O   . CYS A 1 170 ? 2.71764   -8.78552  -3.74799  1.000 91.89928  ?  309 CYS A O   1 
ATOM   1232 C CB  . CYS A 1 170 ? 4.30146   -6.86559  -2.01956  1.000 56.46028  ?  309 CYS A CB  1 
ATOM   1233 S SG  . CYS A 1 170 ? 3.66876   -5.39346  -2.83433  1.000 88.21120  ?  309 CYS A SG  1 
ATOM   1234 N N   . ARG A 1 171 ? 1.04249   -7.74828  -2.64367  1.000 56.74546  ?  310 ARG A N   1 
ATOM   1235 C CA  . ARG A 1 171 ? 0.05173   -7.89515  -3.70299  1.000 67.37922  ?  310 ARG A CA  1 
ATOM   1236 C C   . ARG A 1 171 ? -0.39608  -6.50929  -4.14370  1.000 66.70368  ?  310 ARG A C   1 
ATOM   1237 O O   . ARG A 1 171 ? -0.87269  -5.71749  -3.32241  1.000 58.30331  ?  310 ARG A O   1 
ATOM   1238 C CB  . ARG A 1 171 ? -1.14335  -8.72603  -3.23052  1.000 69.55604  ?  310 ARG A CB  1 
ATOM   1239 C CG  . ARG A 1 171 ? -2.20316  -8.95550  -4.29979  1.000 68.12607  ?  310 ARG A CG  1 
ATOM   1240 C CD  . ARG A 1 171 ? -1.68881  -9.85884  -5.41172  1.000 85.73425  ?  310 ARG A CD  1 
ATOM   1241 N NE  . ARG A 1 171 ? -2.64593  -9.97991  -6.50616  1.000 101.30627 ?  310 ARG A NE  1 
ATOM   1242 C CZ  . ARG A 1 171 ? -2.55208  -9.33261  -7.65975  1.000 95.71124  ?  310 ARG A CZ  1 
ATOM   1243 N NH1 . ARG A 1 171 ? -1.54176  -8.51851  -7.91697  1.000 84.51873  ?  310 ARG A NH1 1 
ATOM   1244 N NH2 . ARG A 1 171 ? -3.49564  -9.50969  -8.58116  1.000 96.35710  ?  310 ARG A NH2 1 
ATOM   1245 N N   . LEU A 1 172 ? -0.24722  -6.22035  -5.43379  1.000 57.09990  ?  311 LEU A N   1 
ATOM   1246 C CA  . LEU A 1 172 ? -0.62949  -4.92871  -5.98476  1.000 60.02851  ?  311 LEU A CA  1 
ATOM   1247 C C   . LEU A 1 172 ? -2.09757  -4.93980  -6.38801  1.000 58.16312  ?  311 LEU A C   1 
ATOM   1248 O O   . LEU A 1 172 ? -2.57926  -5.89392  -7.00629  1.000 65.69280  ?  311 LEU A O   1 
ATOM   1249 C CB  . LEU A 1 172 ? 0.24231   -4.57575  -7.19192  1.000 57.25464  ?  311 LEU A CB  1 
ATOM   1250 C CG  . LEU A 1 172 ? 1.75354   -4.54673  -6.95723  1.000 49.02781  ?  311 LEU A CG  1 
ATOM   1251 C CD1 . LEU A 1 172 ? 2.47667   -3.98504  -8.17357  1.000 47.21353  ?  311 LEU A CD1 1 
ATOM   1252 C CD2 . LEU A 1 172 ? 2.09312   -3.74871  -5.70854  1.000 43.73851  ?  311 LEU A CD2 1 
ATOM   1253 N N   . ILE A 1 173 ? -2.80563  -3.87126  -6.03479  1.000 49.66488  ?  312 ILE A N   1 
ATOM   1254 C CA  . ILE A 1 173 ? -4.23102  -3.73143  -6.31435  1.000 52.48853  ?  312 ILE A CA  1 
ATOM   1255 C C   . ILE A 1 173 ? -4.40508  -2.45675  -7.12967  1.000 59.33448  ?  312 ILE A C   1 
ATOM   1256 O O   . ILE A 1 173 ? -4.48942  -1.35606  -6.57132  1.000 64.71063  ?  312 ILE A O   1 
ATOM   1257 C CB  . ILE A 1 173 ? -5.07248  -3.69446  -5.03480  1.000 59.59861  ?  312 ILE A CB  1 
ATOM   1258 C CG1 . ILE A 1 173 ? -4.84147  -4.96184  -4.20761  1.000 65.44196  ?  312 ILE A CG1 1 
ATOM   1259 C CG2 . ILE A 1 173 ? -6.54910  -3.53434  -5.37053  1.000 60.16274  ?  312 ILE A CG2 1 
ATOM   1260 C CD1 . ILE A 1 173 ? -5.51906  -4.94033  -2.85483  1.000 66.67796  ?  312 ILE A CD1 1 
ATOM   1261 N N   . ALA A 1 174 ? -4.45523  -2.59613  -8.45006  1.000 43.22121  ?  313 ALA A N   1 
ATOM   1262 C CA  . ALA A 1 174 ? -4.70703  -1.47978  -9.34751  1.000 54.15257  ?  313 ALA A CA  1 
ATOM   1263 C C   . ALA A 1 174 ? -6.17356  -1.46975  -9.75880  1.000 67.45796  ?  313 ALA A C   1 
ATOM   1264 O O   . ALA A 1 174 ? -6.81495  -2.52005  -9.85544  1.000 77.86019  ?  313 ALA A O   1 
ATOM   1265 C CB  . ALA A 1 174 ? -3.81501  -1.55904  -10.58735 1.000 59.44848  ?  313 ALA A CB  1 
ATOM   1266 N N   . TYR A 1 175 ? -6.70289  -0.27165  -9.99725  1.000 62.83972  ?  314 TYR A N   1 
ATOM   1267 C CA  . TYR A 1 175 ? -8.11351  -0.13771  -10.33664 1.000 68.44175  ?  314 TYR A CA  1 
ATOM   1268 C C   . TYR A 1 175 ? -8.36915  1.24516   -10.91659 1.000 68.17961  ?  314 TYR A C   1 
ATOM   1269 O O   . TYR A 1 175 ? -7.71290  2.22109   -10.53998 1.000 74.80609  ?  314 TYR A O   1 
ATOM   1270 C CB  . TYR A 1 175 ? -9.00767  -0.37466  -9.11267  1.000 56.99208  ?  314 TYR A CB  1 
ATOM   1271 C CG  . TYR A 1 175 ? -8.66393  0.49144   -7.92227  1.000 60.38309  ?  314 TYR A CG  1 
ATOM   1272 C CD1 . TYR A 1 175 ? -7.64245  0.13557   -7.05094  1.000 59.54206  ?  314 TYR A CD1 1 
ATOM   1273 C CD2 . TYR A 1 175 ? -9.36740  1.66034   -7.66465  1.000 71.16751  ?  314 TYR A CD2 1 
ATOM   1274 C CE1 . TYR A 1 175 ? -7.32646  0.92212   -5.96276  1.000 61.53706  ?  314 TYR A CE1 1 
ATOM   1275 C CE2 . TYR A 1 175 ? -9.05844  2.45259   -6.57676  1.000 62.00952  ?  314 TYR A CE2 1 
ATOM   1276 C CZ  . TYR A 1 175 ? -8.03783  2.07864   -5.72954  1.000 60.64773  ?  314 TYR A CZ  1 
ATOM   1277 O OH  . TYR A 1 175 ? -7.72893  2.86655   -4.64635  1.000 64.65270  ?  314 TYR A OH  1 
ATOM   1278 N N   . GLN A 1 176 ? -9.32538  1.31026   -11.83986 1.000 64.87260  ?  315 GLN A N   1 
ATOM   1279 C CA  . GLN A 1 176 ? -9.81745  2.56205   -12.39703 1.000 86.15819  ?  315 GLN A CA  1 
ATOM   1280 C C   . GLN A 1 176 ? -11.31607 2.66186   -12.14906 1.000 97.14601  ?  315 GLN A C   1 
ATOM   1281 O O   . GLN A 1 176 ? -12.05130 1.68635   -12.33150 1.000 110.57215 ?  315 GLN A O   1 
ATOM   1282 C CB  . GLN A 1 176 ? -9.52025  2.66286   -13.89882 1.000 85.18015  ?  315 GLN A CB  1 
ATOM   1283 C CG  . GLN A 1 176 ? -10.03118 3.94253   -14.55001 1.000 96.71089  ?  315 GLN A CG  1 
ATOM   1284 C CD  . GLN A 1 176 ? -9.43277  5.19380   -13.93247 1.000 103.20927 ?  315 GLN A CD  1 
ATOM   1285 O OE1 . GLN A 1 176 ? -10.14876 6.03609   -13.38937 1.000 109.43481 ?  315 GLN A OE1 1 
ATOM   1286 N NE2 . GLN A 1 176 ? -8.11445  5.32439   -14.01784 1.000 99.10736  ?  315 GLN A NE2 1 
ATOM   1287 N N   . GLU A 1 177 ? -11.76660 3.84560   -11.72870 1.000 98.14636  ?  316 GLU A N   1 
ATOM   1288 C CA  . GLU A 1 177 ? -13.16677 4.05682   -11.38867 1.000 99.50415  ?  316 GLU A CA  1 
ATOM   1289 C C   . GLU A 1 177 ? -13.89314 4.70518   -12.55353 1.000 110.73650 ?  316 GLU A C   1 
ATOM   1290 O O   . GLU A 1 177 ? -13.47594 5.78358   -13.00552 1.000 108.96309 ?  316 GLU A O   1 
ATOM   1291 C CB  . GLU A 1 177 ? -13.28628 4.92793   -10.14357 1.000 101.02858 ?  316 GLU A CB  1 
ATOM   1292 C CG  . GLU A 1 177 ? -12.70738 4.29234   -8.89248  1.000 106.74115 ?  316 GLU A CG  1 
ATOM   1293 C CD  . GLU A 1 177 ? -12.82048 5.18909   -7.67755  1.000 91.45304  ?  316 GLU A CD  1 
ATOM   1294 O OE1 . GLU A 1 177 ? -13.00844 6.41084   -7.85377  1.000 98.50304  ?  316 GLU A OE1 1 
ATOM   1295 O OE2 . GLU A 1 177 ? -12.72539 4.67092   -6.54515  1.000 91.44304  ?  316 GLU A OE2 1 
ATOM   1296 N N   . PRO A 1 178 ? -14.96953 4.09514   -13.07684 1.000 125.48170 ?  317 PRO A N   1 
ATOM   1297 C CA  . PRO A 1 178 ? -15.78098 4.64190   -14.17200 1.000 123.84271 ?  317 PRO A CA  1 
ATOM   1298 C C   . PRO A 1 178 ? -16.29722 6.05009   -13.88573 1.000 123.86727 ?  317 PRO A C   1 
ATOM   1299 O O   . PRO A 1 178 ? -16.99856 6.24026   -12.89102 1.000 123.79636 ?  317 PRO A O   1 
ATOM   1300 C CB  . PRO A 1 178 ? -16.94470 3.65133   -14.27162 1.000 127.09430 ?  317 PRO A CB  1 
ATOM   1301 C CG  . PRO A 1 178 ? -16.39604 2.37642   -13.74059 1.000 128.69624 ?  317 PRO A CG  1 
ATOM   1302 C CD  . PRO A 1 178 ? -15.45337 2.77318   -12.64259 1.000 123.59060 ?  317 PRO A CD  1 
ATOM   1303 N N   . SER A 1 185 ? -17.01821 -0.72523  -5.34105  1.000 99.73304  ?  324 SER A N   1 
ATOM   1304 C CA  . SER A 1 185 ? -16.71132 -0.95109  -3.93286  1.000 88.68304  ?  324 SER A CA  1 
ATOM   1305 C C   . SER A 1 185 ? -15.22917 -1.28294  -3.79491  1.000 89.47622  ?  324 SER A C   1 
ATOM   1306 O O   . SER A 1 185 ? -14.77747 -2.33930  -4.24839  1.000 95.86393  ?  324 SER A O   1 
ATOM   1307 C CB  . SER A 1 185 ? -17.57994 -2.07106  -3.36751  1.000 87.48315  ?  324 SER A CB  1 
ATOM   1308 O OG  . SER A 1 185 ? -17.16116 -2.43382  -2.06326  1.000 79.10293  ?  324 SER A OG  1 
ATOM   1309 N N   . LEU A 1 186 ? -14.47397 -0.37734  -3.16868  1.000 87.30093  ?  325 LEU A N   1 
ATOM   1310 C CA  . LEU A 1 186 ? -13.06275 -0.64275  -2.91599  1.000 76.71487  ?  325 LEU A CA  1 
ATOM   1311 C C   . LEU A 1 186 ? -12.88872 -1.80704  -1.94941  1.000 83.06554  ?  325 LEU A C   1 
ATOM   1312 O O   . LEU A 1 186 ? -11.98772 -2.63562  -2.12388  1.000 81.08482  ?  325 LEU A O   1 
ATOM   1313 C CB  . LEU A 1 186 ? -12.37912 0.61166   -2.37370  1.000 78.99999  ?  325 LEU A CB  1 
ATOM   1314 C CG  . LEU A 1 186 ? -10.86291 0.51968   -2.18781  1.000 75.46459  ?  325 LEU A CG  1 
ATOM   1315 C CD1 . LEU A 1 186 ? -10.17189 0.29633   -3.52583  1.000 63.25239  ?  325 LEU A CD1 1 
ATOM   1316 C CD2 . LEU A 1 186 ? -10.32612 1.76577   -1.49983  1.000 65.70566  ?  325 LEU A CD2 1 
ATOM   1317 N N   . SER A 1 187 ? -13.74158 -1.88616  -0.92480  1.000 84.71456  ?  326 SER A N   1 
ATOM   1318 C CA  . SER A 1 187 ? -13.67214 -3.00526  0.00944   1.000 86.80779  ?  326 SER A CA  1 
ATOM   1319 C C   . SER A 1 187 ? -13.90529 -4.32823  -0.70667  1.000 95.28998  ?  326 SER A C   1 
ATOM   1320 O O   . SER A 1 187 ? -13.21337 -5.31707  -0.44043  1.000 100.32541 ?  326 SER A O   1 
ATOM   1321 C CB  . SER A 1 187 ? -14.68944 -2.81801  1.13363   1.000 94.15658  ?  326 SER A CB  1 
ATOM   1322 O OG  . SER A 1 187 ? -16.01679 -2.84724  0.63623   1.000 95.05801  ?  326 SER A OG  1 
ATOM   1323 N N   . GLN A 1 188 ? -14.87893 -4.36608  -1.61943  1.000 91.20773  ?  327 GLN A N   1 
ATOM   1324 C CA  . GLN A 1 188 ? -15.08229 -5.56230  -2.42969  1.000 84.39664  ?  327 GLN A CA  1 
ATOM   1325 C C   . GLN A 1 188 ? -13.88984 -5.80969  -3.34316  1.000 84.50933  ?  327 GLN A C   1 
ATOM   1326 O O   . GLN A 1 188 ? -13.53013 -6.96307  -3.61092  1.000 76.32572  ?  327 GLN A O   1 
ATOM   1327 C CB  . GLN A 1 188 ? -16.36802 -5.42937  -3.24532  1.000 93.92306  ?  327 GLN A CB  1 
ATOM   1328 C CG  . GLN A 1 188 ? -16.85895 -6.72493  -3.87285  1.000 93.67609  ?  327 GLN A CG  1 
ATOM   1329 C CD  . GLN A 1 188 ? -17.50625 -7.65770  -2.86512  1.000 79.66463  ?  327 GLN A CD  1 
ATOM   1330 O OE1 . GLN A 1 188 ? -17.61847 -7.33476  -1.68212  1.000 80.20561  ?  327 GLN A OE1 1 
ATOM   1331 N NE2 . GLN A 1 188 ? -17.93874 -8.82145  -3.33344  1.000 83.14431  ?  327 GLN A NE2 1 
ATOM   1332 N N   . GLU A 1 189 ? -13.26750 -4.73560  -3.83655  1.000 90.86362  ?  328 GLU A N   1 
ATOM   1333 C CA  . GLU A 1 189 ? -12.09584 -4.88599  -4.69373  1.000 85.36283  ?  328 GLU A CA  1 
ATOM   1334 C C   . GLU A 1 189 ? -10.93006 -5.50724  -3.93518  1.000 78.86695  ?  328 GLU A C   1 
ATOM   1335 O O   . GLU A 1 189 ? -10.25488 -6.40646  -4.45066  1.000 83.83258  ?  328 GLU A O   1 
ATOM   1336 C CB  . GLU A 1 189 ? -11.69565 -3.53063  -5.27518  1.000 85.43187  ?  328 GLU A CB  1 
ATOM   1337 C CG  . GLU A 1 189 ? -10.46073 -3.57233  -6.16154  1.000 80.57102  ?  328 GLU A CG  1 
ATOM   1338 C CD  . GLU A 1 189 ? -10.69962 -4.29124  -7.47657  1.000 88.79708  ?  328 GLU A CD  1 
ATOM   1339 O OE1 . GLU A 1 189 ? -11.87506 -4.52417  -7.83080  1.000 91.75335  ?  328 GLU A OE1 1 
ATOM   1340 O OE2 . GLU A 1 189 ? -9.70802  -4.62322  -8.16017  1.000 100.32962 ?  328 GLU A OE2 1 
ATOM   1341 N N   . VAL A 1 190 ? -10.67520 -5.04117  -2.71120  1.000 66.63327  ?  329 VAL A N   1 
ATOM   1342 C CA  . VAL A 1 190 ? -9.60035  -5.61820  -1.91048  1.000 80.72371  ?  329 VAL A CA  1 
ATOM   1343 C C   . VAL A 1 190 ? -9.95724  -7.03838  -1.48767  1.000 81.97605  ?  329 VAL A C   1 
ATOM   1344 O O   . VAL A 1 190 ? -9.13105  -7.95399  -1.57861  1.000 76.04452  ?  329 VAL A O   1 
ATOM   1345 C CB  . VAL A 1 190 ? -9.29165  -4.72593  -0.69427  1.000 83.48747  ?  329 VAL A CB  1 
ATOM   1346 C CG1 . VAL A 1 190 ? -8.11189  -5.28519  0.08633   1.000 59.06328  ?  329 VAL A CG1 1 
ATOM   1347 C CG2 . VAL A 1 190 ? -9.00519  -3.30125  -1.14267  1.000 77.57954  ?  329 VAL A CG2 1 
ATOM   1348 N N   . LEU A 1 191 ? -11.18815 -7.23211  -1.02477  1.000 80.44433  ?  330 LEU A N   1 
ATOM   1349 C CA  . LEU A 1 191 ? -11.61867 -8.60353  -0.65863  1.000 84.02165  ?  330 LEU A CA  1 
ATOM   1350 C C   . LEU A 1 191 ? -11.35089 -9.52968  -1.84456  1.000 84.91326  ?  330 LEU A C   1 
ATOM   1351 O O   . LEU A 1 191 ? -10.79966 -10.61917 -1.63149  1.000 85.67515  ?  330 LEU A O   1 
ATOM   1352 C CB  . LEU A 1 191 ? -13.10212 -8.57858  -0.29211  1.000 75.95508  ?  330 LEU A CB  1 
ATOM   1353 C CG  . LEU A 1 191 ? -13.41290 -8.13228  1.13481   1.000 82.82496  ?  330 LEU A CG  1 
ATOM   1354 C CD1 . LEU A 1 191 ? -14.87485 -7.74142  1.27789   1.000 82.23891  ?  330 LEU A CD1 1 
ATOM   1355 C CD2 . LEU A 1 191 ? -13.05056 -9.22085  2.13086   1.000 70.43012  ?  330 LEU A CD2 1 
ATOM   1356 N N   . ARG A 1 192 ? -11.70642 -9.09167  -3.04987  1.000 79.56060  ?  331 ARG A N   1 
ATOM   1357 C CA  . ARG A 1 192 ? -11.52142 -9.94055  -4.22044  1.000 81.67376  ?  331 ARG A CA  1 
ATOM   1358 C C   . ARG A 1 192 ? -10.09089 -10.45763 -4.31961  1.000 83.12660  ?  331 ARG A C   1 
ATOM   1359 O O   . ARG A 1 192 ? -9.86690  -11.57791 -4.79168  1.000 69.05986  ?  331 ARG A O   1 
ATOM   1360 C CB  . ARG A 1 192 ? -11.90273 -9.16431  -5.48264  1.000 83.82997  ?  331 ARG A CB  1 
ATOM   1361 C CG  . ARG A 1 192 ? -11.91221 -9.98484  -6.75901  1.000 80.03434  ?  331 ARG A CG  1 
ATOM   1362 C CD  . ARG A 1 192 ? -12.28694 -9.12375  -7.95318  1.000 80.29269  ?  331 ARG A CD  1 
ATOM   1363 N NE  . ARG A 1 192 ? -11.36483 -8.00745  -8.12875  1.000 79.82502  ?  331 ARG A NE  1 
ATOM   1364 C CZ  . ARG A 1 192 ? -10.23059 -8.07431  -8.81253  1.000 82.53545  ?  331 ARG A CZ  1 
ATOM   1365 N NH1 . ARG A 1 192 ? -9.84356  -9.19516  -9.40146  1.000 76.01160  ?  331 ARG A NH1 1 
ATOM   1366 N NH2 . ARG A 1 192 ? -9.46503  -6.99091  -8.90760  1.000 81.38535  ?  331 ARG A NH2 1 
ATOM   1367 N N   . HIS A 1 193 ? -9.11355  -9.66110  -3.87956  1.000 87.37212  ?  332 HIS A N   1 
ATOM   1368 C CA  . HIS A 1 193 ? -7.71905  -10.08533 -3.94478  1.000 84.03335  ?  332 HIS A CA  1 
ATOM   1369 C C   . HIS A 1 193 ? -7.35736  -11.05176 -2.82044  1.000 84.65824  ?  332 HIS A C   1 
ATOM   1370 O O   . HIS A 1 193 ? -6.56050  -11.97269 -3.02901  1.000 88.81475  ?  332 HIS A O   1 
ATOM   1371 C CB  . HIS A 1 193 ? -6.79935  -8.86455  -3.92125  1.000 68.20468  ?  332 HIS A CB  1 
ATOM   1372 C CG  . HIS A 1 193 ? -6.73330  -8.13707  -5.22729  1.000 70.02071  ?  332 HIS A CG  1 
ATOM   1373 N ND1 . HIS A 1 193 ? -5.62893  -8.18616  -6.05112  1.000 81.45876  ?  332 HIS A ND1 1 
ATOM   1374 C CD2 . HIS A 1 193 ? -7.63845  -7.35170  -5.85930  1.000 74.46088  ?  332 HIS A CD2 1 
ATOM   1375 C CE1 . HIS A 1 193 ? -5.85429  -7.45708  -7.13030  1.000 70.91811  ?  332 HIS A CE1 1 
ATOM   1376 N NE2 . HIS A 1 193 ? -7.06627  -6.94040  -7.03826  1.000 70.13710  ?  332 HIS A NE2 1 
ATOM   1377 N N   . LEU A 1 194 ? -7.91866  -10.85667 -1.62259  1.000 86.80396  ?  333 LEU A N   1 
ATOM   1378 C CA  . LEU A 1 194 ? -7.62325  -11.76516 -0.51778  1.000 83.98872  ?  333 LEU A CA  1 
ATOM   1379 C C   . LEU A 1 194 ? -8.14057  -13.17084 -0.80009  1.000 84.88199  ?  333 LEU A C   1 
ATOM   1380 O O   . LEU A 1 194 ? -7.46320  -14.16096 -0.49951  1.000 81.67839  ?  333 LEU A O   1 
ATOM   1381 C CB  . LEU A 1 194 ? -8.21641  -11.23561 0.78924   1.000 79.06032  ?  333 LEU A CB  1 
ATOM   1382 C CG  . LEU A 1 194 ? -7.41883  -10.18187 1.56426   1.000 86.90226  ?  333 LEU A CG  1 
ATOM   1383 C CD1 . LEU A 1 194 ? -7.73858  -8.78239  1.07784   1.000 89.17941  ?  333 LEU A CD1 1 
ATOM   1384 C CD2 . LEU A 1 194 ? -7.67036  -10.30086 3.06036   1.000 76.75219  ?  333 LEU A CD2 1 
ATOM   1385 N N   . ARG A 1 195 ? -9.34022  -13.27877 -1.37759  1.000 86.96347  ?  334 ARG A N   1 
ATOM   1386 C CA  . ARG A 1 195 ? -9.92696  -14.58692 -1.64580  1.000 94.51015  ?  334 ARG A CA  1 
ATOM   1387 C C   . ARG A 1 195 ? -9.12760  -15.38690 -2.66551  1.000 94.76142  ?  334 ARG A C   1 
ATOM   1388 O O   . ARG A 1 195 ? -9.20475  -16.62025 -2.66571  1.000 90.82938  ?  334 ARG A O   1 
ATOM   1389 C CB  . ARG A 1 195 ? -11.36859 -14.43366 -2.13642  1.000 94.64189  ?  334 ARG A CB  1 
ATOM   1390 C CG  . ARG A 1 195 ? -12.25738 -13.58463 -1.24320  1.000 86.24207  ?  334 ARG A CG  1 
ATOM   1391 C CD  . ARG A 1 195 ? -13.70731 -13.63905 -1.70383  1.000 82.90405  ?  334 ARG A CD  1 
ATOM   1392 N NE  . ARG A 1 195 ? -14.47947 -12.48767 -1.25089  1.000 73.74094  ?  334 ARG A NE  1 
ATOM   1393 C CZ  . ARG A 1 195 ? -14.94826 -12.33142 -0.02066  1.000 70.63790  ?  334 ARG A CZ  1 
ATOM   1394 N NH1 . ARG A 1 195 ? -14.71459 -13.22436 0.92764   1.000 61.84175  ?  334 ARG A NH1 1 
ATOM   1395 N NH2 . ARG A 1 195 ? -15.66763 -11.25104 0.26709   1.000 79.79595  ?  334 ARG A NH2 1 
ATOM   1396 N N   . GLN A 1 196 ? -8.36587  -14.71751 -3.53398  1.000 95.64828  ?  335 GLN A N   1 
ATOM   1397 C CA  . GLN A 1 196 ? -7.63175  -15.40525 -4.58898  1.000 97.51377  ?  335 GLN A CA  1 
ATOM   1398 C C   . GLN A 1 196 ? -6.41504  -16.16086 -4.06909  1.000 106.51517 ?  335 GLN A C   1 
ATOM   1399 O O   . GLN A 1 196 ? -5.85799  -16.98579 -4.80187  1.000 107.08051 ?  335 GLN A O   1 
ATOM   1400 C CB  . GLN A 1 196 ? -7.20724  -14.39843 -5.66271  1.000 83.37108  ?  335 GLN A CB  1 
ATOM   1401 C CG  . GLN A 1 196 ? -6.78120  -15.02051 -6.98500  1.000 96.68211  ?  335 GLN A CG  1 
ATOM   1402 C CD  . GLN A 1 196 ? -6.52494  -13.98618 -8.06456  1.000 102.17654 ?  335 GLN A CD  1 
ATOM   1403 O OE1 . GLN A 1 196 ? -6.85487  -12.81039 -7.90552  1.000 103.13182 ?  335 GLN A OE1 1 
ATOM   1404 N NE2 . GLN A 1 196 ? -5.93234  -14.42067 -9.17147  1.000 86.17036  ?  335 GLN A NE2 1 
ATOM   1405 N N   . GLU A 1 197 ? -5.99650  -15.91676 -2.83239  1.000 101.08940 ?  336 GLU A N   1 
ATOM   1406 C CA  . GLU A 1 197 ? -4.81327  -16.57299 -2.29461  1.000 103.09383 ?  336 GLU A CA  1 
ATOM   1407 C C   . GLU A 1 197 ? -5.14062  -17.35425 -1.02524  1.000 102.62008 ?  336 GLU A C   1 
ATOM   1408 O O   . GLU A 1 197 ? -5.64090  -18.47828 -1.08788  1.000 108.35645 ?  336 GLU A O   1 
ATOM   1409 C CB  . GLU A 1 197 ? -3.71820  -15.54520 -2.01349  1.000 110.09601 ?  336 GLU A CB  1 
ATOM   1410 C CG  . GLU A 1 197 ? -3.67280  -14.39341 -3.00814  1.000 109.93762 ?  336 GLU A CG  1 
ATOM   1411 C CD  . GLU A 1 197 ? -2.39040  -13.59084 -2.91641  1.000 107.34621 ?  336 GLU A CD  1 
ATOM   1412 O OE1 . GLU A 1 197 ? -1.30435  -14.18530 -3.07658  1.000 112.77354 ?  336 GLU A OE1 1 
ATOM   1413 O OE2 . GLU A 1 197 ? -2.46734  -12.36615 -2.68077  1.000 109.25009 ?  336 GLU A OE2 1 
HETATM 1414 C C18 . VZ6 B 2 .   ? 7.22443   5.02328   2.88342   0.500 57.24764  ?  401 VZ6 A C18 1 
HETATM 1415 C C13 . VZ6 B 2 .   ? 7.90077   5.22370   0.44904   0.500 53.62329  ?  401 VZ6 A C13 1 
HETATM 1416 C C10 . VZ6 B 2 .   ? 10.88997  6.51696   -1.04818  0.500 51.61392  ?  401 VZ6 A C10 1 
HETATM 1417 C C15 . VZ6 B 2 .   ? 9.33102   5.49030   2.52563   0.500 55.46599  ?  401 VZ6 A C15 1 
HETATM 1418 C C17 . VZ6 B 2 .   ? 7.92099   5.15080   4.07330   0.500 57.85827  ?  401 VZ6 A C17 1 
HETATM 1419 C C2  . VZ6 B 2 .   ? 11.15694  10.58654  -0.88427  0.500 58.40325  ?  401 VZ6 A C2  1 
HETATM 1420 C C20 . VZ6 B 2 .   ? 5.33779   4.58077   3.93033   0.500 59.05886  ?  401 VZ6 A C20 1 
HETATM 1421 C C22 . VZ6 B 2 .   ? 7.18946   4.96186   5.26273   0.500 62.95977  ?  401 VZ6 A C22 1 
HETATM 1422 C C24 . VZ6 B 2 .   ? 7.28462   6.50756   -0.09833  0.500 53.67835  ?  401 VZ6 A C24 1 
HETATM 1423 C C28 . VZ6 B 2 .   ? 10.78783  12.32257  0.58288   0.500 54.10710  ?  401 VZ6 A C28 1 
HETATM 1424 C C29 . VZ6 B 2 .   ? 11.55628  11.25327  1.36658   0.500 55.29060  ?  401 VZ6 A C29 1 
HETATM 1425 C C3  . VZ6 B 2 .   ? 10.03904  11.57300  -0.52519  0.500 53.81114  ?  401 VZ6 A C3  1 
HETATM 1426 C C31 . VZ6 B 2 .   ? 9.80913   10.67603  3.15070   0.500 55.58802  ?  401 VZ6 A C31 1 
HETATM 1427 C C33 . VZ6 B 2 .   ? 10.94244  10.89942  4.94245   0.500 57.67701  ?  401 VZ6 A C33 1 
HETATM 1428 C C34 . VZ6 B 2 .   ? 11.79954  11.20632  3.90228   0.500 56.85204  ?  401 VZ6 A C34 1 
HETATM 1429 C C36 . VZ6 B 2 .   ? 13.51965  11.61746  5.22773   0.500 57.65773  ?  401 VZ6 A C36 1 
HETATM 1430 C C38 . VZ6 B 2 .   ? 11.44217  10.95944  6.29064   0.500 61.85205  ?  401 VZ6 A C38 1 
HETATM 1431 C C4  . VZ6 B 2 .   ? 8.75454   10.92800  -0.05388  0.500 50.90817  ?  401 VZ6 A C4  1 
HETATM 1432 C C40 . VZ6 B 2 .   ? 11.40359  10.00233  0.50034   0.500 56.14116  ?  401 VZ6 A C40 1 
HETATM 1433 C C8  . VZ6 B 2 .   ? 8.49863   7.30542   -0.54797  0.500 56.03943  ?  401 VZ6 A C8  1 
HETATM 1434 C C9  . VZ6 B 2 .   ? 9.41437   6.20381   -1.06982  0.500 55.75736  ?  401 VZ6 A C9  1 
HETATM 1435 F F1  . VZ6 B 2 .   ? 12.34299  11.15791  -1.35963  0.500 59.88505  ?  401 VZ6 A F1  1 
HETATM 1436 F F25 . VZ6 B 2 .   ? 6.49914   6.19867   -1.21492  0.500 49.37474  ?  401 VZ6 A F25 1 
HETATM 1437 N N14 . VZ6 B 2 .   ? 8.14375   5.24319   1.88670   0.500 55.04314  ?  401 VZ6 A N14 1 
HETATM 1438 N N16 . VZ6 B 2 .   ? 9.25382   5.44709   3.83353   0.500 56.19716  ?  401 VZ6 A N16 1 
HETATM 1439 N N19 . VZ6 B 2 .   ? 5.92634   4.73793   2.74193   0.500 56.99742  ?  401 VZ6 A N19 1 
HETATM 1440 N N21 . VZ6 B 2 .   ? 5.87464   4.67300   5.15086   0.500 64.40254  ?  401 VZ6 A N21 1 
HETATM 1441 N N23 . VZ6 B 2 .   ? 7.72011   5.05502   6.48652   0.500 66.39366  ?  401 VZ6 A N23 1 
HETATM 1442 N N30 . VZ6 B 2 .   ? 11.06270  11.06052  2.74959   0.500 55.27612  ?  401 VZ6 A N30 1 
HETATM 1443 N N32 . VZ6 B 2 .   ? 9.69016   10.56746  4.45425   0.500 55.81590  ?  401 VZ6 A N32 1 
HETATM 1444 N N35 . VZ6 B 2 .   ? 13.09899  11.57253  3.99091   0.500 57.06923  ?  401 VZ6 A N35 1 
HETATM 1445 N N37 . VZ6 B 2 .   ? 12.77156  11.33761  6.32020   0.500 60.01221  ?  401 VZ6 A N37 1 
HETATM 1446 O O11 . VZ6 B 2 .   ? 11.17965  7.39732   0.05719   0.500 44.89531  ?  401 VZ6 A O11 1 
HETATM 1447 O O12 . VZ6 B 2 .   ? 9.14582   5.07122   -0.21424  0.500 54.22195  ?  401 VZ6 A O12 1 
HETATM 1448 O O26 . VZ6 B 2 .   ? 6.40422   9.19275   0.14029   0.500 55.71579  -1 401 VZ6 A O26 1 
HETATM 1449 O O27 . VZ6 B 2 .   ? 6.06621   9.50931   -2.37244  0.500 58.60255  ?  401 VZ6 A O27 1 
HETATM 1450 O O39 . VZ6 B 2 .   ? 10.83068  10.71421  7.33041   0.500 65.97347  ?  401 VZ6 A O39 1 
HETATM 1451 O O41 . VZ6 B 2 .   ? 12.66069  9.29381   0.50699   0.500 52.26098  ?  401 VZ6 A O41 1 
HETATM 1452 O O43 . VZ6 B 2 .   ? 12.97394  7.13906   1.81755   0.500 57.50161  -1 401 VZ6 A O43 1 
HETATM 1453 O O44 . VZ6 B 2 .   ? 13.55863  7.25926   -0.67081  0.500 55.32447  ?  401 VZ6 A O44 1 
HETATM 1454 O O5  . VZ6 B 2 .   ? 7.89878   10.69279  -1.19046  0.500 49.69104  ?  401 VZ6 A O5  1 
HETATM 1455 O O7  . VZ6 B 2 .   ? 8.10584   8.26237   -1.55382  0.500 60.41611  ?  401 VZ6 A O7  1 
HETATM 1456 P P42 . VZ6 B 2 .   ? 12.69935  7.66925   0.46091   0.500 54.82343  ?  401 VZ6 A P42 1 
HETATM 1457 P P6  . VZ6 B 2 .   ? 6.97552   9.39393   -1.21216  0.500 60.00620  ?  401 VZ6 A P6  1 
# 
